data_5SK1
#
_entry.id   5SK1
#
_cell.length_a   134.851
_cell.length_b   134.851
_cell.length_c   234.435
_cell.angle_alpha   90.000
_cell.angle_beta   90.000
_cell.angle_gamma   120.000
#
_symmetry.space_group_name_H-M   'H 3'
#
loop_
_entity.id
_entity.type
_entity.pdbx_description
1 polymer "cAMP and cAMP-inhibited cGMP 3',5'-cyclic phosphodiesterase 10A"
2 non-polymer 'ZINC ION'
3 non-polymer 'CHLORIDE ION'
4 non-polymer 'MAGNESIUM ION'
5 non-polymer N~4~,1-dimethyl-N~5~-[(4R)-2-phenylimidazo[1,2-a]pyrimidin-7-yl]-1H-pyrazole-4,5-dicarboxamide
6 water water
#
_entity_poly.entity_id   1
_entity_poly.type   'polypeptide(L)'
_entity_poly.pdbx_seq_one_letter_code
;GSSICTSEEWQGLMQFTLPVRLCKEIELFHFDIGPFENMWPGIFVYMVHRSCGTSCFELEKL(CME)RFIMSVKKNYRRV
PYHNWKHAVTVAHCMYAILQNNHTLFTDLERKGLLIACLCHDLDHRGFSNSYLQKFDHPLAALYSTSTMEQHHFSQTVSI
LQLEGHNIFSTLSSSEYEQVLEIIRKAIIATDLALYFGNRKQLEEMYQTGSLNLNNQSHRDRVIGLMMTACDLCSVTKLW
PVTKLTANDIYAEFWAEGDEMKKLGIQPIPMMDRDKKDEVPQGQLGFYNAVAIPCYTTLTQILPPTEPLLKACRDNLSQW
EKVIRGEETATWISSPSVAQKAAASED
;
_entity_poly.pdbx_strand_id   A,B,C,D
#
loop_
_chem_comp.id
_chem_comp.type
_chem_comp.name
_chem_comp.formula
CL non-polymer 'CHLORIDE ION' 'Cl -1'
IKE non-polymer N~4~,1-dimethyl-N~5~-[(4R)-2-phenylimidazo[1,2-a]pyrimidin-7-yl]-1H-pyrazole-4,5-dicarboxamide 'C19 H17 N7 O2'
MG non-polymer 'MAGNESIUM ION' 'Mg 2'
ZN non-polymer 'ZINC ION' 'Zn 2'
#
# COMPACT_ATOMS: atom_id res chain seq x y z
N GLY A 12 19.76 37.16 -21.71
CA GLY A 12 20.90 38.14 -21.74
C GLY A 12 21.23 38.66 -20.35
N LEU A 13 20.32 39.43 -19.76
CA LEU A 13 20.42 40.00 -18.38
C LEU A 13 19.71 39.10 -17.35
N MET A 14 19.67 37.77 -17.56
CA MET A 14 18.97 36.80 -16.69
C MET A 14 20.00 35.97 -15.91
N GLN A 15 20.75 36.62 -15.02
CA GLN A 15 21.66 35.98 -14.04
C GLN A 15 20.83 35.12 -13.09
N PHE A 16 21.19 33.85 -12.94
CA PHE A 16 20.68 32.95 -11.87
C PHE A 16 21.27 33.39 -10.53
N THR A 17 20.47 33.30 -9.46
CA THR A 17 20.88 33.65 -8.07
C THR A 17 20.45 32.53 -7.13
N LEU A 18 21.38 32.12 -6.28
CA LEU A 18 21.16 31.12 -5.23
C LEU A 18 20.86 31.85 -3.92
N PRO A 19 20.08 31.25 -3.02
CA PRO A 19 20.01 31.70 -1.65
C PRO A 19 21.39 31.93 -1.05
N VAL A 20 21.45 32.81 -0.04
CA VAL A 20 22.73 33.29 0.52
C VAL A 20 23.63 32.11 0.85
N ARG A 21 23.16 31.09 1.58
CA ARG A 21 24.05 30.01 2.07
C ARG A 21 24.64 29.25 0.88
N LEU A 22 23.86 29.04 -0.19
CA LEU A 22 24.35 28.29 -1.37
C LEU A 22 25.32 29.16 -2.15
N CYS A 23 24.98 30.45 -2.28
CA CYS A 23 25.80 31.47 -2.99
C CYS A 23 27.23 31.42 -2.43
N LYS A 24 27.36 31.33 -1.10
CA LYS A 24 28.67 31.27 -0.41
C LYS A 24 29.28 29.87 -0.48
N GLU A 25 28.56 28.84 -0.05
CA GLU A 25 29.10 27.45 0.07
C GLU A 25 29.39 26.86 -1.32
N ILE A 26 28.72 27.28 -2.38
CA ILE A 26 28.95 26.68 -3.73
C ILE A 26 30.40 26.93 -4.17
N GLU A 27 31.06 27.96 -3.64
CA GLU A 27 32.43 28.32 -4.04
C GLU A 27 33.44 27.39 -3.40
N LEU A 28 33.06 26.70 -2.34
CA LEU A 28 33.95 25.80 -1.57
C LEU A 28 33.97 24.42 -2.22
N PHE A 29 35.10 23.73 -2.19
CA PHE A 29 35.34 22.42 -2.83
C PHE A 29 34.38 21.39 -2.22
N HIS A 30 34.07 21.51 -0.93
CA HIS A 30 33.36 20.47 -0.14
C HIS A 30 31.85 20.72 -0.16
N PHE A 31 31.36 21.65 -0.97
CA PHE A 31 29.92 21.91 -1.12
C PHE A 31 29.15 20.62 -1.49
N ASP A 32 28.01 20.38 -0.85
CA ASP A 32 27.03 19.32 -1.18
C ASP A 32 25.86 20.00 -1.87
N ILE A 33 25.41 19.51 -3.03
CA ILE A 33 24.36 20.20 -3.82
C ILE A 33 22.99 19.96 -3.19
N GLY A 34 22.88 19.19 -2.13
CA GLY A 34 21.61 19.05 -1.39
C GLY A 34 20.65 18.05 -2.03
N PRO A 35 19.55 17.72 -1.32
CA PRO A 35 18.63 16.67 -1.71
C PRO A 35 17.47 17.14 -2.58
N PHE A 36 17.42 18.42 -2.95
CA PHE A 36 16.37 18.98 -3.83
C PHE A 36 16.79 18.89 -5.29
N GLU A 37 16.42 17.79 -5.97
CA GLU A 37 16.70 17.52 -7.41
C GLU A 37 16.40 18.73 -8.27
N ASN A 38 15.30 19.44 -8.03
CA ASN A 38 14.81 20.46 -8.98
C ASN A 38 15.63 21.73 -8.90
N MET A 39 16.55 21.87 -7.94
CA MET A 39 17.52 23.00 -7.94
C MET A 39 18.82 22.67 -8.69
N TRP A 40 19.12 21.40 -8.96
CA TRP A 40 20.44 21.04 -9.52
C TRP A 40 20.66 21.71 -10.87
N PRO A 41 19.66 21.83 -11.78
CA PRO A 41 19.85 22.53 -13.06
C PRO A 41 20.24 24.00 -12.88
N GLY A 42 19.49 24.72 -12.05
CA GLY A 42 19.84 26.12 -11.73
C GLY A 42 21.26 26.21 -11.18
N ILE A 43 21.62 25.37 -10.22
CA ILE A 43 23.00 25.27 -9.68
C ILE A 43 23.98 25.12 -10.86
N PHE A 44 23.69 24.23 -11.80
CA PHE A 44 24.64 24.00 -12.91
C PHE A 44 24.73 25.24 -13.79
N VAL A 45 23.60 25.88 -14.13
CA VAL A 45 23.61 27.10 -14.99
C VAL A 45 24.33 28.20 -14.20
N TYR A 46 24.02 28.33 -12.92
CA TYR A 46 24.76 29.27 -12.04
C TYR A 46 26.27 29.09 -12.24
N MET A 47 26.73 27.84 -12.32
CA MET A 47 28.19 27.56 -12.36
C MET A 47 28.77 27.90 -13.74
N VAL A 48 28.06 27.61 -14.83
CA VAL A 48 28.47 27.97 -16.20
C VAL A 48 28.57 29.50 -16.28
N HIS A 49 27.53 30.23 -15.86
CA HIS A 49 27.45 31.71 -15.94
C HIS A 49 28.63 32.37 -15.18
N ARG A 50 29.04 31.83 -14.03
CA ARG A 50 30.09 32.44 -13.16
C ARG A 50 31.49 31.99 -13.59
N SER A 51 31.58 30.92 -14.36
CA SER A 51 32.83 30.18 -14.68
C SER A 51 33.31 30.55 -16.09
N CYS A 52 32.40 31.08 -16.92
CA CYS A 52 32.49 31.07 -18.39
C CYS A 52 31.83 32.32 -19.00
N GLY A 53 30.95 32.99 -18.25
CA GLY A 53 30.21 34.17 -18.67
C GLY A 53 28.75 33.84 -18.89
N THR A 54 27.88 34.85 -18.90
CA THR A 54 26.42 34.72 -19.19
C THR A 54 26.17 34.49 -20.69
N SER A 55 27.20 34.68 -21.52
CA SER A 55 27.17 34.70 -23.00
C SER A 55 27.47 33.32 -23.62
N CYS A 56 28.26 32.47 -22.96
CA CYS A 56 28.97 31.35 -23.64
C CYS A 56 27.97 30.33 -24.22
N PHE A 57 26.75 30.26 -23.67
CA PHE A 57 25.65 29.39 -24.17
C PHE A 57 24.36 30.21 -24.25
N GLU A 58 23.48 29.86 -25.19
CA GLU A 58 22.10 30.39 -25.28
C GLU A 58 21.28 29.63 -24.20
N LEU A 59 20.61 30.35 -23.31
CA LEU A 59 19.90 29.76 -22.16
C LEU A 59 18.82 28.76 -22.61
N GLU A 60 18.02 29.07 -23.63
CA GLU A 60 16.97 28.17 -24.18
C GLU A 60 17.61 26.82 -24.56
N LYS A 61 18.80 26.85 -25.20
CA LYS A 61 19.51 25.63 -25.67
C LYS A 61 20.17 24.92 -24.49
N LEU A 62 20.77 25.66 -23.57
CA LEU A 62 21.49 25.07 -22.42
C LEU A 62 20.47 24.31 -21.58
N CME A 63 19.38 24.98 -21.21
CA CME A 63 18.30 24.45 -20.36
CB CME A 63 17.27 25.51 -20.04
SG CME A 63 17.73 26.55 -18.62
SD CME A 63 17.92 25.19 -17.10
CE CME A 63 16.35 25.26 -16.18
CZ CME A 63 16.57 25.72 -14.76
OH CME A 63 15.46 25.52 -13.91
C CME A 63 17.76 23.17 -21.00
O CME A 63 17.49 22.19 -20.25
N ARG A 64 17.66 23.13 -22.32
CA ARG A 64 17.14 21.94 -23.02
C ARG A 64 18.21 20.84 -23.05
N PHE A 65 19.49 21.21 -23.16
CA PHE A 65 20.60 20.23 -23.08
C PHE A 65 20.62 19.56 -21.70
N ILE A 66 20.56 20.35 -20.63
CA ILE A 66 20.60 19.91 -19.20
C ILE A 66 19.48 18.89 -18.96
N MET A 67 18.27 19.17 -19.40
CA MET A 67 17.10 18.29 -19.15
C MET A 67 17.19 17.00 -19.97
N SER A 68 17.71 17.04 -21.20
CA SER A 68 17.93 15.81 -22.00
C SER A 68 19.05 14.99 -21.35
N VAL A 69 20.09 15.66 -20.86
CA VAL A 69 21.17 14.96 -20.11
C VAL A 69 20.59 14.32 -18.84
N LYS A 70 19.74 15.02 -18.12
CA LYS A 70 19.15 14.48 -16.88
C LYS A 70 18.38 13.20 -17.21
N LYS A 71 17.56 13.23 -18.27
CA LYS A 71 16.66 12.12 -18.68
C LYS A 71 17.52 10.91 -19.04
N ASN A 72 18.75 11.10 -19.51
CA ASN A 72 19.59 9.98 -19.99
C ASN A 72 20.50 9.44 -18.88
N TYR A 73 20.40 9.90 -17.63
CA TYR A 73 20.98 9.25 -16.43
C TYR A 73 19.92 8.33 -15.84
N ARG A 74 20.30 7.17 -15.34
CA ARG A 74 19.36 6.12 -14.85
C ARG A 74 19.18 6.24 -13.33
N ARG A 75 18.18 5.55 -12.78
CA ARG A 75 17.83 5.59 -11.34
C ARG A 75 18.65 4.51 -10.65
N VAL A 76 19.96 4.69 -10.64
CA VAL A 76 20.93 3.74 -10.03
C VAL A 76 21.40 4.37 -8.73
N PRO A 77 21.92 3.58 -7.78
CA PRO A 77 22.25 4.14 -6.47
C PRO A 77 23.32 5.23 -6.48
N TYR A 78 24.28 5.23 -7.41
CA TYR A 78 25.43 6.16 -7.35
C TYR A 78 25.67 6.87 -8.67
N HIS A 79 25.81 6.16 -9.79
CA HIS A 79 26.18 6.74 -11.10
C HIS A 79 24.96 7.40 -11.74
N ASN A 80 24.41 8.36 -11.02
CA ASN A 80 23.10 8.99 -11.29
C ASN A 80 23.32 10.48 -11.59
N TRP A 81 22.22 11.18 -11.78
CA TRP A 81 22.15 12.62 -12.12
C TRP A 81 22.85 13.44 -11.02
N LYS A 82 22.63 13.13 -9.74
CA LYS A 82 23.30 13.81 -8.59
C LYS A 82 24.83 13.70 -8.70
N HIS A 83 25.35 12.53 -9.08
CA HIS A 83 26.81 12.33 -9.28
C HIS A 83 27.29 13.26 -10.38
N ALA A 84 26.55 13.32 -11.48
CA ALA A 84 26.90 14.14 -12.65
C ALA A 84 27.08 15.58 -12.19
N VAL A 85 26.14 16.11 -11.40
CA VAL A 85 26.15 17.55 -11.00
C VAL A 85 27.20 17.73 -9.92
N THR A 86 27.35 16.80 -9.01
CA THR A 86 28.41 16.86 -7.97
C THR A 86 29.77 16.96 -8.68
N VAL A 87 30.03 16.09 -9.64
CA VAL A 87 31.37 16.08 -10.34
C VAL A 87 31.57 17.38 -11.10
N ALA A 88 30.52 17.93 -11.73
CA ALA A 88 30.57 19.27 -12.38
C ALA A 88 30.88 20.37 -11.34
N HIS A 89 30.34 20.25 -10.14
CA HIS A 89 30.56 21.31 -9.14
C HIS A 89 32.05 21.31 -8.72
N CYS A 90 32.63 20.15 -8.46
CA CYS A 90 34.06 20.00 -8.15
C CYS A 90 34.91 20.65 -9.24
N MET A 91 34.60 20.42 -10.52
CA MET A 91 35.37 20.99 -11.65
C MET A 91 35.27 22.52 -11.60
N TYR A 92 34.08 23.02 -11.31
CA TYR A 92 33.78 24.46 -11.16
C TYR A 92 34.69 25.08 -10.09
N ALA A 93 34.81 24.41 -8.93
CA ALA A 93 35.66 24.86 -7.82
C ALA A 93 37.11 24.91 -8.32
N ILE A 94 37.59 23.88 -9.02
CA ILE A 94 38.99 23.82 -9.54
C ILE A 94 39.19 24.98 -10.53
N LEU A 95 38.23 25.21 -11.42
CA LEU A 95 38.36 26.23 -12.48
C LEU A 95 38.37 27.63 -11.86
N GLN A 96 37.50 27.90 -10.90
CA GLN A 96 37.37 29.22 -10.23
C GLN A 96 38.59 29.51 -9.34
N ASN A 97 39.32 28.49 -8.89
CA ASN A 97 40.53 28.65 -8.03
C ASN A 97 41.80 28.69 -8.87
N ASN A 98 41.67 28.47 -10.19
CA ASN A 98 42.79 28.41 -11.17
C ASN A 98 42.36 29.22 -12.40
N HIS A 99 41.78 30.38 -12.12
CA HIS A 99 41.17 31.37 -13.05
C HIS A 99 41.91 31.42 -14.40
N THR A 100 43.17 31.87 -14.38
CA THR A 100 43.95 32.27 -15.57
C THR A 100 44.64 31.09 -16.26
N LEU A 101 44.65 29.87 -15.68
CA LEU A 101 45.42 28.75 -16.26
C LEU A 101 44.63 28.07 -17.39
N PHE A 102 43.36 28.44 -17.61
CA PHE A 102 42.44 27.68 -18.52
C PHE A 102 41.77 28.63 -19.49
N THR A 103 41.69 28.17 -20.73
CA THR A 103 41.19 28.92 -21.92
C THR A 103 39.66 29.01 -21.83
N ASP A 104 39.08 29.88 -22.65
CA ASP A 104 37.62 30.15 -22.72
C ASP A 104 36.88 28.83 -22.99
N LEU A 105 37.38 28.06 -23.96
CA LEU A 105 36.79 26.81 -24.49
C LEU A 105 36.89 25.69 -23.46
N GLU A 106 38.02 25.61 -22.76
CA GLU A 106 38.32 24.52 -21.78
C GLU A 106 37.28 24.55 -20.65
N ARG A 107 36.89 25.76 -20.20
CA ARG A 107 35.89 25.95 -19.12
C ARG A 107 34.52 25.52 -19.62
N LYS A 108 34.18 25.92 -20.85
CA LYS A 108 32.96 25.52 -21.58
C LYS A 108 32.87 24.00 -21.63
N GLY A 109 33.94 23.35 -22.10
CA GLY A 109 33.96 21.92 -22.42
C GLY A 109 34.03 21.06 -21.19
N LEU A 110 34.80 21.47 -20.20
CA LEU A 110 35.03 20.63 -18.99
C LEU A 110 33.75 20.60 -18.12
N LEU A 111 33.01 21.68 -18.01
CA LEU A 111 31.78 21.65 -17.15
C LEU A 111 30.73 20.72 -17.81
N ILE A 112 30.65 20.78 -19.13
CA ILE A 112 29.77 19.91 -19.95
C ILE A 112 30.32 18.48 -19.88
N ALA A 113 31.62 18.29 -20.00
CA ALA A 113 32.23 16.94 -19.90
C ALA A 113 31.82 16.29 -18.57
N CYS A 114 31.91 17.03 -17.48
CA CYS A 114 31.64 16.50 -16.12
C CYS A 114 30.17 16.13 -15.99
N LEU A 115 29.29 16.99 -16.48
CA LEU A 115 27.82 16.73 -16.52
C LEU A 115 27.52 15.47 -17.33
N CYS A 116 28.27 15.19 -18.39
CA CYS A 116 27.97 14.08 -19.33
C CYS A 116 28.82 12.84 -19.07
N HIS A 117 29.71 12.82 -18.07
CA HIS A 117 30.85 11.87 -18.05
C HIS A 117 30.35 10.46 -17.76
N ASP A 118 29.13 10.30 -17.23
CA ASP A 118 28.59 8.97 -16.86
C ASP A 118 27.18 8.75 -17.49
N LEU A 119 26.83 9.49 -18.54
CA LEU A 119 25.54 9.32 -19.26
C LEU A 119 25.20 7.85 -19.50
N ASP A 120 23.97 7.49 -19.16
CA ASP A 120 23.39 6.16 -19.43
C ASP A 120 24.27 5.08 -18.80
N HIS A 121 24.84 5.34 -17.63
CA HIS A 121 25.49 4.33 -16.76
C HIS A 121 24.43 3.40 -16.19
N ARG A 122 24.72 2.09 -16.21
CA ARG A 122 23.75 1.05 -15.81
C ARG A 122 24.06 0.59 -14.38
N GLY A 123 25.12 1.12 -13.76
CA GLY A 123 25.56 0.73 -12.42
C GLY A 123 26.57 -0.40 -12.44
N PHE A 124 27.20 -0.73 -13.57
CA PHE A 124 28.18 -1.84 -13.64
C PHE A 124 29.52 -1.36 -14.20
N SER A 125 30.60 -1.97 -13.72
CA SER A 125 31.98 -1.72 -14.19
C SER A 125 32.17 -2.27 -15.61
N ASN A 126 33.19 -1.73 -16.30
CA ASN A 126 33.73 -2.26 -17.57
C ASN A 126 33.97 -3.78 -17.47
N SER A 127 34.48 -4.30 -16.32
CA SER A 127 34.76 -5.74 -16.10
C SER A 127 33.49 -6.57 -16.25
N TYR A 128 32.38 -6.13 -15.63
CA TYR A 128 31.13 -6.94 -15.65
C TYR A 128 30.57 -7.02 -17.07
N LEU A 129 30.65 -5.93 -17.83
CA LEU A 129 30.23 -5.88 -19.26
C LEU A 129 30.99 -6.93 -20.06
N GLN A 130 32.31 -7.05 -19.85
CA GLN A 130 33.20 -7.99 -20.59
C GLN A 130 32.84 -9.44 -20.23
N LYS A 131 32.67 -9.72 -18.95
CA LYS A 131 32.36 -11.08 -18.47
C LYS A 131 30.93 -11.44 -18.85
N PHE A 132 30.03 -10.47 -18.84
CA PHE A 132 28.62 -10.71 -19.25
C PHE A 132 28.60 -10.90 -20.76
N ASP A 133 29.54 -10.26 -21.45
CA ASP A 133 29.61 -10.18 -22.94
C ASP A 133 28.52 -9.23 -23.44
N HIS A 134 28.38 -8.05 -22.85
CA HIS A 134 27.42 -7.01 -23.27
C HIS A 134 27.79 -6.50 -24.66
N PRO A 135 26.84 -6.19 -25.55
CA PRO A 135 27.15 -5.59 -26.85
C PRO A 135 28.15 -4.43 -26.79
N LEU A 136 28.01 -3.48 -25.86
CA LEU A 136 28.98 -2.36 -25.70
C LEU A 136 30.41 -2.90 -25.57
N ALA A 137 30.62 -4.11 -25.01
CA ALA A 137 31.98 -4.68 -24.85
C ALA A 137 32.54 -5.13 -26.20
N ALA A 138 31.71 -5.47 -27.18
CA ALA A 138 32.16 -5.81 -28.56
C ALA A 138 32.39 -4.51 -29.37
N LEU A 139 31.56 -3.50 -29.16
CA LEU A 139 31.67 -2.19 -29.85
C LEU A 139 32.92 -1.42 -29.38
N TYR A 140 33.30 -1.53 -28.09
CA TYR A 140 34.43 -0.77 -27.47
C TYR A 140 35.26 -1.66 -26.52
N SER A 141 36.41 -2.14 -26.99
CA SER A 141 37.22 -3.18 -26.29
C SER A 141 37.78 -2.60 -24.98
N THR A 142 38.17 -1.32 -24.95
CA THR A 142 38.63 -0.65 -23.70
C THR A 142 37.91 0.66 -23.49
N SER A 143 37.89 1.10 -22.24
CA SER A 143 37.12 2.28 -21.78
C SER A 143 35.66 2.15 -22.25
N THR A 144 35.08 0.95 -22.11
CA THR A 144 33.76 0.58 -22.67
C THR A 144 32.72 1.63 -22.27
N MET A 145 32.46 1.81 -20.96
CA MET A 145 31.34 2.69 -20.55
C MET A 145 31.71 4.11 -20.96
N GLU A 146 32.99 4.45 -20.94
CA GLU A 146 33.44 5.84 -21.19
C GLU A 146 33.25 6.18 -22.68
N GLN A 147 33.47 5.23 -23.59
CA GLN A 147 33.26 5.52 -25.03
C GLN A 147 31.76 5.66 -25.25
N HIS A 148 30.96 4.87 -24.55
CA HIS A 148 29.48 4.99 -24.58
C HIS A 148 29.06 6.38 -24.05
N HIS A 149 29.55 6.79 -22.88
CA HIS A 149 29.19 8.11 -22.29
C HIS A 149 29.49 9.22 -23.30
N PHE A 150 30.64 9.18 -23.94
CA PHE A 150 30.98 10.21 -24.95
C PHE A 150 30.02 10.14 -26.15
N SER A 151 29.82 8.94 -26.69
CA SER A 151 28.86 8.66 -27.78
C SER A 151 27.49 9.23 -27.43
N GLN A 152 27.02 9.02 -26.18
CA GLN A 152 25.72 9.53 -25.70
C GLN A 152 25.74 11.06 -25.64
N THR A 153 26.87 11.68 -25.28
CA THR A 153 27.03 13.15 -25.26
C THR A 153 26.82 13.71 -26.66
N VAL A 154 27.51 13.16 -27.67
CA VAL A 154 27.41 13.61 -29.07
C VAL A 154 25.96 13.45 -29.58
N SER A 155 25.28 12.35 -29.30
CA SER A 155 23.85 12.13 -29.69
C SER A 155 22.94 13.23 -29.14
N ILE A 156 23.15 13.67 -27.89
CA ILE A 156 22.26 14.66 -27.25
C ILE A 156 22.53 16.05 -27.85
N LEU A 157 23.79 16.38 -28.15
CA LEU A 157 24.17 17.63 -28.86
C LEU A 157 23.51 17.71 -30.25
N GLN A 158 23.20 16.56 -30.89
CA GLN A 158 22.68 16.51 -32.28
C GLN A 158 21.15 16.47 -32.30
N LEU A 159 20.49 16.45 -31.14
CA LEU A 159 19.03 16.66 -31.04
C LEU A 159 18.72 18.11 -31.48
N GLU A 160 17.64 18.30 -32.23
CA GLU A 160 17.25 19.66 -32.70
C GLU A 160 17.11 20.55 -31.46
N GLY A 161 17.73 21.73 -31.48
CA GLY A 161 17.60 22.76 -30.44
C GLY A 161 18.56 22.53 -29.28
N HIS A 162 19.41 21.48 -29.35
CA HIS A 162 20.32 21.05 -28.25
C HIS A 162 21.78 21.41 -28.49
N ASN A 163 22.15 21.99 -29.64
CA ASN A 163 23.58 22.30 -29.88
C ASN A 163 23.97 23.62 -29.21
N ILE A 164 24.39 23.51 -27.95
CA ILE A 164 24.87 24.63 -27.10
C ILE A 164 26.17 25.19 -27.68
N PHE A 165 26.81 24.49 -28.62
CA PHE A 165 28.10 24.92 -29.23
C PHE A 165 27.88 25.55 -30.62
N SER A 166 26.64 25.61 -31.10
CA SER A 166 26.24 26.09 -32.45
C SER A 166 27.05 27.32 -32.88
N THR A 167 27.33 28.26 -31.96
CA THR A 167 27.91 29.60 -32.27
C THR A 167 29.44 29.61 -32.23
N LEU A 168 30.08 28.45 -32.10
CA LEU A 168 31.56 28.30 -32.21
C LEU A 168 31.90 28.07 -33.68
N SER A 169 33.02 28.63 -34.16
CA SER A 169 33.62 28.30 -35.48
C SER A 169 33.79 26.78 -35.59
N SER A 170 33.77 26.27 -36.82
CA SER A 170 34.12 24.87 -37.16
C SER A 170 35.29 24.38 -36.27
N SER A 171 36.38 25.17 -36.13
CA SER A 171 37.66 24.71 -35.52
C SER A 171 37.54 24.77 -33.99
N GLU A 172 36.97 25.84 -33.44
CA GLU A 172 36.62 25.93 -32.01
C GLU A 172 35.67 24.78 -31.64
N TYR A 173 34.73 24.44 -32.53
CA TYR A 173 33.79 23.32 -32.34
C TYR A 173 34.55 21.99 -32.29
N GLU A 174 35.50 21.72 -33.20
CA GLU A 174 36.26 20.42 -33.16
C GLU A 174 37.19 20.40 -31.93
N GLN A 175 37.78 21.53 -31.56
CA GLN A 175 38.62 21.62 -30.35
C GLN A 175 37.80 21.19 -29.13
N VAL A 176 36.58 21.69 -28.97
CA VAL A 176 35.81 21.51 -27.71
C VAL A 176 35.29 20.06 -27.62
N LEU A 177 34.93 19.44 -28.75
CA LEU A 177 34.42 18.05 -28.76
C LEU A 177 35.59 17.11 -28.48
N GLU A 178 36.80 17.51 -28.88
CA GLU A 178 38.07 16.78 -28.57
C GLU A 178 38.40 16.90 -27.07
N ILE A 179 38.33 18.10 -26.49
CA ILE A 179 38.47 18.31 -25.03
C ILE A 179 37.50 17.40 -24.28
N ILE A 180 36.21 17.39 -24.66
CA ILE A 180 35.15 16.63 -23.96
C ILE A 180 35.45 15.14 -24.09
N ARG A 181 35.89 14.67 -25.26
CA ARG A 181 36.15 13.23 -25.51
C ARG A 181 37.29 12.78 -24.60
N LYS A 182 38.43 13.46 -24.65
CA LYS A 182 39.61 13.11 -23.82
C LYS A 182 39.17 13.17 -22.35
N ALA A 183 38.48 14.26 -21.97
CA ALA A 183 37.99 14.47 -20.59
C ALA A 183 37.22 13.23 -20.14
N ILE A 184 36.30 12.74 -20.96
CA ILE A 184 35.38 11.66 -20.53
C ILE A 184 36.13 10.34 -20.51
N ILE A 185 36.92 10.05 -21.54
CA ILE A 185 37.73 8.81 -21.59
C ILE A 185 38.60 8.74 -20.32
N ALA A 186 39.14 9.88 -19.88
CA ALA A 186 40.10 9.96 -18.75
C ALA A 186 39.44 9.52 -17.44
N THR A 187 38.10 9.48 -17.36
CA THR A 187 37.41 9.04 -16.12
C THR A 187 37.44 7.53 -16.05
N ASP A 188 38.03 6.86 -17.04
CA ASP A 188 38.31 5.40 -16.92
C ASP A 188 39.44 5.24 -15.92
N LEU A 189 39.14 4.81 -14.70
CA LEU A 189 40.16 4.83 -13.63
C LEU A 189 41.36 3.93 -14.02
N ALA A 190 41.17 2.90 -14.85
CA ALA A 190 42.30 2.03 -15.30
C ALA A 190 43.35 2.87 -16.04
N LEU A 191 42.99 4.04 -16.59
CA LEU A 191 43.93 4.94 -17.30
C LEU A 191 44.59 5.92 -16.34
N TYR A 192 44.02 6.13 -15.17
CA TYR A 192 44.44 7.16 -14.20
C TYR A 192 45.87 6.83 -13.70
N PHE A 193 46.12 5.57 -13.36
CA PHE A 193 47.37 5.12 -12.69
C PHE A 193 48.58 5.56 -13.53
N GLY A 194 48.59 5.21 -14.81
CA GLY A 194 49.65 5.59 -15.75
C GLY A 194 49.71 7.10 -15.93
N ASN A 195 48.56 7.76 -16.04
CA ASN A 195 48.50 9.24 -16.30
C ASN A 195 49.10 10.00 -15.10
N ARG A 196 48.80 9.60 -13.88
CA ARG A 196 49.38 10.24 -12.67
C ARG A 196 50.88 9.94 -12.62
N LYS A 197 51.31 8.70 -12.89
CA LYS A 197 52.75 8.31 -12.87
C LYS A 197 53.54 9.27 -13.78
N GLN A 198 53.02 9.57 -14.97
CA GLN A 198 53.72 10.40 -15.98
C GLN A 198 53.74 11.85 -15.49
N LEU A 199 52.65 12.33 -14.91
CA LEU A 199 52.58 13.72 -14.40
C LEU A 199 53.57 13.85 -13.25
N GLU A 200 53.59 12.87 -12.34
CA GLU A 200 54.54 12.80 -11.21
C GLU A 200 55.96 12.94 -11.78
N GLU A 201 56.42 12.00 -12.62
CA GLU A 201 57.74 12.02 -13.31
C GLU A 201 57.97 13.42 -13.92
N MET A 202 57.03 13.99 -14.68
CA MET A 202 57.25 15.28 -15.40
C MET A 202 57.33 16.47 -14.43
N TYR A 203 56.69 16.41 -13.27
CA TYR A 203 56.74 17.52 -12.30
C TYR A 203 58.08 17.48 -11.54
N GLN A 204 58.49 16.29 -11.06
CA GLN A 204 59.81 15.96 -10.43
C GLN A 204 60.94 16.44 -11.36
N THR A 205 61.13 15.81 -12.52
CA THR A 205 62.24 16.10 -13.48
C THR A 205 62.17 17.55 -13.98
N GLY A 206 61.00 18.21 -13.99
CA GLY A 206 60.87 19.65 -14.33
C GLY A 206 60.41 19.89 -15.76
N SER A 207 60.20 18.82 -16.53
CA SER A 207 59.73 18.85 -17.95
C SER A 207 58.28 19.35 -18.08
N LEU A 208 57.46 19.31 -17.03
CA LEU A 208 56.01 19.65 -17.14
C LEU A 208 55.86 21.04 -17.77
N ASN A 209 55.03 21.17 -18.80
CA ASN A 209 54.92 22.38 -19.65
C ASN A 209 53.48 22.52 -20.16
N LEU A 210 52.70 23.43 -19.57
CA LEU A 210 51.23 23.56 -19.85
C LEU A 210 51.00 24.12 -21.26
N ASN A 211 52.04 24.53 -21.98
CA ASN A 211 51.96 24.97 -23.40
C ASN A 211 52.06 23.75 -24.32
N ASN A 212 52.71 22.67 -23.89
CA ASN A 212 52.63 21.33 -24.51
C ASN A 212 51.18 20.85 -24.39
N GLN A 213 50.41 20.92 -25.48
CA GLN A 213 49.02 20.40 -25.55
C GLN A 213 48.94 18.99 -24.93
N SER A 214 49.86 18.08 -25.22
CA SER A 214 49.77 16.68 -24.72
C SER A 214 49.95 16.67 -23.19
N HIS A 215 50.56 17.71 -22.62
CA HIS A 215 50.78 17.89 -21.14
C HIS A 215 49.51 18.45 -20.48
N ARG A 216 48.87 19.43 -21.12
CA ARG A 216 47.51 19.90 -20.75
C ARG A 216 46.55 18.71 -20.68
N ASP A 217 46.51 17.90 -21.73
CA ASP A 217 45.64 16.72 -21.82
C ASP A 217 45.78 15.91 -20.54
N ARG A 218 47.02 15.67 -20.11
CA ARG A 218 47.29 14.77 -18.96
C ARG A 218 46.75 15.44 -17.68
N VAL A 219 47.03 16.75 -17.53
CA VAL A 219 46.63 17.61 -16.38
C VAL A 219 45.10 17.59 -16.30
N ILE A 220 44.43 17.91 -17.41
CA ILE A 220 42.94 17.88 -17.49
C ILE A 220 42.43 16.47 -17.12
N GLY A 221 43.05 15.41 -17.62
CA GLY A 221 42.69 14.03 -17.24
C GLY A 221 42.71 13.83 -15.73
N LEU A 222 43.71 14.38 -15.04
CA LEU A 222 43.86 14.17 -13.57
C LEU A 222 42.80 15.00 -12.85
N MET A 223 42.55 16.21 -13.30
CA MET A 223 41.41 17.02 -12.86
C MET A 223 40.12 16.18 -12.94
N MET A 224 39.93 15.45 -14.03
CA MET A 224 38.71 14.65 -14.27
C MET A 224 38.68 13.53 -13.25
N THR A 225 39.79 12.84 -13.03
CA THR A 225 39.84 11.79 -11.99
C THR A 225 39.50 12.43 -10.64
N ALA A 226 40.06 13.60 -10.32
CA ALA A 226 39.93 14.25 -9.00
C ALA A 226 38.47 14.65 -8.76
N CYS A 227 37.79 15.20 -9.76
CA CYS A 227 36.36 15.61 -9.68
C CYS A 227 35.45 14.39 -9.52
N ASP A 228 35.73 13.37 -10.32
CA ASP A 228 35.02 12.09 -10.30
C ASP A 228 35.15 11.42 -8.95
N LEU A 229 36.29 11.51 -8.27
CA LEU A 229 36.49 10.80 -6.97
C LEU A 229 36.06 11.68 -5.80
N CYS A 230 35.55 12.89 -6.08
CA CYS A 230 35.43 13.97 -5.07
C CYS A 230 34.48 13.59 -3.92
N SER A 231 33.75 12.47 -3.95
CA SER A 231 32.99 12.01 -2.76
C SER A 231 33.93 11.87 -1.56
N VAL A 232 35.20 11.51 -1.79
CA VAL A 232 36.22 11.36 -0.71
C VAL A 232 36.69 12.75 -0.23
N THR A 233 36.24 13.87 -0.80
CA THR A 233 36.74 15.22 -0.41
C THR A 233 35.66 16.04 0.30
N LYS A 234 34.53 15.42 0.66
CA LYS A 234 33.40 16.12 1.33
C LYS A 234 33.57 16.02 2.84
N LEU A 235 32.73 16.69 3.61
CA LEU A 235 32.65 16.52 5.07
C LEU A 235 32.23 15.08 5.41
N TRP A 236 32.75 14.54 6.50
CA TRP A 236 32.67 13.09 6.84
C TRP A 236 31.25 12.56 6.70
N PRO A 237 30.18 13.27 7.15
CA PRO A 237 28.83 12.73 7.06
C PRO A 237 28.40 12.48 5.60
N VAL A 238 28.78 13.39 4.69
CA VAL A 238 28.51 13.27 3.21
C VAL A 238 29.32 12.08 2.68
N THR A 239 30.61 12.00 3.03
CA THR A 239 31.53 10.95 2.53
C THR A 239 31.01 9.57 2.94
N LYS A 240 30.59 9.46 4.19
CA LYS A 240 30.11 8.21 4.80
C LYS A 240 28.82 7.78 4.10
N LEU A 241 27.90 8.71 3.90
CA LEU A 241 26.57 8.41 3.31
C LEU A 241 26.70 8.17 1.81
N THR A 242 27.61 8.81 1.11
CA THR A 242 27.89 8.47 -0.30
C THR A 242 28.47 7.05 -0.40
N ALA A 243 29.38 6.65 0.51
CA ALA A 243 29.98 5.30 0.51
C ALA A 243 28.90 4.22 0.43
N ASN A 244 27.76 4.41 1.13
CA ASN A 244 26.61 3.45 1.11
C ASN A 244 26.10 3.25 -0.32
N ASP A 245 25.95 4.35 -1.08
CA ASP A 245 25.43 4.32 -2.46
C ASP A 245 26.48 3.65 -3.32
N ILE A 246 27.76 3.98 -3.11
CA ILE A 246 28.85 3.40 -3.93
C ILE A 246 28.82 1.88 -3.73
N TYR A 247 28.68 1.41 -2.51
CA TYR A 247 28.74 -0.04 -2.20
C TYR A 247 27.43 -0.71 -2.65
N ALA A 248 26.32 0.02 -2.69
CA ALA A 248 25.02 -0.52 -3.13
C ALA A 248 25.19 -1.02 -4.58
N GLU A 249 25.91 -0.26 -5.42
CA GLU A 249 26.22 -0.68 -6.80
C GLU A 249 27.29 -1.78 -6.79
N PHE A 250 28.38 -1.61 -6.05
CA PHE A 250 29.44 -2.64 -6.03
C PHE A 250 28.80 -3.97 -5.66
N TRP A 251 27.97 -4.00 -4.63
CA TRP A 251 27.43 -5.29 -4.15
C TRP A 251 26.43 -5.89 -5.15
N ALA A 252 25.56 -5.07 -5.79
CA ALA A 252 24.64 -5.56 -6.84
C ALA A 252 25.46 -6.16 -7.99
N GLU A 253 26.60 -5.55 -8.33
CA GLU A 253 27.50 -6.10 -9.38
C GLU A 253 28.08 -7.44 -8.91
N GLY A 254 28.43 -7.54 -7.64
CA GLY A 254 28.96 -8.80 -7.11
C GLY A 254 27.92 -9.89 -7.23
N ASP A 255 26.69 -9.55 -6.83
CA ASP A 255 25.50 -10.41 -6.99
C ASP A 255 25.47 -10.93 -8.44
N GLU A 256 25.62 -10.04 -9.42
CA GLU A 256 25.52 -10.40 -10.85
C GLU A 256 26.74 -11.22 -11.27
N MET A 257 27.91 -10.98 -10.68
CA MET A 257 29.09 -11.84 -10.92
C MET A 257 28.73 -13.28 -10.51
N LYS A 258 28.13 -13.48 -9.32
CA LYS A 258 27.87 -14.83 -8.76
C LYS A 258 26.82 -15.57 -9.61
N LYS A 259 25.90 -14.84 -10.22
CA LYS A 259 24.90 -15.38 -11.16
C LYS A 259 25.56 -15.88 -12.44
N LEU A 260 26.69 -15.30 -12.87
CA LEU A 260 27.51 -15.81 -14.00
C LEU A 260 28.45 -16.95 -13.55
N GLY A 261 28.43 -17.37 -12.28
CA GLY A 261 29.29 -18.45 -11.75
C GLY A 261 30.72 -17.97 -11.54
N ILE A 262 30.90 -16.72 -11.13
CA ILE A 262 32.22 -16.09 -10.90
C ILE A 262 32.21 -15.49 -9.50
N GLN A 263 33.13 -15.90 -8.62
CA GLN A 263 33.29 -15.24 -7.29
C GLN A 263 33.83 -13.83 -7.55
N PRO A 264 33.11 -12.79 -7.10
CA PRO A 264 33.58 -11.44 -7.32
C PRO A 264 34.75 -11.11 -6.38
N ILE A 265 35.50 -10.08 -6.72
CA ILE A 265 36.51 -9.50 -5.78
C ILE A 265 35.78 -9.13 -4.49
N PRO A 266 36.50 -9.08 -3.35
CA PRO A 266 35.87 -8.78 -2.06
C PRO A 266 35.10 -7.43 -2.00
N MET A 267 35.62 -6.40 -2.68
CA MET A 267 34.99 -5.07 -2.81
C MET A 267 33.50 -5.20 -3.19
N MET A 268 33.13 -6.22 -3.95
CA MET A 268 31.80 -6.35 -4.58
C MET A 268 30.99 -7.47 -3.89
N ASP A 269 31.56 -8.11 -2.87
CA ASP A 269 30.92 -9.24 -2.17
C ASP A 269 30.28 -8.71 -0.89
N ARG A 270 28.95 -8.68 -0.84
CA ARG A 270 28.23 -8.17 0.35
C ARG A 270 28.46 -9.10 1.55
N ASP A 271 28.99 -10.31 1.36
CA ASP A 271 29.30 -11.19 2.53
C ASP A 271 30.50 -10.60 3.28
N LYS A 272 31.42 -9.95 2.57
CA LYS A 272 32.70 -9.39 3.10
C LYS A 272 32.52 -7.89 3.42
N LYS A 273 31.29 -7.51 3.80
CA LYS A 273 30.84 -6.14 4.12
C LYS A 273 31.56 -5.66 5.37
N ASP A 274 31.79 -6.57 6.33
CA ASP A 274 32.67 -6.44 7.53
C ASP A 274 33.96 -5.66 7.18
N GLU A 275 34.61 -5.91 6.04
CA GLU A 275 35.98 -5.43 5.71
C GLU A 275 35.97 -4.09 4.95
N VAL A 276 34.86 -3.34 4.92
CA VAL A 276 34.74 -2.08 4.13
C VAL A 276 35.72 -1.02 4.65
N PRO A 277 35.76 -0.76 5.97
CA PRO A 277 36.67 0.24 6.51
C PRO A 277 38.10 0.06 5.99
N GLN A 278 38.61 -1.17 6.02
CA GLN A 278 39.98 -1.51 5.55
C GLN A 278 40.08 -1.24 4.03
N GLY A 279 39.03 -1.56 3.27
CA GLY A 279 38.96 -1.37 1.81
C GLY A 279 39.04 0.10 1.40
N GLN A 280 38.33 0.96 2.11
CA GLN A 280 38.44 2.43 1.94
C GLN A 280 39.88 2.87 2.22
N LEU A 281 40.49 2.42 3.32
CA LEU A 281 41.92 2.70 3.61
C LEU A 281 42.76 2.43 2.37
N GLY A 282 42.64 1.20 1.88
CA GLY A 282 43.38 0.76 0.68
C GLY A 282 43.23 1.78 -0.41
N PHE A 283 41.98 2.15 -0.68
CA PHE A 283 41.56 2.97 -1.84
C PHE A 283 42.03 4.41 -1.63
N TYR A 284 41.92 4.94 -0.42
CA TYR A 284 42.47 6.29 -0.07
C TYR A 284 43.99 6.24 -0.27
N ASN A 285 44.65 5.18 0.20
CA ASN A 285 46.14 5.08 0.12
C ASN A 285 46.57 4.86 -1.34
N ALA A 286 45.93 3.92 -2.05
CA ALA A 286 46.36 3.53 -3.42
C ALA A 286 45.90 4.54 -4.49
N VAL A 287 44.80 5.27 -4.29
CA VAL A 287 44.18 6.05 -5.40
C VAL A 287 43.99 7.51 -5.01
N ALA A 288 43.18 7.76 -3.98
CA ALA A 288 42.68 9.11 -3.63
C ALA A 288 43.85 10.01 -3.28
N ILE A 289 44.65 9.61 -2.29
CA ILE A 289 45.78 10.44 -1.74
C ILE A 289 46.77 10.73 -2.86
N PRO A 290 47.34 9.73 -3.55
CA PRO A 290 48.22 10.00 -4.69
C PRO A 290 47.59 10.94 -5.74
N CYS A 291 46.29 10.77 -6.03
CA CYS A 291 45.57 11.60 -7.02
C CYS A 291 45.59 13.09 -6.63
N TYR A 292 45.17 13.42 -5.42
CA TYR A 292 45.01 14.84 -4.97
C TYR A 292 46.38 15.42 -4.59
N THR A 293 47.33 14.59 -4.18
CA THR A 293 48.75 14.99 -3.95
C THR A 293 49.30 15.51 -5.30
N THR A 294 49.36 14.63 -6.31
CA THR A 294 49.88 14.99 -7.66
C THR A 294 49.10 16.21 -8.17
N LEU A 295 47.79 16.32 -7.88
CA LEU A 295 46.97 17.45 -8.40
C LEU A 295 47.41 18.74 -7.70
N THR A 296 47.66 18.70 -6.39
CA THR A 296 48.05 19.89 -5.59
C THR A 296 49.43 20.40 -6.04
N GLN A 297 50.38 19.50 -6.27
CA GLN A 297 51.72 19.81 -6.86
C GLN A 297 51.56 20.58 -8.16
N ILE A 298 50.72 20.11 -9.09
CA ILE A 298 50.56 20.77 -10.42
C ILE A 298 49.71 22.04 -10.26
N LEU A 299 48.69 22.01 -9.41
CA LEU A 299 47.72 23.14 -9.25
C LEU A 299 47.60 23.46 -7.77
N PRO A 300 48.52 24.29 -7.24
CA PRO A 300 48.59 24.54 -5.80
C PRO A 300 47.25 24.88 -5.16
N PRO A 301 46.39 25.73 -5.75
CA PRO A 301 45.13 26.10 -5.10
C PRO A 301 44.07 24.99 -4.93
N THR A 302 44.34 23.74 -5.36
CA THR A 302 43.43 22.60 -5.19
C THR A 302 43.73 21.87 -3.87
N GLU A 303 44.60 22.46 -3.04
CA GLU A 303 45.09 21.81 -1.78
C GLU A 303 43.90 21.43 -0.90
N PRO A 304 42.83 22.24 -0.80
CA PRO A 304 41.69 21.84 0.05
C PRO A 304 41.19 20.41 -0.24
N LEU A 305 41.21 19.96 -1.52
CA LEU A 305 40.79 18.58 -1.89
C LEU A 305 41.72 17.59 -1.19
N LEU A 306 43.04 17.81 -1.24
CA LEU A 306 44.01 16.92 -0.52
C LEU A 306 43.75 16.92 0.99
N LYS A 307 43.54 18.09 1.58
CA LYS A 307 43.35 18.19 3.05
C LYS A 307 42.06 17.45 3.47
N ALA A 308 40.96 17.62 2.73
CA ALA A 308 39.66 16.97 3.05
C ALA A 308 39.80 15.45 2.87
N CYS A 309 40.54 15.02 1.85
CA CYS A 309 40.80 13.58 1.61
C CYS A 309 41.58 12.98 2.78
N ARG A 310 42.65 13.63 3.23
CA ARG A 310 43.44 13.18 4.43
C ARG A 310 42.51 13.11 5.65
N ASP A 311 41.63 14.09 5.85
CA ASP A 311 40.70 14.09 7.02
C ASP A 311 39.81 12.84 6.96
N ASN A 312 39.34 12.48 5.76
CA ASN A 312 38.39 11.34 5.60
C ASN A 312 39.20 10.05 5.78
N LEU A 313 40.43 9.99 5.29
CA LEU A 313 41.33 8.84 5.56
C LEU A 313 41.36 8.64 7.07
N SER A 314 41.59 9.73 7.78
CA SER A 314 41.72 9.68 9.25
C SER A 314 40.39 9.21 9.85
N GLN A 315 39.25 9.68 9.32
CA GLN A 315 37.92 9.25 9.80
C GLN A 315 37.75 7.74 9.61
N TRP A 316 38.23 7.14 8.51
CA TRP A 316 38.14 5.66 8.31
C TRP A 316 39.08 4.95 9.30
N GLU A 317 40.25 5.51 9.57
CA GLU A 317 41.18 4.92 10.58
C GLU A 317 40.43 4.82 11.91
N LYS A 318 39.65 5.85 12.26
CA LYS A 318 38.84 5.85 13.52
C LYS A 318 37.76 4.78 13.44
N VAL A 319 37.22 4.45 12.26
CA VAL A 319 36.12 3.44 12.18
C VAL A 319 36.73 2.07 12.50
N ILE A 320 37.86 1.75 11.86
CA ILE A 320 38.57 0.45 12.03
C ILE A 320 38.81 0.24 13.52
N ARG A 321 39.36 1.26 14.18
CA ARG A 321 39.81 1.21 15.60
C ARG A 321 38.62 1.19 16.57
N GLY A 322 37.41 0.87 16.09
CA GLY A 322 36.24 0.69 16.95
C GLY A 322 35.68 1.99 17.51
N GLU A 323 36.33 3.15 17.30
CA GLU A 323 35.93 4.49 17.83
C GLU A 323 34.73 5.10 17.06
N GLU A 324 34.28 4.43 15.98
CA GLU A 324 32.98 4.66 15.26
C GLU A 324 32.77 3.53 14.24
N GLN B 11 -26.83 11.13 -16.65
CA GLN B 11 -25.41 10.98 -16.22
C GLN B 11 -25.13 11.80 -14.95
N GLY B 12 -26.18 12.23 -14.23
CA GLY B 12 -26.06 12.89 -12.91
C GLY B 12 -26.29 11.90 -11.78
N LEU B 13 -26.98 10.79 -12.07
CA LEU B 13 -27.37 9.73 -11.09
C LEU B 13 -26.35 8.58 -11.12
N MET B 14 -25.06 8.91 -11.18
CA MET B 14 -23.91 7.97 -11.12
C MET B 14 -23.32 7.98 -9.71
N GLN B 15 -23.93 7.28 -8.75
CA GLN B 15 -23.29 7.11 -7.43
C GLN B 15 -22.10 6.16 -7.61
N PHE B 16 -20.90 6.58 -7.18
CA PHE B 16 -19.72 5.68 -7.04
C PHE B 16 -20.07 4.64 -5.96
N THR B 17 -19.64 3.40 -6.19
CA THR B 17 -19.96 2.24 -5.31
C THR B 17 -18.68 1.46 -5.00
N LEU B 18 -18.55 1.04 -3.74
CA LEU B 18 -17.37 0.32 -3.24
C LEU B 18 -17.71 -1.15 -3.00
N PRO B 19 -16.73 -2.05 -3.18
CA PRO B 19 -16.85 -3.43 -2.73
C PRO B 19 -17.43 -3.54 -1.32
N VAL B 20 -18.35 -4.47 -1.13
CA VAL B 20 -19.12 -4.64 0.13
C VAL B 20 -18.23 -4.24 1.32
N ARG B 21 -17.03 -4.84 1.47
CA ARG B 21 -16.20 -4.67 2.71
C ARG B 21 -15.72 -3.22 2.88
N LEU B 22 -15.26 -2.54 1.83
CA LEU B 22 -14.82 -1.13 1.95
C LEU B 22 -16.05 -0.29 2.33
N CYS B 23 -17.18 -0.53 1.68
CA CYS B 23 -18.45 0.23 1.83
C CYS B 23 -18.79 0.37 3.32
N LYS B 24 -18.70 -0.71 4.07
CA LYS B 24 -19.07 -0.77 5.50
C LYS B 24 -17.90 -0.38 6.40
N GLU B 25 -16.65 -0.53 5.95
CA GLU B 25 -15.43 -0.27 6.78
C GLU B 25 -15.13 1.24 6.72
N ILE B 26 -15.40 1.88 5.59
CA ILE B 26 -14.95 3.27 5.32
C ILE B 26 -15.65 4.21 6.32
N GLU B 27 -16.76 3.76 6.91
CA GLU B 27 -17.56 4.54 7.88
C GLU B 27 -16.83 4.53 9.23
N LEU B 28 -15.87 3.64 9.43
CA LEU B 28 -15.09 3.53 10.69
C LEU B 28 -13.87 4.45 10.67
N PHE B 29 -13.55 5.02 11.81
CA PHE B 29 -12.40 5.93 11.99
C PHE B 29 -11.09 5.16 11.72
N HIS B 30 -11.05 3.84 11.90
CA HIS B 30 -9.78 3.07 11.82
C HIS B 30 -9.60 2.38 10.46
N PHE B 31 -10.38 2.78 9.46
CA PHE B 31 -10.32 2.26 8.07
C PHE B 31 -8.95 2.52 7.48
N ASP B 32 -8.34 1.50 6.91
CA ASP B 32 -7.11 1.62 6.08
C ASP B 32 -7.57 1.55 4.63
N ILE B 33 -7.18 2.54 3.81
CA ILE B 33 -7.61 2.65 2.39
C ILE B 33 -6.94 1.56 1.51
N GLY B 34 -6.02 0.77 2.05
CA GLY B 34 -5.46 -0.40 1.35
C GLY B 34 -4.35 -0.03 0.37
N PRO B 35 -3.69 -1.07 -0.21
CA PRO B 35 -2.49 -0.89 -1.03
C PRO B 35 -2.70 -0.72 -2.54
N PHE B 36 -3.94 -0.69 -2.98
CA PHE B 36 -4.28 -0.50 -4.42
C PHE B 36 -4.43 1.00 -4.71
N GLU B 37 -3.37 1.66 -5.18
CA GLU B 37 -3.35 3.12 -5.51
C GLU B 37 -4.54 3.51 -6.38
N ASN B 38 -4.91 2.68 -7.35
CA ASN B 38 -5.87 3.06 -8.43
C ASN B 38 -7.32 3.04 -7.89
N MET B 39 -7.55 2.50 -6.68
CA MET B 39 -8.85 2.63 -5.99
C MET B 39 -8.99 3.93 -5.17
N TRP B 40 -7.90 4.59 -4.80
CA TRP B 40 -7.98 5.73 -3.84
C TRP B 40 -8.81 6.87 -4.41
N PRO B 41 -8.69 7.25 -5.70
CA PRO B 41 -9.57 8.27 -6.27
C PRO B 41 -11.06 7.95 -6.10
N GLY B 42 -11.46 6.71 -6.35
CA GLY B 42 -12.87 6.29 -6.25
C GLY B 42 -13.36 6.36 -4.83
N ILE B 43 -12.49 5.99 -3.87
CA ILE B 43 -12.75 6.07 -2.40
C ILE B 43 -13.01 7.53 -2.01
N PHE B 44 -12.21 8.45 -2.51
CA PHE B 44 -12.35 9.90 -2.21
C PHE B 44 -13.65 10.43 -2.86
N VAL B 45 -13.87 10.20 -4.15
CA VAL B 45 -15.10 10.67 -4.88
C VAL B 45 -16.32 10.14 -4.14
N TYR B 46 -16.29 8.88 -3.73
CA TYR B 46 -17.35 8.24 -2.93
C TYR B 46 -17.57 9.01 -1.62
N MET B 47 -16.49 9.39 -0.97
CA MET B 47 -16.57 10.15 0.31
C MET B 47 -17.21 11.50 0.05
N VAL B 48 -16.84 12.22 -1.01
CA VAL B 48 -17.44 13.55 -1.33
C VAL B 48 -18.94 13.40 -1.57
N HIS B 49 -19.38 12.31 -2.21
CA HIS B 49 -20.78 12.09 -2.65
C HIS B 49 -21.67 11.77 -1.45
N ARG B 50 -21.20 10.92 -0.51
CA ARG B 50 -21.95 10.60 0.73
C ARG B 50 -21.84 11.72 1.77
N SER B 51 -20.96 12.71 1.57
CA SER B 51 -20.65 13.75 2.57
C SER B 51 -21.57 14.95 2.33
N CYS B 52 -21.48 15.54 1.15
CA CYS B 52 -22.26 16.76 0.81
C CYS B 52 -23.13 16.52 -0.44
N GLY B 53 -23.01 15.36 -1.10
CA GLY B 53 -23.94 14.95 -2.16
C GLY B 53 -23.29 14.77 -3.52
N THR B 54 -24.01 14.09 -4.44
CA THR B 54 -23.63 13.88 -5.86
C THR B 54 -23.67 15.20 -6.64
N SER B 55 -24.24 16.24 -6.05
CA SER B 55 -24.48 17.58 -6.66
C SER B 55 -23.27 18.49 -6.51
N CYS B 56 -22.47 18.30 -5.44
CA CYS B 56 -21.48 19.28 -4.89
C CYS B 56 -20.50 19.72 -5.97
N PHE B 57 -20.06 18.74 -6.78
CA PHE B 57 -19.03 18.93 -7.82
C PHE B 57 -19.50 18.27 -9.11
N GLU B 58 -19.17 18.91 -10.23
CA GLU B 58 -19.27 18.32 -11.57
C GLU B 58 -18.22 17.21 -11.63
N LEU B 59 -18.64 15.97 -11.88
CA LEU B 59 -17.76 14.79 -11.85
C LEU B 59 -16.62 14.87 -12.88
N GLU B 60 -16.82 15.44 -14.07
CA GLU B 60 -15.72 15.61 -15.06
C GLU B 60 -14.59 16.39 -14.36
N LYS B 61 -14.85 17.65 -13.97
CA LYS B 61 -13.91 18.59 -13.28
C LYS B 61 -13.25 17.96 -12.03
N LEU B 62 -13.99 17.22 -11.22
CA LEU B 62 -13.48 16.66 -9.93
C LEU B 62 -12.37 15.63 -10.21
N CME B 63 -12.62 14.72 -11.14
CA CME B 63 -11.66 13.66 -11.51
CB CME B 63 -12.29 12.59 -12.39
SG CME B 63 -13.47 11.51 -11.53
SD CME B 63 -12.28 10.34 -10.31
CE CME B 63 -11.83 8.87 -11.30
CZ CME B 63 -12.97 7.92 -11.47
OH CME B 63 -13.14 7.54 -12.83
C CME B 63 -10.41 14.33 -12.10
O CME B 63 -9.32 13.85 -11.85
N ARG B 64 -10.59 15.42 -12.82
CA ARG B 64 -9.46 16.17 -13.40
C ARG B 64 -8.67 16.77 -12.22
N PHE B 65 -9.37 17.39 -11.27
CA PHE B 65 -8.77 17.95 -10.03
C PHE B 65 -7.97 16.86 -9.30
N ILE B 66 -8.60 15.72 -9.03
CA ILE B 66 -8.00 14.60 -8.24
C ILE B 66 -6.72 14.11 -8.91
N MET B 67 -6.74 13.88 -10.22
CA MET B 67 -5.59 13.31 -10.96
C MET B 67 -4.44 14.31 -10.99
N SER B 68 -4.72 15.61 -11.15
CA SER B 68 -3.73 16.72 -11.04
C SER B 68 -3.14 16.80 -9.62
N VAL B 69 -3.97 16.68 -8.59
CA VAL B 69 -3.52 16.71 -7.17
C VAL B 69 -2.57 15.54 -6.99
N LYS B 70 -3.03 14.33 -7.30
CA LYS B 70 -2.20 13.09 -7.21
C LYS B 70 -0.83 13.30 -7.86
N LYS B 71 -0.84 13.82 -9.08
CA LYS B 71 0.39 14.01 -9.89
C LYS B 71 1.37 14.91 -9.13
N ASN B 72 0.88 15.84 -8.30
CA ASN B 72 1.72 16.85 -7.60
C ASN B 72 2.10 16.38 -6.18
N TYR B 73 1.74 15.17 -5.76
CA TYR B 73 2.36 14.48 -4.60
C TYR B 73 3.60 13.70 -5.08
N ARG B 74 4.67 13.73 -4.31
CA ARG B 74 5.95 13.04 -4.68
C ARG B 74 5.98 11.63 -4.09
N ARG B 75 6.90 10.84 -4.60
CA ARG B 75 7.07 9.41 -4.22
C ARG B 75 8.03 9.40 -3.05
N VAL B 76 7.60 9.99 -1.94
CA VAL B 76 8.32 10.06 -0.66
C VAL B 76 7.72 8.99 0.25
N PRO B 77 8.44 8.54 1.27
CA PRO B 77 8.00 7.41 2.07
C PRO B 77 6.68 7.61 2.84
N TYR B 78 6.40 8.82 3.31
CA TYR B 78 5.21 9.10 4.18
C TYR B 78 4.32 10.22 3.62
N HIS B 79 4.87 11.40 3.30
CA HIS B 79 4.13 12.61 2.85
C HIS B 79 3.76 12.51 1.39
N ASN B 80 3.04 11.44 1.08
CA ASN B 80 2.68 11.04 -0.30
C ASN B 80 1.16 11.04 -0.47
N TRP B 81 0.72 10.69 -1.67
CA TRP B 81 -0.68 10.55 -2.12
C TRP B 81 -1.51 9.67 -1.19
N LYS B 82 -0.93 8.58 -0.69
CA LYS B 82 -1.66 7.72 0.28
C LYS B 82 -2.03 8.50 1.56
N HIS B 83 -1.12 9.30 2.09
CA HIS B 83 -1.35 10.12 3.31
C HIS B 83 -2.46 11.11 3.03
N ALA B 84 -2.41 11.80 1.88
CA ALA B 84 -3.42 12.78 1.46
C ALA B 84 -4.80 12.16 1.57
N VAL B 85 -4.97 10.95 1.04
CA VAL B 85 -6.30 10.27 0.98
C VAL B 85 -6.65 9.76 2.38
N THR B 86 -5.68 9.25 3.13
CA THR B 86 -5.89 8.73 4.51
C THR B 86 -6.38 9.89 5.40
N VAL B 87 -5.83 11.07 5.20
CA VAL B 87 -6.20 12.26 6.02
C VAL B 87 -7.58 12.73 5.54
N ALA B 88 -7.90 12.70 4.25
CA ALA B 88 -9.26 13.02 3.75
C ALA B 88 -10.26 12.03 4.37
N HIS B 89 -9.93 10.76 4.43
CA HIS B 89 -10.84 9.74 4.99
C HIS B 89 -11.15 10.04 6.47
N CYS B 90 -10.14 10.32 7.30
CA CYS B 90 -10.35 10.68 8.71
C CYS B 90 -11.35 11.85 8.83
N MET B 91 -11.18 12.90 8.02
CA MET B 91 -12.03 14.09 8.04
C MET B 91 -13.45 13.67 7.65
N TYR B 92 -13.55 12.79 6.66
CA TYR B 92 -14.83 12.21 6.22
C TYR B 92 -15.53 11.54 7.40
N ALA B 93 -14.81 10.77 8.21
CA ALA B 93 -15.39 10.07 9.39
C ALA B 93 -15.89 11.10 10.40
N ILE B 94 -15.17 12.19 10.61
CA ILE B 94 -15.59 13.25 11.58
C ILE B 94 -16.87 13.90 11.04
N LEU B 95 -16.89 14.25 9.76
CA LEU B 95 -18.00 15.02 9.14
C LEU B 95 -19.28 14.19 9.10
N GLN B 96 -19.18 12.87 8.88
CA GLN B 96 -20.36 11.94 8.85
C GLN B 96 -20.92 11.71 10.27
N ASN B 97 -20.12 11.86 11.33
CA ASN B 97 -20.61 11.68 12.73
C ASN B 97 -20.92 13.04 13.38
N ASN B 98 -20.85 14.14 12.64
CA ASN B 98 -21.17 15.49 13.15
C ASN B 98 -21.86 16.31 12.05
N HIS B 99 -22.75 15.70 11.27
CA HIS B 99 -23.12 16.23 9.93
C HIS B 99 -23.94 17.51 10.07
N THR B 100 -24.69 17.71 11.17
CA THR B 100 -25.51 18.93 11.39
C THR B 100 -24.63 20.14 11.73
N LEU B 101 -23.44 19.93 12.32
CA LEU B 101 -22.59 21.01 12.89
C LEU B 101 -21.97 21.86 11.77
N PHE B 102 -21.83 21.34 10.54
CA PHE B 102 -20.99 21.98 9.51
C PHE B 102 -21.84 22.42 8.33
N THR B 103 -21.50 23.57 7.75
CA THR B 103 -22.20 24.21 6.60
C THR B 103 -21.91 23.35 5.37
N ASP B 104 -22.50 23.73 4.23
CA ASP B 104 -22.38 22.95 2.97
C ASP B 104 -21.01 23.26 2.36
N LEU B 105 -20.62 24.54 2.41
CA LEU B 105 -19.24 25.02 2.06
C LEU B 105 -18.22 24.23 2.89
N GLU B 106 -18.36 24.17 4.22
CA GLU B 106 -17.32 23.59 5.11
C GLU B 106 -17.07 22.14 4.69
N ARG B 107 -18.11 21.32 4.54
CA ARG B 107 -17.93 19.89 4.17
C ARG B 107 -17.15 19.80 2.84
N LYS B 108 -17.57 20.58 1.83
CA LYS B 108 -16.91 20.67 0.50
C LYS B 108 -15.43 21.03 0.69
N GLY B 109 -15.19 22.17 1.33
CA GLY B 109 -13.86 22.77 1.56
C GLY B 109 -12.90 21.83 2.30
N LEU B 110 -13.40 21.10 3.32
CA LEU B 110 -12.52 20.37 4.26
C LEU B 110 -11.99 19.05 3.64
N LEU B 111 -12.75 18.35 2.81
CA LEU B 111 -12.23 17.11 2.16
C LEU B 111 -11.22 17.49 1.06
N ILE B 112 -11.46 18.60 0.37
CA ILE B 112 -10.52 19.15 -0.65
C ILE B 112 -9.25 19.58 0.08
N ALA B 113 -9.40 20.24 1.23
CA ALA B 113 -8.28 20.79 2.01
C ALA B 113 -7.41 19.62 2.47
N CYS B 114 -8.04 18.57 2.95
CA CYS B 114 -7.34 17.36 3.43
C CYS B 114 -6.58 16.69 2.28
N LEU B 115 -7.21 16.58 1.11
CA LEU B 115 -6.60 15.95 -0.10
C LEU B 115 -5.37 16.73 -0.55
N CYS B 116 -5.38 18.05 -0.40
CA CYS B 116 -4.34 18.98 -0.90
C CYS B 116 -3.31 19.38 0.17
N HIS B 117 -3.47 18.98 1.43
CA HIS B 117 -2.80 19.67 2.59
C HIS B 117 -1.30 19.47 2.58
N ASP B 118 -0.76 18.47 1.87
CA ASP B 118 0.69 18.21 1.86
C ASP B 118 1.21 18.28 0.43
N LEU B 119 0.52 19.00 -0.45
CA LEU B 119 0.82 19.01 -1.90
C LEU B 119 2.28 19.39 -2.13
N ASP B 120 3.00 18.58 -2.90
CA ASP B 120 4.38 18.85 -3.38
C ASP B 120 5.36 18.81 -2.20
N HIS B 121 5.03 18.04 -1.18
CA HIS B 121 5.92 17.81 -0.02
C HIS B 121 7.15 17.10 -0.55
N ARG B 122 8.35 17.49 -0.10
CA ARG B 122 9.64 16.88 -0.54
C ARG B 122 10.14 15.90 0.52
N GLY B 123 9.42 15.76 1.63
CA GLY B 123 9.73 14.80 2.71
C GLY B 123 10.50 15.43 3.85
N PHE B 124 10.57 16.77 3.90
CA PHE B 124 11.46 17.52 4.82
C PHE B 124 10.66 18.58 5.60
N SER B 125 10.97 18.74 6.88
CA SER B 125 10.29 19.71 7.78
C SER B 125 10.62 21.15 7.39
N ASN B 126 9.83 22.09 7.91
CA ASN B 126 10.05 23.54 7.79
C ASN B 126 11.45 23.89 8.34
N SER B 127 11.88 23.26 9.44
CA SER B 127 13.22 23.50 10.03
C SER B 127 14.29 23.16 8.99
N TYR B 128 14.19 21.99 8.34
CA TYR B 128 15.24 21.62 7.37
C TYR B 128 15.28 22.67 6.25
N LEU B 129 14.13 23.04 5.69
CA LEU B 129 14.04 24.08 4.62
C LEU B 129 14.72 25.37 5.14
N GLN B 130 14.52 25.72 6.41
CA GLN B 130 15.09 26.96 7.03
CA GLN B 130 15.09 26.96 6.98
C GLN B 130 16.63 26.84 7.03
N LYS B 131 17.15 25.75 7.54
CA LYS B 131 18.61 25.58 7.76
C LYS B 131 19.32 25.39 6.42
N PHE B 132 18.65 24.83 5.42
CA PHE B 132 19.23 24.57 4.09
C PHE B 132 19.31 25.89 3.32
N ASP B 133 18.44 26.83 3.70
CA ASP B 133 18.21 28.12 3.01
C ASP B 133 17.53 27.82 1.67
N HIS B 134 16.56 26.90 1.66
CA HIS B 134 15.68 26.62 0.51
C HIS B 134 14.92 27.89 0.09
N PRO B 135 14.79 28.17 -1.21
CA PRO B 135 14.02 29.33 -1.69
C PRO B 135 12.63 29.50 -1.05
N LEU B 136 11.97 28.41 -0.68
CA LEU B 136 10.62 28.50 -0.09
C LEU B 136 10.67 29.13 1.30
N ALA B 137 11.82 29.09 2.00
CA ALA B 137 12.00 29.70 3.33
C ALA B 137 12.09 31.24 3.23
N ALA B 138 12.49 31.78 2.07
CA ALA B 138 12.60 33.24 1.82
C ALA B 138 11.24 33.76 1.40
N LEU B 139 10.45 32.93 0.73
CA LEU B 139 9.10 33.27 0.28
C LEU B 139 8.12 33.21 1.47
N TYR B 140 8.25 32.24 2.38
CA TYR B 140 7.32 32.02 3.52
C TYR B 140 8.14 31.78 4.80
N SER B 141 8.32 32.80 5.64
CA SER B 141 9.19 32.74 6.85
C SER B 141 8.58 31.82 7.91
N THR B 142 7.25 31.72 8.03
CA THR B 142 6.57 30.75 8.94
C THR B 142 5.63 29.84 8.15
N SER B 143 5.37 28.67 8.69
CA SER B 143 4.51 27.64 8.05
C SER B 143 4.93 27.47 6.58
N THR B 144 6.23 27.37 6.33
CA THR B 144 6.87 27.41 4.98
C THR B 144 6.14 26.42 4.06
N MET B 145 6.14 25.13 4.40
CA MET B 145 5.58 24.10 3.51
C MET B 145 4.08 24.31 3.40
N GLU B 146 3.41 24.70 4.48
CA GLU B 146 1.93 24.77 4.47
C GLU B 146 1.48 25.93 3.57
N GLN B 147 2.14 27.07 3.60
CA GLN B 147 1.80 28.16 2.65
C GLN B 147 2.02 27.62 1.23
N HIS B 148 3.10 26.84 1.04
CA HIS B 148 3.40 26.21 -0.27
C HIS B 148 2.30 25.22 -0.65
N HIS B 149 1.81 24.40 0.28
CA HIS B 149 0.72 23.45 -0.01
C HIS B 149 -0.50 24.22 -0.54
N PHE B 150 -0.82 25.36 0.06
CA PHE B 150 -2.05 26.11 -0.28
C PHE B 150 -1.86 26.72 -1.67
N SER B 151 -0.73 27.37 -1.89
CA SER B 151 -0.35 27.99 -3.17
C SER B 151 -0.41 26.94 -4.31
N GLN B 152 0.00 25.71 -4.04
CA GLN B 152 -0.09 24.62 -5.04
C GLN B 152 -1.56 24.25 -5.24
N THR B 153 -2.39 24.35 -4.21
CA THR B 153 -3.83 24.02 -4.31
C THR B 153 -4.51 25.04 -5.21
N VAL B 154 -4.16 26.33 -5.07
CA VAL B 154 -4.73 27.44 -5.90
C VAL B 154 -4.32 27.19 -7.35
N SER B 155 -3.03 26.97 -7.61
CA SER B 155 -2.48 26.75 -8.97
C SER B 155 -3.31 25.70 -9.70
N ILE B 156 -3.55 24.57 -9.04
CA ILE B 156 -4.26 23.40 -9.62
C ILE B 156 -5.72 23.76 -9.90
N LEU B 157 -6.37 24.57 -9.05
CA LEU B 157 -7.78 25.03 -9.26
C LEU B 157 -7.89 25.94 -10.49
N GLN B 158 -6.80 26.59 -10.91
CA GLN B 158 -6.81 27.61 -11.99
C GLN B 158 -6.35 26.97 -13.31
N LEU B 159 -6.02 25.69 -13.29
CA LEU B 159 -5.80 24.89 -14.52
C LEU B 159 -7.13 24.82 -15.28
N GLU B 160 -7.08 24.96 -16.61
CA GLU B 160 -8.25 24.89 -17.52
C GLU B 160 -9.01 23.59 -17.19
N GLY B 161 -10.30 23.71 -16.91
CA GLY B 161 -11.21 22.59 -16.66
C GLY B 161 -11.04 22.00 -15.27
N HIS B 162 -10.38 22.69 -14.33
CA HIS B 162 -10.10 22.14 -12.98
C HIS B 162 -10.89 22.85 -11.88
N ASN B 163 -11.43 24.05 -12.11
CA ASN B 163 -12.11 24.81 -11.03
C ASN B 163 -13.44 24.13 -10.68
N ILE B 164 -13.37 23.20 -9.72
CA ILE B 164 -14.49 22.43 -9.12
C ILE B 164 -15.41 23.33 -8.32
N PHE B 165 -15.06 24.60 -8.06
CA PHE B 165 -15.90 25.57 -7.31
C PHE B 165 -16.55 26.57 -8.28
N SER B 166 -16.60 26.24 -9.57
CA SER B 166 -17.10 27.10 -10.67
C SER B 166 -18.49 27.62 -10.30
N THR B 167 -19.40 26.73 -9.87
CA THR B 167 -20.84 27.03 -9.66
C THR B 167 -21.05 28.06 -8.52
N LEU B 168 -20.22 28.04 -7.47
CA LEU B 168 -20.38 28.88 -6.26
C LEU B 168 -20.48 30.36 -6.67
N SER B 169 -21.30 31.15 -5.96
CA SER B 169 -21.28 32.64 -6.06
C SER B 169 -19.84 33.14 -5.82
N SER B 170 -19.55 34.40 -6.12
CA SER B 170 -18.23 35.02 -5.81
C SER B 170 -17.95 34.89 -4.31
N SER B 171 -18.94 35.16 -3.45
CA SER B 171 -18.79 35.16 -1.97
C SER B 171 -18.54 33.75 -1.45
N GLU B 172 -19.35 32.77 -1.87
CA GLU B 172 -19.16 31.35 -1.53
C GLU B 172 -17.77 30.85 -1.98
N TYR B 173 -17.23 31.37 -3.09
CA TYR B 173 -15.91 30.97 -3.63
C TYR B 173 -14.81 31.51 -2.71
N GLU B 174 -14.88 32.79 -2.36
CA GLU B 174 -13.96 33.52 -1.45
C GLU B 174 -14.00 32.84 -0.07
N GLN B 175 -15.17 32.37 0.36
CA GLN B 175 -15.31 31.73 1.69
C GLN B 175 -14.62 30.37 1.68
N VAL B 176 -14.86 29.56 0.64
CA VAL B 176 -14.42 28.13 0.57
C VAL B 176 -12.89 28.13 0.42
N LEU B 177 -12.30 29.10 -0.28
CA LEU B 177 -10.83 29.17 -0.45
C LEU B 177 -10.22 29.60 0.88
N GLU B 178 -11.00 30.27 1.73
CA GLU B 178 -10.53 30.80 3.03
C GLU B 178 -10.58 29.69 4.08
N ILE B 179 -11.65 28.91 4.04
CA ILE B 179 -11.76 27.64 4.80
C ILE B 179 -10.54 26.80 4.46
N ILE B 180 -10.25 26.62 3.15
CA ILE B 180 -9.16 25.73 2.66
C ILE B 180 -7.84 26.33 3.13
N ARG B 181 -7.61 27.63 2.97
CA ARG B 181 -6.31 28.22 3.39
C ARG B 181 -6.08 27.98 4.88
N LYS B 182 -7.03 28.30 5.75
CA LYS B 182 -6.86 28.18 7.22
C LYS B 182 -6.73 26.70 7.61
N ALA B 183 -7.50 25.82 6.98
CA ALA B 183 -7.41 24.35 7.23
C ALA B 183 -5.97 23.88 6.97
N ILE B 184 -5.34 24.35 5.89
CA ILE B 184 -4.01 23.86 5.44
C ILE B 184 -2.94 24.48 6.34
N ILE B 185 -3.02 25.79 6.60
CA ILE B 185 -2.05 26.46 7.54
C ILE B 185 -2.12 25.77 8.91
N ALA B 186 -3.28 25.28 9.33
CA ALA B 186 -3.48 24.64 10.66
C ALA B 186 -2.78 23.27 10.75
N THR B 187 -2.41 22.65 9.63
CA THR B 187 -1.71 21.35 9.66
C THR B 187 -0.23 21.57 10.03
N ASP B 188 0.21 22.81 10.14
CA ASP B 188 1.55 23.14 10.71
C ASP B 188 1.52 22.84 12.21
N LEU B 189 2.15 21.75 12.64
CA LEU B 189 2.05 21.27 14.03
C LEU B 189 2.59 22.32 15.04
N ALA B 190 3.48 23.23 14.65
CA ALA B 190 3.91 24.36 15.49
C ALA B 190 2.69 25.20 15.91
N LEU B 191 1.65 25.29 15.09
CA LEU B 191 0.46 26.12 15.39
C LEU B 191 -0.54 25.34 16.22
N TYR B 192 -0.48 24.02 16.19
CA TYR B 192 -1.42 23.17 16.95
C TYR B 192 -1.39 23.59 18.44
N PHE B 193 -0.22 23.54 19.09
CA PHE B 193 -0.06 23.70 20.57
C PHE B 193 -0.89 24.89 21.09
N GLY B 194 -0.71 26.08 20.51
CA GLY B 194 -1.46 27.31 20.85
C GLY B 194 -2.97 27.17 20.58
N ASN B 195 -3.33 26.57 19.44
CA ASN B 195 -4.74 26.34 19.04
C ASN B 195 -5.43 25.40 20.05
N ARG B 196 -4.88 24.23 20.33
CA ARG B 196 -5.50 23.31 21.32
C ARG B 196 -5.62 24.03 22.69
N LYS B 197 -4.62 24.82 23.11
CA LYS B 197 -4.64 25.46 24.44
C LYS B 197 -5.82 26.44 24.50
N GLN B 198 -5.98 27.31 23.52
CA GLN B 198 -7.14 28.25 23.47
C GLN B 198 -8.50 27.53 23.45
N LEU B 199 -8.61 26.30 22.93
CA LEU B 199 -9.92 25.58 22.80
C LEU B 199 -10.24 24.83 24.08
N GLU B 200 -9.25 24.14 24.67
CA GLU B 200 -9.34 23.44 25.99
C GLU B 200 -9.84 24.44 27.05
N GLU B 201 -9.42 25.70 26.96
CA GLU B 201 -9.75 26.80 27.88
C GLU B 201 -11.16 27.26 27.57
N MET B 202 -11.40 27.82 26.37
CA MET B 202 -12.73 28.23 25.87
C MET B 202 -13.79 27.15 26.17
N TYR B 203 -13.45 25.87 26.04
CA TYR B 203 -14.41 24.77 26.28
C TYR B 203 -14.76 24.67 27.77
N GLN B 204 -13.76 24.48 28.62
CA GLN B 204 -13.96 24.08 30.04
C GLN B 204 -14.46 25.27 30.89
N THR B 205 -14.46 26.48 30.32
CA THR B 205 -15.14 27.70 30.85
C THR B 205 -16.42 27.97 30.05
N GLY B 206 -16.95 26.95 29.36
CA GLY B 206 -18.16 27.00 28.49
C GLY B 206 -18.29 28.28 27.68
N SER B 207 -17.21 28.97 27.32
CA SER B 207 -17.25 30.16 26.42
C SER B 207 -17.17 29.74 24.93
N LEU B 208 -16.98 28.45 24.62
CA LEU B 208 -16.81 27.94 23.23
C LEU B 208 -18.16 28.06 22.51
N ASN B 209 -18.20 28.90 21.47
CA ASN B 209 -19.41 29.30 20.70
C ASN B 209 -19.23 29.02 19.20
N LEU B 210 -19.80 27.91 18.70
CA LEU B 210 -19.64 27.48 17.29
C LEU B 210 -20.36 28.42 16.30
N ASN B 211 -20.96 29.51 16.75
CA ASN B 211 -21.55 30.55 15.85
C ASN B 211 -20.57 31.72 15.76
N ASN B 212 -19.52 31.70 16.58
CA ASN B 212 -18.36 32.61 16.43
C ASN B 212 -17.47 32.03 15.32
N GLN B 213 -17.21 32.77 14.24
CA GLN B 213 -16.38 32.30 13.10
C GLN B 213 -14.98 31.94 13.60
N SER B 214 -14.39 32.86 14.38
CA SER B 214 -13.08 32.77 15.06
C SER B 214 -12.97 31.46 15.84
N HIS B 215 -14.02 31.03 16.52
CA HIS B 215 -14.06 29.78 17.32
C HIS B 215 -14.17 28.57 16.40
N ARG B 216 -15.00 28.69 15.36
CA ARG B 216 -15.17 27.64 14.32
C ARG B 216 -13.83 27.38 13.64
N ASP B 217 -13.16 28.45 13.19
CA ASP B 217 -11.80 28.41 12.59
C ASP B 217 -10.89 27.54 13.49
N ARG B 218 -10.95 27.71 14.81
CA ARG B 218 -10.04 26.98 15.74
C ARG B 218 -10.42 25.51 15.76
N VAL B 219 -11.71 25.19 15.84
CA VAL B 219 -12.20 23.78 15.98
C VAL B 219 -11.84 23.06 14.68
N ILE B 220 -11.95 23.74 13.55
CA ILE B 220 -11.60 23.14 12.24
C ILE B 220 -10.08 22.89 12.26
N GLY B 221 -9.30 23.88 12.68
CA GLY B 221 -7.85 23.73 12.88
C GLY B 221 -7.55 22.48 13.66
N LEU B 222 -8.24 22.24 14.76
CA LEU B 222 -7.97 21.05 15.58
C LEU B 222 -8.38 19.79 14.80
N MET B 223 -9.47 19.89 14.05
CA MET B 223 -9.96 18.73 13.26
C MET B 223 -8.86 18.38 12.24
N MET B 224 -8.25 19.38 11.64
CA MET B 224 -7.15 19.20 10.65
C MET B 224 -5.96 18.51 11.31
N THR B 225 -5.51 18.92 12.51
CA THR B 225 -4.40 18.23 13.23
C THR B 225 -4.74 16.75 13.49
N ALA B 226 -5.96 16.47 13.97
CA ALA B 226 -6.43 15.12 14.35
C ALA B 226 -6.41 14.18 13.12
N CYS B 227 -6.92 14.67 12.00
CA CYS B 227 -6.89 13.96 10.70
C CYS B 227 -5.43 13.74 10.26
N ASP B 228 -4.64 14.81 10.25
CA ASP B 228 -3.20 14.74 9.94
C ASP B 228 -2.44 13.73 10.82
N LEU B 229 -2.80 13.52 12.09
CA LEU B 229 -2.06 12.61 12.99
C LEU B 229 -2.72 11.25 13.05
N CYS B 230 -3.71 10.99 12.22
CA CYS B 230 -4.63 9.83 12.37
C CYS B 230 -3.92 8.49 12.19
N SER B 231 -2.64 8.44 11.87
CA SER B 231 -1.89 7.16 11.83
C SER B 231 -1.84 6.53 13.24
N VAL B 232 -1.86 7.35 14.29
CA VAL B 232 -1.87 6.89 15.72
C VAL B 232 -3.25 6.39 16.14
N THR B 233 -4.30 6.47 15.30
CA THR B 233 -5.69 6.09 15.66
C THR B 233 -6.17 4.89 14.83
N LYS B 234 -5.23 4.21 14.19
CA LYS B 234 -5.53 3.00 13.40
C LYS B 234 -5.26 1.81 14.32
N LEU B 235 -5.69 0.63 13.91
CA LEU B 235 -5.37 -0.61 14.63
C LEU B 235 -3.86 -0.84 14.58
N TRP B 236 -3.33 -1.38 15.67
CA TRP B 236 -1.89 -1.51 15.96
C TRP B 236 -1.07 -1.89 14.73
N PRO B 237 -1.42 -2.94 13.97
CA PRO B 237 -0.57 -3.35 12.84
C PRO B 237 -0.38 -2.28 11.75
N VAL B 238 -1.38 -1.46 11.48
CA VAL B 238 -1.30 -0.31 10.54
C VAL B 238 -0.43 0.78 11.19
N THR B 239 -0.64 1.00 12.49
CA THR B 239 0.04 2.06 13.26
C THR B 239 1.55 1.77 13.23
N LYS B 240 1.90 0.52 13.50
CA LYS B 240 3.31 0.03 13.62
C LYS B 240 3.99 0.22 12.27
N LEU B 241 3.41 -0.32 11.19
CA LEU B 241 4.01 -0.26 9.83
C LEU B 241 4.04 1.18 9.34
N THR B 242 3.02 1.98 9.61
CA THR B 242 3.02 3.41 9.20
C THR B 242 4.19 4.15 9.86
N ALA B 243 4.58 3.74 11.07
CA ALA B 243 5.68 4.35 11.85
C ALA B 243 7.02 4.13 11.12
N ASN B 244 7.24 2.95 10.54
CA ASN B 244 8.41 2.67 9.66
C ASN B 244 8.55 3.80 8.60
N ASP B 245 7.45 4.24 7.98
CA ASP B 245 7.45 5.24 6.89
C ASP B 245 7.74 6.63 7.47
N ILE B 246 7.12 6.97 8.59
CA ILE B 246 7.34 8.29 9.23
C ILE B 246 8.84 8.44 9.51
N TYR B 247 9.46 7.39 10.01
CA TYR B 247 10.87 7.39 10.49
C TYR B 247 11.81 7.37 9.29
N ALA B 248 11.39 6.78 8.16
CA ALA B 248 12.22 6.75 6.95
C ALA B 248 12.41 8.19 6.46
N GLU B 249 11.39 9.04 6.54
CA GLU B 249 11.55 10.49 6.20
C GLU B 249 12.40 11.20 7.27
N PHE B 250 12.05 11.03 8.52
CA PHE B 250 12.75 11.68 9.66
C PHE B 250 14.23 11.37 9.52
N TRP B 251 14.57 10.09 9.36
CA TRP B 251 15.98 9.66 9.34
C TRP B 251 16.68 10.23 8.10
N ALA B 252 15.99 10.30 6.96
CA ALA B 252 16.56 10.91 5.74
C ALA B 252 16.82 12.39 6.03
N GLU B 253 15.88 13.04 6.73
CA GLU B 253 16.04 14.47 7.08
C GLU B 253 17.24 14.58 8.01
N GLY B 254 17.32 13.72 9.03
CA GLY B 254 18.51 13.62 9.90
C GLY B 254 19.79 13.54 9.09
N ASP B 255 19.86 12.63 8.14
CA ASP B 255 21.04 12.47 7.27
C ASP B 255 21.37 13.81 6.62
N GLU B 256 20.36 14.57 6.17
CA GLU B 256 20.63 15.82 5.41
C GLU B 256 21.08 16.91 6.38
N MET B 257 20.55 16.90 7.61
CA MET B 257 21.01 17.81 8.69
C MET B 257 22.52 17.60 8.92
N LYS B 258 22.95 16.35 9.05
CA LYS B 258 24.37 15.95 9.26
C LYS B 258 25.22 16.45 8.11
N LYS B 259 24.73 16.35 6.87
CA LYS B 259 25.47 16.82 5.67
C LYS B 259 25.63 18.32 5.73
N LEU B 260 24.71 19.05 6.37
CA LEU B 260 24.89 20.51 6.58
C LEU B 260 25.81 20.75 7.78
N GLY B 261 26.19 19.70 8.51
CA GLY B 261 27.06 19.83 9.70
C GLY B 261 26.26 20.26 10.90
N ILE B 262 25.04 19.74 11.04
CA ILE B 262 24.16 20.00 12.20
C ILE B 262 23.72 18.66 12.77
N GLN B 263 23.96 18.41 14.06
CA GLN B 263 23.50 17.16 14.71
C GLN B 263 21.98 17.21 14.70
N PRO B 264 21.28 16.24 14.12
CA PRO B 264 19.83 16.31 14.12
C PRO B 264 19.32 16.07 15.55
N ILE B 265 18.10 16.51 15.83
CA ILE B 265 17.34 16.07 17.04
C ILE B 265 17.19 14.56 16.97
N PRO B 266 17.07 13.86 18.13
CA PRO B 266 17.13 12.40 18.17
C PRO B 266 16.13 11.67 17.26
N MET B 267 14.91 12.21 17.21
CA MET B 267 13.80 11.72 16.37
C MET B 267 14.31 11.45 14.95
N MET B 268 15.23 12.27 14.45
CA MET B 268 15.70 12.27 13.04
C MET B 268 17.05 11.57 12.90
N ASP B 269 17.61 11.02 13.98
CA ASP B 269 18.97 10.45 13.96
C ASP B 269 18.84 8.93 13.93
N ARG B 270 19.14 8.30 12.80
CA ARG B 270 18.92 6.84 12.62
C ARG B 270 19.81 6.07 13.61
N ASP B 271 20.93 6.66 14.06
CA ASP B 271 21.82 6.01 15.06
C ASP B 271 21.02 5.77 16.34
N LYS B 272 19.96 6.55 16.61
CA LYS B 272 19.17 6.45 17.87
C LYS B 272 17.87 5.70 17.66
N LYS B 273 17.86 4.76 16.70
CA LYS B 273 16.72 3.91 16.29
C LYS B 273 16.19 3.08 17.48
N ASP B 274 17.07 2.67 18.39
CA ASP B 274 16.75 1.74 19.53
C ASP B 274 15.71 2.41 20.45
N GLU B 275 15.67 3.75 20.49
CA GLU B 275 14.83 4.57 21.40
C GLU B 275 13.51 5.01 20.72
N VAL B 276 13.15 4.46 19.55
CA VAL B 276 11.88 4.82 18.85
C VAL B 276 10.70 4.58 19.81
N PRO B 277 10.63 3.43 20.53
CA PRO B 277 9.48 3.15 21.38
C PRO B 277 9.25 4.26 22.43
N GLN B 278 10.30 4.69 23.13
CA GLN B 278 10.21 5.78 24.13
C GLN B 278 9.83 7.08 23.42
N GLY B 279 10.38 7.35 22.24
CA GLY B 279 10.05 8.55 21.44
C GLY B 279 8.59 8.58 21.01
N GLN B 280 8.03 7.46 20.53
CA GLN B 280 6.58 7.37 20.24
C GLN B 280 5.77 7.65 21.53
N LEU B 281 6.16 7.04 22.65
CA LEU B 281 5.50 7.24 23.97
C LEU B 281 5.46 8.74 24.30
N GLY B 282 6.58 9.43 24.15
CA GLY B 282 6.62 10.87 24.41
C GLY B 282 5.61 11.59 23.54
N PHE B 283 5.53 11.19 22.26
CA PHE B 283 4.72 11.84 21.20
C PHE B 283 3.23 11.73 21.56
N TYR B 284 2.77 10.53 21.95
CA TYR B 284 1.35 10.27 22.31
C TYR B 284 0.96 11.10 23.55
N ASN B 285 1.77 11.06 24.60
CA ASN B 285 1.52 11.81 25.86
C ASN B 285 1.47 13.31 25.60
N ALA B 286 2.43 13.83 24.82
CA ALA B 286 2.66 15.28 24.66
C ALA B 286 1.75 15.88 23.57
N VAL B 287 1.37 15.09 22.56
CA VAL B 287 0.70 15.66 21.34
C VAL B 287 -0.61 14.93 21.03
N ALA B 288 -0.55 13.64 20.71
CA ALA B 288 -1.72 12.87 20.20
C ALA B 288 -2.85 12.86 21.24
N ILE B 289 -2.61 12.34 22.46
CA ILE B 289 -3.67 12.14 23.49
C ILE B 289 -4.33 13.50 23.77
N PRO B 290 -3.56 14.57 24.06
CA PRO B 290 -4.17 15.88 24.27
C PRO B 290 -5.00 16.36 23.08
N CYS B 291 -4.49 16.14 21.87
CA CYS B 291 -5.21 16.45 20.61
C CYS B 291 -6.58 15.74 20.63
N TYR B 292 -6.63 14.41 20.75
CA TYR B 292 -7.88 13.63 20.57
C TYR B 292 -8.78 13.79 21.82
N THR B 293 -8.18 14.11 22.98
CA THR B 293 -8.92 14.40 24.24
C THR B 293 -9.73 15.67 23.97
N THR B 294 -9.08 16.76 23.62
CA THR B 294 -9.79 18.04 23.37
C THR B 294 -10.82 17.87 22.27
N LEU B 295 -10.53 17.05 21.26
CA LEU B 295 -11.46 16.90 20.10
C LEU B 295 -12.73 16.20 20.60
N THR B 296 -12.58 15.11 21.35
CA THR B 296 -13.71 14.34 21.94
C THR B 296 -14.59 15.26 22.80
N GLN B 297 -13.99 16.11 23.62
CA GLN B 297 -14.73 17.10 24.44
C GLN B 297 -15.57 18.02 23.55
N ILE B 298 -14.99 18.58 22.47
CA ILE B 298 -15.73 19.57 21.63
C ILE B 298 -16.71 18.81 20.72
N LEU B 299 -16.36 17.59 20.29
CA LEU B 299 -17.09 16.79 19.28
C LEU B 299 -17.11 15.36 19.79
N PRO B 300 -18.00 15.05 20.75
CA PRO B 300 -18.05 13.74 21.40
C PRO B 300 -18.12 12.48 20.52
N PRO B 301 -18.75 12.50 19.33
CA PRO B 301 -18.67 11.34 18.41
C PRO B 301 -17.26 10.98 17.85
N THR B 302 -16.22 11.81 18.12
CA THR B 302 -14.80 11.52 17.75
C THR B 302 -14.11 10.63 18.80
N GLU B 303 -14.83 10.27 19.87
CA GLU B 303 -14.39 9.32 20.92
C GLU B 303 -13.53 8.21 20.33
N PRO B 304 -13.95 7.51 19.25
CA PRO B 304 -13.25 6.30 18.83
C PRO B 304 -11.79 6.55 18.41
N LEU B 305 -11.47 7.78 18.02
CA LEU B 305 -10.08 8.27 17.75
C LEU B 305 -9.28 8.20 19.04
N LEU B 306 -9.77 8.84 20.09
CA LEU B 306 -9.09 8.88 21.41
C LEU B 306 -8.93 7.45 21.88
N LYS B 307 -9.97 6.62 21.76
CA LYS B 307 -9.93 5.24 22.28
C LYS B 307 -8.82 4.49 21.57
N ALA B 308 -8.80 4.56 20.24
CA ALA B 308 -7.76 3.94 19.37
C ALA B 308 -6.37 4.51 19.72
N CYS B 309 -6.28 5.82 19.97
CA CYS B 309 -5.01 6.47 20.34
C CYS B 309 -4.51 5.89 21.67
N ARG B 310 -5.40 5.71 22.67
CA ARG B 310 -5.06 5.15 24.01
CA ARG B 310 -5.07 5.14 24.00
C ARG B 310 -4.60 3.69 23.84
N ASP B 311 -5.28 2.94 22.97
CA ASP B 311 -4.91 1.55 22.63
C ASP B 311 -3.46 1.47 22.14
N ASN B 312 -3.08 2.37 21.23
CA ASN B 312 -1.75 2.36 20.58
C ASN B 312 -0.68 2.85 21.56
N LEU B 313 -0.98 3.83 22.41
CA LEU B 313 -0.07 4.22 23.53
C LEU B 313 0.24 2.96 24.34
N SER B 314 -0.81 2.24 24.72
CA SER B 314 -0.72 0.98 25.50
C SER B 314 0.17 -0.03 24.77
N GLN B 315 0.00 -0.18 23.45
CA GLN B 315 0.82 -1.12 22.61
C GLN B 315 2.30 -0.71 22.61
N TRP B 316 2.64 0.59 22.53
CA TRP B 316 4.05 1.07 22.59
C TRP B 316 4.61 0.81 23.98
N GLU B 317 3.79 0.92 25.03
CA GLU B 317 4.22 0.58 26.42
C GLU B 317 4.67 -0.88 26.44
N LYS B 318 3.88 -1.80 25.87
CA LYS B 318 4.26 -3.24 25.73
C LYS B 318 5.66 -3.36 25.13
N VAL B 319 5.91 -2.69 23.99
CA VAL B 319 7.20 -2.75 23.25
C VAL B 319 8.35 -2.35 24.17
N ILE B 320 8.23 -1.24 24.90
CA ILE B 320 9.36 -0.71 25.71
C ILE B 320 9.81 -1.75 26.74
N ARG B 321 8.85 -2.45 27.37
CA ARG B 321 9.09 -3.54 28.36
C ARG B 321 9.77 -4.73 27.65
N GLY B 322 9.10 -5.38 26.70
CA GLY B 322 9.70 -6.47 25.90
C GLY B 322 8.69 -7.55 25.53
N GLU B 323 7.39 -7.30 25.75
CA GLU B 323 6.28 -8.26 25.57
C GLU B 323 5.84 -8.33 24.10
N GLU B 324 6.39 -7.47 23.23
CA GLU B 324 6.17 -7.50 21.75
C GLU B 324 7.42 -7.00 20.99
N THR B 325 7.66 -7.57 19.78
CA THR B 325 8.59 -7.06 18.73
C THR B 325 7.86 -6.00 17.89
N GLY C 12 10.69 -11.68 -42.99
CA GLY C 12 11.73 -12.01 -41.97
C GLY C 12 13.14 -11.73 -42.47
N LEU C 13 13.41 -10.51 -42.93
CA LEU C 13 14.75 -10.07 -43.42
C LEU C 13 15.71 -9.81 -42.25
N MET C 14 15.24 -9.03 -41.25
CA MET C 14 15.97 -8.66 -40.02
C MET C 14 15.91 -9.84 -39.04
N GLN C 15 17.03 -10.53 -38.78
CA GLN C 15 17.12 -11.54 -37.70
C GLN C 15 17.79 -10.91 -36.48
N PHE C 16 17.72 -11.59 -35.33
CA PHE C 16 18.39 -11.15 -34.08
C PHE C 16 19.52 -12.12 -33.79
N THR C 17 20.66 -11.56 -33.38
CA THR C 17 21.80 -12.34 -32.85
C THR C 17 22.10 -11.84 -31.44
N LEU C 18 22.62 -12.76 -30.64
CA LEU C 18 23.08 -12.51 -29.27
C LEU C 18 24.61 -12.52 -29.28
N PRO C 19 25.27 -11.71 -28.43
CA PRO C 19 26.67 -11.90 -28.13
C PRO C 19 26.93 -13.39 -27.95
N VAL C 20 28.15 -13.82 -28.27
CA VAL C 20 28.56 -15.26 -28.26
C VAL C 20 28.17 -15.94 -26.95
N ARG C 21 28.40 -15.37 -25.76
CA ARG C 21 28.08 -16.14 -24.51
C ARG C 21 26.56 -16.31 -24.39
N LEU C 22 25.75 -15.32 -24.77
CA LEU C 22 24.27 -15.41 -24.64
C LEU C 22 23.75 -16.43 -25.64
N CYS C 23 24.23 -16.33 -26.88
CA CYS C 23 23.91 -17.22 -28.00
C CYS C 23 24.03 -18.69 -27.58
N LYS C 24 25.09 -19.01 -26.85
CA LYS C 24 25.47 -20.39 -26.44
C LYS C 24 24.73 -20.79 -25.15
N GLU C 25 24.60 -19.88 -24.19
CA GLU C 25 24.06 -20.15 -22.83
C GLU C 25 22.52 -20.17 -22.88
N ILE C 26 21.89 -19.47 -23.84
CA ILE C 26 20.41 -19.29 -23.86
C ILE C 26 19.71 -20.64 -24.12
N GLU C 27 20.42 -21.60 -24.70
CA GLU C 27 19.84 -22.94 -25.04
C GLU C 27 19.79 -23.79 -23.78
N LEU C 28 20.47 -23.40 -22.71
CA LEU C 28 20.50 -24.13 -21.42
C LEU C 28 19.25 -23.79 -20.56
N PHE C 29 18.69 -24.78 -19.90
CA PHE C 29 17.53 -24.59 -19.00
C PHE C 29 17.84 -23.59 -17.87
N HIS C 30 19.08 -23.47 -17.41
CA HIS C 30 19.43 -22.64 -16.22
C HIS C 30 19.96 -21.24 -16.63
N PHE C 31 19.95 -20.89 -17.90
CA PHE C 31 20.29 -19.51 -18.35
C PHE C 31 19.57 -18.49 -17.46
N ASP C 32 20.30 -17.47 -17.02
CA ASP C 32 19.77 -16.23 -16.39
C ASP C 32 19.80 -15.11 -17.42
N ILE C 33 18.70 -14.37 -17.62
CA ILE C 33 18.60 -13.33 -18.70
C ILE C 33 19.44 -12.07 -18.36
N GLY C 34 19.97 -11.94 -17.15
CA GLY C 34 20.89 -10.85 -16.82
C GLY C 34 20.18 -9.55 -16.45
N PRO C 35 20.93 -8.53 -15.92
CA PRO C 35 20.36 -7.31 -15.36
C PRO C 35 20.08 -6.14 -16.32
N PHE C 36 20.38 -6.31 -17.61
CA PHE C 36 20.18 -5.29 -18.67
C PHE C 36 18.77 -5.39 -19.26
N GLU C 37 17.81 -4.67 -18.70
CA GLU C 37 16.39 -4.64 -19.17
C GLU C 37 16.30 -4.46 -20.69
N ASN C 38 17.16 -3.63 -21.26
CA ASN C 38 17.03 -3.20 -22.67
C ASN C 38 17.35 -4.35 -23.61
N MET C 39 17.99 -5.41 -23.12
CA MET C 39 18.28 -6.62 -23.91
C MET C 39 17.13 -7.64 -23.86
N TRP C 40 16.21 -7.57 -22.91
CA TRP C 40 15.21 -8.64 -22.74
C TRP C 40 14.33 -8.72 -23.98
N PRO C 41 13.79 -7.60 -24.54
CA PRO C 41 12.97 -7.66 -25.75
C PRO C 41 13.69 -8.40 -26.90
N GLY C 42 14.92 -8.00 -27.20
CA GLY C 42 15.78 -8.67 -28.19
C GLY C 42 15.95 -10.16 -27.88
N ILE C 43 16.08 -10.52 -26.61
CA ILE C 43 16.23 -11.96 -26.20
C ILE C 43 14.93 -12.70 -26.49
N PHE C 44 13.78 -12.08 -26.20
CA PHE C 44 12.46 -12.70 -26.44
C PHE C 44 12.27 -12.90 -27.95
N VAL C 45 12.61 -11.89 -28.75
CA VAL C 45 12.46 -11.95 -30.23
C VAL C 45 13.39 -13.03 -30.78
N TYR C 46 14.63 -13.12 -30.29
CA TYR C 46 15.58 -14.19 -30.68
C TYR C 46 14.95 -15.56 -30.43
N MET C 47 14.31 -15.74 -29.27
CA MET C 47 13.69 -17.03 -28.89
C MET C 47 12.49 -17.30 -29.82
N VAL C 48 11.73 -16.28 -30.17
CA VAL C 48 10.56 -16.45 -31.07
C VAL C 48 11.06 -16.84 -32.46
N HIS C 49 12.10 -16.19 -33.00
CA HIS C 49 12.67 -16.50 -34.35
C HIS C 49 13.21 -17.93 -34.39
N ARG C 50 13.97 -18.37 -33.39
CA ARG C 50 14.53 -19.73 -33.34
C ARG C 50 13.45 -20.78 -33.04
N SER C 51 12.41 -20.40 -32.31
CA SER C 51 11.42 -21.34 -31.74
C SER C 51 10.29 -21.55 -32.74
N CYS C 52 9.86 -20.47 -33.36
CA CYS C 52 8.70 -20.45 -34.27
C CYS C 52 9.19 -20.36 -35.72
N GLY C 53 10.10 -19.41 -35.99
CA GLY C 53 10.58 -19.05 -37.34
C GLY C 53 10.59 -17.55 -37.51
N THR C 54 11.37 -17.03 -38.45
CA THR C 54 11.51 -15.58 -38.79
C THR C 54 10.20 -15.03 -39.39
N SER C 55 9.27 -15.91 -39.77
CA SER C 55 8.03 -15.61 -40.53
C SER C 55 6.82 -15.41 -39.61
N CYS C 56 6.78 -16.11 -38.46
CA CYS C 56 5.57 -16.33 -37.61
C CYS C 56 4.88 -15.02 -37.23
N PHE C 57 5.64 -13.93 -37.11
CA PHE C 57 5.14 -12.61 -36.65
C PHE C 57 5.70 -11.52 -37.54
N GLU C 58 4.97 -10.43 -37.75
CA GLU C 58 5.54 -9.20 -38.37
C GLU C 58 6.30 -8.45 -37.27
N LEU C 59 7.60 -8.24 -37.46
CA LEU C 59 8.52 -7.64 -36.46
C LEU C 59 8.03 -6.27 -35.98
N GLU C 60 7.50 -5.39 -36.84
CA GLU C 60 6.88 -4.10 -36.38
C GLU C 60 5.85 -4.41 -35.30
N LYS C 61 4.87 -5.27 -35.61
CA LYS C 61 3.68 -5.57 -34.75
C LYS C 61 4.13 -6.29 -33.47
N LEU C 62 5.16 -7.13 -33.55
CA LEU C 62 5.68 -7.91 -32.40
C LEU C 62 6.35 -6.96 -31.39
N CME C 63 7.24 -6.09 -31.89
CA CME C 63 7.99 -5.08 -31.11
CB CME C 63 9.04 -4.37 -31.95
SG CME C 63 10.59 -5.31 -32.06
SD CME C 63 11.22 -5.38 -30.10
CE CME C 63 12.99 -4.96 -30.17
CZ CME C 63 13.31 -3.69 -29.42
OH CME C 63 14.69 -3.58 -29.15
C CME C 63 7.02 -4.15 -30.38
O CME C 63 7.22 -3.97 -29.15
N ARG C 64 5.97 -3.61 -31.00
CA ARG C 64 5.08 -2.73 -30.22
C ARG C 64 4.16 -3.56 -29.31
N PHE C 65 3.87 -4.83 -29.63
CA PHE C 65 3.19 -5.78 -28.70
C PHE C 65 4.06 -5.94 -27.44
N ILE C 66 5.32 -6.35 -27.65
CA ILE C 66 6.32 -6.57 -26.55
C ILE C 66 6.42 -5.31 -25.69
N MET C 67 6.45 -4.12 -26.29
CA MET C 67 6.67 -2.86 -25.52
C MET C 67 5.38 -2.48 -24.79
N SER C 68 4.21 -2.79 -25.34
CA SER C 68 2.92 -2.58 -24.63
C SER C 68 2.80 -3.58 -23.46
N VAL C 69 3.25 -4.81 -23.66
CA VAL C 69 3.21 -5.83 -22.58
C VAL C 69 4.10 -5.34 -21.43
N LYS C 70 5.36 -5.00 -21.70
CA LYS C 70 6.32 -4.43 -20.69
C LYS C 70 5.68 -3.25 -19.93
N LYS C 71 5.09 -2.31 -20.66
CA LYS C 71 4.44 -1.09 -20.09
C LYS C 71 3.39 -1.50 -19.05
N ASN C 72 2.79 -2.69 -19.16
CA ASN C 72 1.69 -3.14 -18.26
C ASN C 72 2.16 -4.19 -17.24
N TYR C 73 3.47 -4.44 -17.12
CA TYR C 73 4.09 -5.06 -15.92
C TYR C 73 4.42 -3.95 -14.93
N ARG C 74 4.19 -4.16 -13.64
CA ARG C 74 4.44 -3.17 -12.57
C ARG C 74 5.84 -3.35 -11.98
N ARG C 75 6.31 -2.33 -11.26
CA ARG C 75 7.64 -2.36 -10.60
C ARG C 75 7.40 -2.97 -9.22
N VAL C 76 7.19 -4.27 -9.20
CA VAL C 76 7.07 -5.10 -7.98
C VAL C 76 8.35 -5.91 -7.88
N PRO C 77 8.66 -6.44 -6.69
CA PRO C 77 9.94 -7.13 -6.51
C PRO C 77 10.11 -8.39 -7.37
N TYR C 78 9.08 -9.21 -7.54
CA TYR C 78 9.21 -10.54 -8.20
C TYR C 78 8.37 -10.62 -9.48
N HIS C 79 7.07 -10.33 -9.38
CA HIS C 79 6.07 -10.50 -10.46
C HIS C 79 6.12 -9.35 -11.47
N ASN C 80 7.28 -9.21 -12.11
CA ASN C 80 7.64 -8.02 -12.90
C ASN C 80 8.03 -8.49 -14.31
N TRP C 81 8.42 -7.56 -15.15
CA TRP C 81 8.84 -7.82 -16.54
C TRP C 81 9.95 -8.87 -16.60
N LYS C 82 10.89 -8.85 -15.66
CA LYS C 82 12.05 -9.80 -15.67
C LYS C 82 11.54 -11.24 -15.52
N HIS C 83 10.55 -11.46 -14.65
CA HIS C 83 9.88 -12.76 -14.44
C HIS C 83 9.22 -13.21 -15.73
N ALA C 84 8.44 -12.33 -16.36
CA ALA C 84 7.80 -12.56 -17.67
C ALA C 84 8.79 -13.18 -18.66
N VAL C 85 9.95 -12.56 -18.88
CA VAL C 85 10.92 -13.00 -19.92
C VAL C 85 11.65 -14.26 -19.42
N THR C 86 11.86 -14.39 -18.11
CA THR C 86 12.52 -15.59 -17.51
C THR C 86 11.61 -16.80 -17.74
N VAL C 87 10.30 -16.60 -17.62
CA VAL C 87 9.32 -17.70 -17.77
C VAL C 87 9.24 -18.06 -19.27
N ALA C 88 9.20 -17.07 -20.15
CA ALA C 88 9.25 -17.28 -21.61
C ALA C 88 10.45 -18.12 -21.97
N HIS C 89 11.61 -17.85 -21.37
CA HIS C 89 12.89 -18.49 -21.73
C HIS C 89 12.84 -19.99 -21.36
N CYS C 90 12.35 -20.32 -20.17
CA CYS C 90 12.21 -21.72 -19.75
C CYS C 90 11.28 -22.42 -20.75
N MET C 91 10.18 -21.81 -21.13
CA MET C 91 9.29 -22.37 -22.16
C MET C 91 10.09 -22.59 -23.45
N TYR C 92 10.93 -21.61 -23.83
CA TYR C 92 11.82 -21.68 -25.02
C TYR C 92 12.67 -22.94 -24.92
N ALA C 93 13.32 -23.14 -23.79
CA ALA C 93 14.15 -24.33 -23.51
C ALA C 93 13.30 -25.61 -23.66
N ILE C 94 12.09 -25.67 -23.14
CA ILE C 94 11.28 -26.93 -23.22
C ILE C 94 10.93 -27.20 -24.69
N LEU C 95 10.41 -26.19 -25.39
CA LEU C 95 10.03 -26.27 -26.82
C LEU C 95 11.23 -26.70 -27.69
N GLN C 96 12.43 -26.12 -27.52
CA GLN C 96 13.59 -26.43 -28.40
C GLN C 96 14.12 -27.85 -28.14
N ASN C 97 13.85 -28.45 -26.98
CA ASN C 97 14.38 -29.79 -26.63
C ASN C 97 13.29 -30.85 -26.88
N ASN C 98 12.18 -30.43 -27.47
CA ASN C 98 11.00 -31.29 -27.74
C ASN C 98 10.36 -30.82 -29.04
N HIS C 99 11.12 -30.43 -30.06
CA HIS C 99 10.58 -29.56 -31.16
C HIS C 99 9.51 -30.34 -31.98
N THR C 100 9.63 -31.67 -32.04
CA THR C 100 8.75 -32.54 -32.86
C THR C 100 7.36 -32.62 -32.25
N LEU C 101 7.17 -32.30 -30.97
CA LEU C 101 5.93 -32.62 -30.22
C LEU C 101 4.89 -31.51 -30.35
N PHE C 102 5.22 -30.32 -30.87
CA PHE C 102 4.31 -29.14 -30.78
C PHE C 102 4.06 -28.52 -32.15
N THR C 103 2.80 -28.14 -32.36
CA THR C 103 2.30 -27.54 -33.64
C THR C 103 2.94 -26.16 -33.81
N ASP C 104 2.69 -25.54 -34.96
CA ASP C 104 3.06 -24.13 -35.26
C ASP C 104 2.35 -23.18 -34.26
N LEU C 105 1.02 -23.28 -34.18
CA LEU C 105 0.17 -22.42 -33.33
C LEU C 105 0.68 -22.49 -31.88
N GLU C 106 0.93 -23.71 -31.37
CA GLU C 106 1.37 -23.95 -29.97
C GLU C 106 2.69 -23.23 -29.69
N ARG C 107 3.68 -23.36 -30.58
CA ARG C 107 5.01 -22.69 -30.46
C ARG C 107 4.79 -21.17 -30.33
N LYS C 108 4.07 -20.56 -31.29
CA LYS C 108 3.65 -19.13 -31.29
C LYS C 108 2.98 -18.77 -29.96
N GLY C 109 1.92 -19.52 -29.63
CA GLY C 109 1.01 -19.22 -28.51
C GLY C 109 1.68 -19.26 -27.14
N LEU C 110 2.63 -20.16 -26.91
CA LEU C 110 3.07 -20.52 -25.54
C LEU C 110 4.14 -19.50 -25.12
N LEU C 111 4.98 -19.06 -26.06
CA LEU C 111 5.99 -18.01 -25.79
C LEU C 111 5.26 -16.73 -25.43
N ILE C 112 4.26 -16.36 -26.23
CA ILE C 112 3.38 -15.18 -25.97
C ILE C 112 2.64 -15.37 -24.64
N ALA C 113 2.03 -16.52 -24.39
CA ALA C 113 1.33 -16.76 -23.11
C ALA C 113 2.31 -16.56 -21.92
N CYS C 114 3.53 -17.05 -22.01
CA CYS C 114 4.52 -16.94 -20.91
C CYS C 114 4.90 -15.46 -20.73
N LEU C 115 5.09 -14.71 -21.81
CA LEU C 115 5.36 -13.25 -21.73
C LEU C 115 4.20 -12.55 -21.03
N CYS C 116 2.95 -12.96 -21.28
CA CYS C 116 1.75 -12.22 -20.80
C CYS C 116 1.20 -12.76 -19.48
N HIS C 117 1.70 -13.88 -18.94
CA HIS C 117 0.97 -14.71 -17.93
C HIS C 117 0.82 -13.99 -16.60
N ASP C 118 1.59 -12.92 -16.33
CA ASP C 118 1.45 -12.15 -15.09
C ASP C 118 1.18 -10.65 -15.36
N LEU C 119 0.67 -10.31 -16.54
CA LEU C 119 0.32 -8.92 -16.92
C LEU C 119 -0.45 -8.25 -15.80
N ASP C 120 0.03 -7.10 -15.33
CA ASP C 120 -0.67 -6.17 -14.41
C ASP C 120 -0.71 -6.75 -12.99
N HIS C 121 0.16 -7.70 -12.67
CA HIS C 121 0.28 -8.26 -11.30
C HIS C 121 0.61 -7.11 -10.35
N ARG C 122 -0.02 -7.07 -9.18
CA ARG C 122 0.21 -6.00 -8.17
C ARG C 122 1.10 -6.57 -7.06
N GLY C 123 1.57 -7.81 -7.19
CA GLY C 123 2.39 -8.43 -6.14
C GLY C 123 1.57 -9.06 -5.02
N PHE C 124 0.26 -9.22 -5.18
CA PHE C 124 -0.62 -9.87 -4.18
C PHE C 124 -1.26 -11.12 -4.79
N SER C 125 -1.42 -12.15 -3.97
CA SER C 125 -2.02 -13.45 -4.34
C SER C 125 -3.54 -13.32 -4.45
N ASN C 126 -4.18 -14.33 -5.04
CA ASN C 126 -5.65 -14.47 -5.16
C ASN C 126 -6.27 -14.42 -3.74
N SER C 127 -5.64 -14.99 -2.71
CA SER C 127 -6.19 -14.96 -1.33
C SER C 127 -6.39 -13.50 -0.90
N TYR C 128 -5.35 -12.67 -0.99
CA TYR C 128 -5.41 -11.28 -0.52
C TYR C 128 -6.52 -10.55 -1.26
N LEU C 129 -6.65 -10.72 -2.58
CA LEU C 129 -7.71 -10.01 -3.35
C LEU C 129 -9.06 -10.45 -2.81
N GLN C 130 -9.24 -11.73 -2.50
CA GLN C 130 -10.54 -12.26 -1.99
C GLN C 130 -10.82 -11.54 -0.68
N LYS C 131 -9.86 -11.62 0.23
CA LYS C 131 -10.00 -11.16 1.64
C LYS C 131 -10.09 -9.63 1.69
N PHE C 132 -9.42 -8.93 0.78
CA PHE C 132 -9.50 -7.46 0.63
C PHE C 132 -10.85 -7.07 0.06
N ASP C 133 -11.51 -8.01 -0.64
CA ASP C 133 -12.72 -7.76 -1.46
C ASP C 133 -12.36 -6.77 -2.58
N HIS C 134 -11.33 -7.07 -3.34
CA HIS C 134 -10.92 -6.28 -4.54
C HIS C 134 -11.98 -6.45 -5.61
N PRO C 135 -12.30 -5.42 -6.41
CA PRO C 135 -13.26 -5.55 -7.51
C PRO C 135 -13.05 -6.81 -8.36
N LEU C 136 -11.79 -7.16 -8.65
CA LEU C 136 -11.39 -8.31 -9.51
C LEU C 136 -11.89 -9.63 -8.90
N ALA C 137 -12.04 -9.71 -7.58
CA ALA C 137 -12.57 -10.92 -6.91
C ALA C 137 -14.05 -11.12 -7.21
N ALA C 138 -14.79 -10.05 -7.59
CA ALA C 138 -16.23 -10.12 -7.95
C ALA C 138 -16.34 -10.51 -9.42
N LEU C 139 -15.60 -9.81 -10.29
CA LEU C 139 -15.48 -10.11 -11.74
C LEU C 139 -15.06 -11.57 -11.99
N TYR C 140 -14.04 -12.08 -11.29
CA TYR C 140 -13.43 -13.42 -11.48
C TYR C 140 -13.33 -14.14 -10.14
N SER C 141 -14.34 -14.93 -9.81
CA SER C 141 -14.46 -15.59 -8.48
C SER C 141 -13.33 -16.59 -8.24
N THR C 142 -12.77 -17.21 -9.28
CA THR C 142 -11.61 -18.15 -9.10
C THR C 142 -10.51 -17.82 -10.10
N SER C 143 -9.28 -18.23 -9.81
CA SER C 143 -8.10 -17.87 -10.64
C SER C 143 -8.17 -16.37 -10.96
N THR C 144 -8.54 -15.56 -9.96
CA THR C 144 -8.85 -14.12 -10.08
C THR C 144 -7.81 -13.40 -10.93
N MET C 145 -6.55 -13.41 -10.50
CA MET C 145 -5.47 -12.65 -11.17
C MET C 145 -5.24 -13.25 -12.55
N GLU C 146 -5.43 -14.56 -12.72
CA GLU C 146 -5.01 -15.22 -13.98
C GLU C 146 -6.04 -14.86 -15.05
N GLN C 147 -7.31 -14.79 -14.67
CA GLN C 147 -8.35 -14.31 -15.61
C GLN C 147 -8.04 -12.84 -15.97
N HIS C 148 -7.54 -12.03 -15.03
CA HIS C 148 -7.13 -10.64 -15.32
C HIS C 148 -5.99 -10.66 -16.35
N HIS C 149 -4.98 -11.49 -16.13
CA HIS C 149 -3.79 -11.58 -17.02
C HIS C 149 -4.26 -11.87 -18.45
N PHE C 150 -5.11 -12.88 -18.63
CA PHE C 150 -5.63 -13.17 -20.00
C PHE C 150 -6.43 -11.96 -20.51
N SER C 151 -7.33 -11.44 -19.70
CA SER C 151 -8.13 -10.24 -20.05
C SER C 151 -7.19 -9.10 -20.50
N GLN C 152 -6.14 -8.81 -19.74
CA GLN C 152 -5.13 -7.77 -20.10
C GLN C 152 -4.42 -8.10 -21.42
N THR C 153 -4.22 -9.39 -21.69
CA THR C 153 -3.53 -9.87 -22.92
C THR C 153 -4.38 -9.59 -24.14
N VAL C 154 -5.67 -9.92 -24.08
CA VAL C 154 -6.63 -9.66 -25.21
C VAL C 154 -6.68 -8.14 -25.44
N SER C 155 -6.77 -7.31 -24.40
CA SER C 155 -6.80 -5.83 -24.52
C SER C 155 -5.62 -5.31 -25.35
N ILE C 156 -4.43 -5.86 -25.13
CA ILE C 156 -3.19 -5.41 -25.83
C ILE C 156 -3.24 -5.85 -27.30
N LEU C 157 -3.72 -7.05 -27.61
CA LEU C 157 -3.90 -7.52 -29.02
C LEU C 157 -4.93 -6.67 -29.78
N GLN C 158 -5.81 -5.94 -29.08
CA GLN C 158 -6.92 -5.17 -29.71
C GLN C 158 -6.54 -3.68 -29.86
N LEU C 159 -5.34 -3.30 -29.44
CA LEU C 159 -4.72 -1.97 -29.68
C LEU C 159 -4.36 -1.87 -31.17
N GLU C 160 -4.54 -0.69 -31.78
CA GLU C 160 -4.23 -0.46 -33.21
C GLU C 160 -2.75 -0.84 -33.39
N GLY C 161 -2.45 -1.72 -34.36
CA GLY C 161 -1.10 -2.14 -34.77
C GLY C 161 -0.46 -3.14 -33.82
N HIS C 162 -1.23 -3.79 -32.93
CA HIS C 162 -0.69 -4.75 -31.94
C HIS C 162 -1.13 -6.19 -32.23
N ASN C 163 -1.97 -6.42 -33.25
CA ASN C 163 -2.49 -7.79 -33.45
C ASN C 163 -1.45 -8.58 -34.23
N ILE C 164 -0.49 -9.17 -33.49
CA ILE C 164 0.57 -10.06 -34.01
C ILE C 164 -0.01 -11.31 -34.66
N PHE C 165 -1.30 -11.61 -34.49
CA PHE C 165 -1.91 -12.83 -35.07
C PHE C 165 -2.85 -12.48 -36.24
N SER C 166 -2.76 -11.28 -36.78
CA SER C 166 -3.68 -10.79 -37.86
C SER C 166 -3.61 -11.70 -39.11
N THR C 167 -2.46 -12.30 -39.40
CA THR C 167 -2.25 -13.15 -40.60
C THR C 167 -2.93 -14.53 -40.50
N LEU C 168 -3.25 -15.00 -39.29
CA LEU C 168 -3.86 -16.34 -39.07
C LEU C 168 -5.27 -16.28 -39.67
N SER C 169 -5.81 -17.41 -40.12
CA SER C 169 -7.25 -17.60 -40.44
C SER C 169 -8.08 -17.43 -39.17
N SER C 170 -9.38 -17.24 -39.29
CA SER C 170 -10.29 -17.01 -38.13
C SER C 170 -10.21 -18.24 -37.23
N SER C 171 -9.96 -19.42 -37.80
CA SER C 171 -9.96 -20.72 -37.07
C SER C 171 -8.73 -20.78 -36.18
N GLU C 172 -7.58 -20.58 -36.81
CA GLU C 172 -6.26 -20.54 -36.17
C GLU C 172 -6.25 -19.44 -35.10
N TYR C 173 -6.88 -18.30 -35.34
CA TYR C 173 -6.92 -17.16 -34.39
C TYR C 173 -7.68 -17.61 -33.15
N GLU C 174 -8.89 -18.14 -33.32
CA GLU C 174 -9.69 -18.73 -32.21
C GLU C 174 -8.83 -19.76 -31.43
N GLN C 175 -8.06 -20.58 -32.13
CA GLN C 175 -7.29 -21.68 -31.51
C GLN C 175 -6.14 -21.13 -30.66
N VAL C 176 -5.36 -20.21 -31.20
CA VAL C 176 -4.15 -19.68 -30.50
C VAL C 176 -4.62 -18.92 -29.27
N LEU C 177 -5.75 -18.21 -29.35
CA LEU C 177 -6.32 -17.48 -28.20
C LEU C 177 -6.75 -18.47 -27.13
N GLU C 178 -7.30 -19.60 -27.52
CA GLU C 178 -7.76 -20.65 -26.57
C GLU C 178 -6.53 -21.33 -25.94
N ILE C 179 -5.48 -21.61 -26.72
CA ILE C 179 -4.19 -22.08 -26.19
C ILE C 179 -3.66 -21.09 -25.14
N ILE C 180 -3.70 -19.79 -25.44
CA ILE C 180 -3.15 -18.74 -24.54
C ILE C 180 -3.97 -18.68 -23.26
N ARG C 181 -5.29 -18.65 -23.37
CA ARG C 181 -6.19 -18.59 -22.18
C ARG C 181 -5.85 -19.75 -21.24
N LYS C 182 -5.90 -20.97 -21.74
CA LYS C 182 -5.75 -22.20 -20.91
C LYS C 182 -4.37 -22.16 -20.24
N ALA C 183 -3.34 -21.81 -21.01
CA ALA C 183 -1.93 -21.74 -20.55
C ALA C 183 -1.80 -20.77 -19.37
N ILE C 184 -2.44 -19.60 -19.46
CA ILE C 184 -2.34 -18.52 -18.44
C ILE C 184 -3.17 -18.91 -17.22
N ILE C 185 -4.36 -19.47 -17.46
CA ILE C 185 -5.22 -19.98 -16.36
C ILE C 185 -4.45 -21.07 -15.62
N ALA C 186 -3.66 -21.92 -16.31
CA ALA C 186 -2.91 -23.04 -15.69
C ALA C 186 -1.87 -22.55 -14.69
N THR C 187 -1.40 -21.28 -14.79
CA THR C 187 -0.38 -20.72 -13.88
C THR C 187 -1.01 -20.42 -12.52
N ASP C 188 -2.33 -20.58 -12.34
CA ASP C 188 -2.94 -20.59 -10.97
C ASP C 188 -2.50 -21.87 -10.26
N LEU C 189 -1.63 -21.74 -9.27
CA LEU C 189 -1.04 -22.92 -8.59
C LEU C 189 -2.12 -23.76 -7.89
N ALA C 190 -3.24 -23.18 -7.45
CA ALA C 190 -4.37 -23.93 -6.88
C ALA C 190 -4.85 -25.00 -7.88
N LEU C 191 -4.66 -24.80 -9.19
CA LEU C 191 -5.17 -25.73 -10.25
C LEU C 191 -4.08 -26.76 -10.59
N TYR C 192 -2.83 -26.45 -10.29
CA TYR C 192 -1.68 -27.34 -10.58
C TYR C 192 -1.82 -28.68 -9.86
N PHE C 193 -2.20 -28.69 -8.58
CA PHE C 193 -2.28 -29.95 -7.79
C PHE C 193 -3.19 -30.98 -8.49
N GLY C 194 -4.42 -30.57 -8.82
CA GLY C 194 -5.43 -31.35 -9.59
C GLY C 194 -4.92 -31.80 -10.96
N ASN C 195 -4.24 -30.91 -11.67
CA ASN C 195 -3.77 -31.14 -13.06
C ASN C 195 -2.68 -32.22 -13.04
N ARG C 196 -1.68 -32.03 -12.17
CA ARG C 196 -0.52 -32.94 -12.03
C ARG C 196 -0.98 -34.35 -11.61
N LYS C 197 -1.87 -34.45 -10.62
CA LYS C 197 -2.44 -35.75 -10.19
C LYS C 197 -3.13 -36.42 -11.39
N GLN C 198 -4.00 -35.73 -12.12
CA GLN C 198 -4.66 -36.29 -13.33
C GLN C 198 -3.59 -36.73 -14.34
N LEU C 199 -2.56 -35.93 -14.61
CA LEU C 199 -1.53 -36.25 -15.62
C LEU C 199 -0.72 -37.48 -15.18
N GLU C 200 -0.40 -37.55 -13.90
CA GLU C 200 0.42 -38.64 -13.29
C GLU C 200 -0.35 -39.96 -13.46
N GLU C 201 -1.61 -39.99 -13.06
CA GLU C 201 -2.52 -41.15 -13.30
C GLU C 201 -2.51 -41.52 -14.78
N MET C 202 -2.62 -40.55 -15.71
CA MET C 202 -2.78 -40.88 -17.14
C MET C 202 -1.49 -41.53 -17.62
N TYR C 203 -0.36 -40.93 -17.25
CA TYR C 203 0.99 -41.41 -17.61
C TYR C 203 1.21 -42.85 -17.11
N GLN C 204 0.99 -43.10 -15.82
CA GLN C 204 1.28 -44.38 -15.16
C GLN C 204 0.37 -45.50 -15.69
N THR C 205 -0.89 -45.22 -16.07
CA THR C 205 -1.82 -46.24 -16.61
C THR C 205 -1.58 -46.43 -18.11
N GLY C 206 -0.83 -45.53 -18.73
CA GLY C 206 -0.53 -45.58 -20.17
C GLY C 206 -1.63 -45.00 -21.05
N SER C 207 -2.68 -44.40 -20.48
CA SER C 207 -3.82 -43.83 -21.26
C SER C 207 -3.49 -42.44 -21.83
N LEU C 208 -2.33 -41.86 -21.47
CA LEU C 208 -1.91 -40.51 -21.93
C LEU C 208 -1.67 -40.52 -23.45
N ASN C 209 -2.38 -39.64 -24.16
CA ASN C 209 -2.42 -39.59 -25.64
C ASN C 209 -2.26 -38.11 -26.03
N LEU C 210 -1.13 -37.72 -26.58
CA LEU C 210 -0.91 -36.33 -27.07
C LEU C 210 -1.77 -35.99 -28.28
N ASN C 211 -2.48 -36.94 -28.90
CA ASN C 211 -3.46 -36.68 -29.98
C ASN C 211 -4.83 -36.38 -29.37
N ASN C 212 -4.98 -36.51 -28.05
CA ASN C 212 -6.18 -36.08 -27.30
C ASN C 212 -5.97 -34.64 -26.79
N GLN C 213 -6.82 -33.69 -27.22
CA GLN C 213 -6.69 -32.25 -26.96
C GLN C 213 -6.78 -32.00 -25.45
N SER C 214 -7.69 -32.64 -24.72
CA SER C 214 -7.81 -32.49 -23.24
C SER C 214 -6.51 -32.97 -22.56
N HIS C 215 -5.87 -34.01 -23.10
CA HIS C 215 -4.57 -34.48 -22.57
C HIS C 215 -3.47 -33.48 -22.89
N ARG C 216 -3.39 -32.97 -24.12
CA ARG C 216 -2.40 -31.95 -24.53
C ARG C 216 -2.52 -30.72 -23.63
N ASP C 217 -3.75 -30.27 -23.41
CA ASP C 217 -4.10 -29.13 -22.53
C ASP C 217 -3.45 -29.32 -21.16
N ARG C 218 -3.60 -30.52 -20.59
CA ARG C 218 -3.07 -30.83 -19.24
C ARG C 218 -1.55 -30.80 -19.29
N VAL C 219 -0.96 -31.33 -20.36
CA VAL C 219 0.52 -31.33 -20.52
C VAL C 219 1.03 -29.88 -20.63
N ILE C 220 0.38 -29.04 -21.44
CA ILE C 220 0.76 -27.61 -21.55
C ILE C 220 0.55 -26.93 -20.18
N GLY C 221 -0.49 -27.27 -19.45
CA GLY C 221 -0.69 -26.73 -18.08
C GLY C 221 0.54 -26.97 -17.22
N LEU C 222 1.01 -28.20 -17.19
CA LEU C 222 2.17 -28.61 -16.37
C LEU C 222 3.42 -27.88 -16.84
N MET C 223 3.63 -27.76 -18.15
CA MET C 223 4.75 -26.97 -18.73
C MET C 223 4.66 -25.53 -18.20
N MET C 224 3.47 -24.97 -18.10
CA MET C 224 3.32 -23.55 -17.69
C MET C 224 3.74 -23.43 -16.22
N THR C 225 3.28 -24.36 -15.40
CA THR C 225 3.65 -24.42 -13.96
C THR C 225 5.16 -24.54 -13.88
N ALA C 226 5.76 -25.45 -14.65
CA ALA C 226 7.21 -25.73 -14.60
C ALA C 226 7.95 -24.43 -14.92
N CYS C 227 7.50 -23.73 -15.96
CA CYS C 227 8.12 -22.47 -16.43
C CYS C 227 7.97 -21.38 -15.36
N ASP C 228 6.78 -21.24 -14.79
CA ASP C 228 6.47 -20.24 -13.73
C ASP C 228 7.37 -20.45 -12.50
N LEU C 229 7.71 -21.69 -12.17
CA LEU C 229 8.45 -22.01 -10.93
C LEU C 229 9.93 -22.06 -11.22
N CYS C 230 10.37 -21.72 -12.42
CA CYS C 230 11.74 -22.08 -12.89
C CYS C 230 12.80 -21.35 -12.07
N SER C 231 12.40 -20.48 -11.15
CA SER C 231 13.36 -19.83 -10.22
C SER C 231 14.09 -20.90 -9.40
N VAL C 232 13.42 -22.02 -9.10
CA VAL C 232 14.00 -23.14 -8.31
C VAL C 232 14.84 -24.06 -9.20
N THR C 233 15.07 -23.75 -10.48
CA THR C 233 15.89 -24.61 -11.39
C THR C 233 17.15 -23.88 -11.87
N LYS C 234 17.42 -22.68 -11.37
CA LYS C 234 18.63 -21.92 -11.73
C LYS C 234 19.79 -22.44 -10.89
N LEU C 235 21.01 -22.03 -11.21
CA LEU C 235 22.19 -22.27 -10.33
C LEU C 235 21.98 -21.56 -8.99
N TRP C 236 22.53 -22.15 -7.92
CA TRP C 236 22.22 -21.78 -6.52
C TRP C 236 22.35 -20.27 -6.28
N PRO C 237 23.40 -19.58 -6.79
CA PRO C 237 23.51 -18.14 -6.57
C PRO C 237 22.27 -17.38 -7.11
N VAL C 238 21.72 -17.84 -8.25
CA VAL C 238 20.52 -17.17 -8.84
C VAL C 238 19.32 -17.49 -7.96
N THR C 239 19.21 -18.72 -7.51
CA THR C 239 17.99 -19.22 -6.85
C THR C 239 17.89 -18.49 -5.52
N LYS C 240 19.03 -18.41 -4.83
CA LYS C 240 19.19 -17.70 -3.54
C LYS C 240 18.74 -16.24 -3.69
N LEU C 241 19.27 -15.51 -4.66
CA LEU C 241 18.93 -14.06 -4.84
C LEU C 241 17.46 -13.92 -5.23
N THR C 242 16.89 -14.79 -6.08
CA THR C 242 15.47 -14.66 -6.46
C THR C 242 14.56 -14.85 -5.24
N ALA C 243 14.94 -15.73 -4.31
CA ALA C 243 14.16 -16.03 -3.08
C ALA C 243 13.90 -14.73 -2.29
N ASN C 244 14.90 -13.85 -2.25
CA ASN C 244 14.80 -12.49 -1.65
C ASN C 244 13.62 -11.72 -2.23
N ASP C 245 13.52 -11.70 -3.57
CA ASP C 245 12.46 -10.95 -4.30
C ASP C 245 11.12 -11.60 -4.05
N ILE C 246 11.07 -12.93 -4.02
CA ILE C 246 9.81 -13.69 -3.78
C ILE C 246 9.29 -13.33 -2.39
N TYR C 247 10.18 -13.35 -1.41
CA TYR C 247 9.82 -13.12 -0.01
C TYR C 247 9.50 -11.65 0.21
N ALA C 248 10.15 -10.73 -0.52
CA ALA C 248 9.81 -9.30 -0.43
C ALA C 248 8.32 -9.16 -0.75
N GLU C 249 7.80 -9.85 -1.77
CA GLU C 249 6.34 -9.77 -2.09
C GLU C 249 5.50 -10.49 -1.02
N PHE C 250 5.89 -11.70 -0.62
CA PHE C 250 5.15 -12.45 0.42
C PHE C 250 5.02 -11.59 1.68
N TRP C 251 6.13 -11.00 2.13
CA TRP C 251 6.14 -10.25 3.41
C TRP C 251 5.28 -9.01 3.28
N ALA C 252 5.31 -8.32 2.13
CA ALA C 252 4.46 -7.14 1.91
C ALA C 252 3.01 -7.60 1.92
N GLU C 253 2.71 -8.76 1.33
CA GLU C 253 1.33 -9.34 1.37
C GLU C 253 0.95 -9.56 2.84
N GLY C 254 1.82 -10.20 3.61
CA GLY C 254 1.61 -10.44 5.05
C GLY C 254 1.30 -9.15 5.81
N ASP C 255 2.10 -8.10 5.62
CA ASP C 255 1.86 -6.78 6.26
C ASP C 255 0.42 -6.40 5.99
N GLU C 256 -0.04 -6.54 4.74
CA GLU C 256 -1.38 -6.08 4.30
C GLU C 256 -2.42 -7.00 4.92
N MET C 257 -2.10 -8.28 5.07
CA MET C 257 -3.00 -9.23 5.74
C MET C 257 -3.22 -8.68 7.16
N LYS C 258 -2.14 -8.30 7.84
CA LYS C 258 -2.17 -7.78 9.24
C LYS C 258 -3.04 -6.52 9.29
N LYS C 259 -2.94 -5.66 8.28
CA LYS C 259 -3.76 -4.43 8.24
C LYS C 259 -5.25 -4.79 8.06
N LEU C 260 -5.58 -5.98 7.55
CA LEU C 260 -7.00 -6.35 7.32
C LEU C 260 -7.59 -6.87 8.62
N GLY C 261 -6.77 -7.12 9.62
CA GLY C 261 -7.17 -7.78 10.87
C GLY C 261 -6.94 -9.28 10.82
N ILE C 262 -6.19 -9.78 9.84
CA ILE C 262 -5.98 -11.25 9.66
C ILE C 262 -4.51 -11.58 9.91
N GLN C 263 -4.23 -12.58 10.74
CA GLN C 263 -2.86 -13.14 10.89
C GLN C 263 -2.52 -13.91 9.62
N PRO C 264 -1.39 -13.61 8.94
CA PRO C 264 -1.06 -14.27 7.68
C PRO C 264 -0.46 -15.65 7.95
N ILE C 265 -0.46 -16.52 6.94
CA ILE C 265 0.30 -17.79 6.99
C ILE C 265 1.77 -17.44 7.21
N PRO C 266 2.56 -18.33 7.86
CA PRO C 266 3.96 -18.04 8.18
C PRO C 266 4.85 -17.61 6.99
N MET C 267 4.56 -18.16 5.81
CA MET C 267 5.28 -17.87 4.55
C MET C 267 5.34 -16.34 4.35
N MET C 268 4.27 -15.63 4.73
CA MET C 268 4.05 -14.20 4.39
C MET C 268 4.30 -13.31 5.61
N ASP C 269 4.65 -13.89 6.76
CA ASP C 269 4.93 -13.15 8.03
C ASP C 269 6.43 -12.85 8.08
N ARG C 270 6.82 -11.58 8.13
CA ARG C 270 8.26 -11.22 8.12
C ARG C 270 8.91 -11.54 9.48
N ASP C 271 8.12 -11.67 10.55
CA ASP C 271 8.59 -12.03 11.91
C ASP C 271 9.04 -13.50 11.95
N LYS C 272 8.56 -14.35 11.03
CA LYS C 272 8.89 -15.81 11.00
C LYS C 272 9.95 -16.09 9.92
N LYS C 273 10.85 -15.12 9.71
CA LYS C 273 11.90 -15.08 8.65
C LYS C 273 12.96 -16.15 8.86
N ASP C 274 13.29 -16.47 10.12
CA ASP C 274 14.25 -17.51 10.56
C ASP C 274 13.90 -18.88 9.93
N GLU C 275 12.61 -19.24 9.84
CA GLU C 275 12.09 -20.57 9.38
C GLU C 275 12.06 -20.66 7.84
N VAL C 276 12.67 -19.72 7.09
CA VAL C 276 12.53 -19.68 5.59
C VAL C 276 13.12 -20.96 5.00
N PRO C 277 14.32 -21.42 5.43
CA PRO C 277 14.92 -22.62 4.85
C PRO C 277 14.05 -23.87 4.98
N GLN C 278 13.43 -24.06 6.15
CA GLN C 278 12.46 -25.18 6.38
C GLN C 278 11.31 -25.02 5.39
N GLY C 279 10.87 -23.77 5.17
CA GLY C 279 9.70 -23.43 4.35
C GLY C 279 9.95 -23.75 2.89
N GLN C 280 11.15 -23.45 2.41
CA GLN C 280 11.61 -23.77 1.02
C GLN C 280 11.67 -25.29 0.87
N LEU C 281 12.36 -26.01 1.77
CA LEU C 281 12.33 -27.50 1.86
C LEU C 281 10.90 -28.00 1.60
N GLY C 282 9.94 -27.56 2.40
CA GLY C 282 8.54 -27.95 2.29
C GLY C 282 7.96 -27.65 0.91
N PHE C 283 8.35 -26.53 0.30
CA PHE C 283 7.81 -26.11 -1.02
C PHE C 283 8.37 -27.05 -2.10
N TYR C 284 9.67 -27.37 -2.04
CA TYR C 284 10.37 -28.25 -3.01
C TYR C 284 9.82 -29.68 -2.94
N ASN C 285 9.56 -30.20 -1.74
CA ASN C 285 9.03 -31.57 -1.53
C ASN C 285 7.57 -31.64 -1.98
N ALA C 286 6.77 -30.63 -1.65
CA ALA C 286 5.30 -30.67 -1.85
C ALA C 286 4.91 -30.25 -3.27
N VAL C 287 5.70 -29.38 -3.93
CA VAL C 287 5.30 -28.67 -5.19
C VAL C 287 6.37 -28.89 -6.28
N ALA C 288 7.56 -28.35 -6.09
CA ALA C 288 8.56 -28.21 -7.15
C ALA C 288 8.97 -29.59 -7.64
N ILE C 289 9.41 -30.48 -6.75
CA ILE C 289 9.96 -31.81 -7.13
C ILE C 289 8.88 -32.61 -7.86
N PRO C 290 7.67 -32.83 -7.29
CA PRO C 290 6.61 -33.50 -8.04
C PRO C 290 6.38 -32.89 -9.43
N CYS C 291 6.41 -31.56 -9.49
CA CYS C 291 6.13 -30.83 -10.74
C CYS C 291 7.16 -31.27 -11.77
N TYR C 292 8.46 -31.13 -11.49
CA TYR C 292 9.54 -31.45 -12.47
C TYR C 292 9.68 -32.98 -12.60
N THR C 293 9.24 -33.75 -11.60
CA THR C 293 9.22 -35.24 -11.66
C THR C 293 8.22 -35.63 -12.76
N THR C 294 6.96 -35.23 -12.64
CA THR C 294 5.92 -35.53 -13.65
C THR C 294 6.32 -35.00 -15.03
N LEU C 295 6.87 -33.79 -15.13
CA LEU C 295 7.25 -33.21 -16.44
C LEU C 295 8.37 -34.02 -17.11
N THR C 296 9.33 -34.52 -16.32
CA THR C 296 10.46 -35.34 -16.84
C THR C 296 9.94 -36.67 -17.40
N GLN C 297 9.06 -37.38 -16.69
CA GLN C 297 8.37 -38.62 -17.15
C GLN C 297 7.69 -38.38 -18.51
N ILE C 298 6.88 -37.34 -18.64
CA ILE C 298 6.09 -37.08 -19.88
C ILE C 298 7.04 -36.57 -20.96
N LEU C 299 8.01 -35.69 -20.63
CA LEU C 299 8.99 -35.10 -21.57
C LEU C 299 10.39 -35.31 -21.03
N PRO C 300 11.06 -36.43 -21.37
CA PRO C 300 12.37 -36.75 -20.81
C PRO C 300 13.46 -35.72 -21.07
N PRO C 301 13.50 -35.02 -22.24
CA PRO C 301 14.49 -33.96 -22.43
C PRO C 301 14.44 -32.77 -21.44
N THR C 302 13.40 -32.64 -20.59
CA THR C 302 13.30 -31.54 -19.59
C THR C 302 13.98 -31.94 -18.28
N GLU C 303 14.73 -33.03 -18.31
CA GLU C 303 15.40 -33.66 -17.14
C GLU C 303 16.30 -32.67 -16.41
N PRO C 304 17.09 -31.83 -17.11
CA PRO C 304 17.94 -30.86 -16.42
C PRO C 304 17.20 -29.95 -15.42
N LEU C 305 15.92 -29.64 -15.67
CA LEU C 305 15.10 -28.84 -14.72
C LEU C 305 14.98 -29.61 -13.40
N LEU C 306 14.71 -30.92 -13.49
CA LEU C 306 14.49 -31.77 -12.30
C LEU C 306 15.81 -31.86 -11.56
N LYS C 307 16.90 -31.99 -12.31
CA LYS C 307 18.25 -32.20 -11.75
C LYS C 307 18.66 -30.92 -11.01
N ALA C 308 18.42 -29.76 -11.63
CA ALA C 308 18.80 -28.46 -11.04
C ALA C 308 17.96 -28.20 -9.79
N CYS C 309 16.69 -28.55 -9.81
CA CYS C 309 15.75 -28.43 -8.65
C CYS C 309 16.24 -29.28 -7.45
N ARG C 310 16.61 -30.55 -7.69
CA ARG C 310 17.14 -31.47 -6.63
CA ARG C 310 17.17 -31.48 -6.66
C ARG C 310 18.43 -30.84 -6.06
N ASP C 311 19.30 -30.31 -6.90
CA ASP C 311 20.53 -29.64 -6.42
C ASP C 311 20.19 -28.48 -5.48
N ASN C 312 19.14 -27.72 -5.80
CA ASN C 312 18.75 -26.52 -5.03
C ASN C 312 18.12 -27.00 -3.70
N LEU C 313 17.33 -28.07 -3.71
CA LEU C 313 16.78 -28.68 -2.48
C LEU C 313 17.94 -29.04 -1.54
N SER C 314 18.99 -29.64 -2.10
CA SER C 314 20.18 -30.08 -1.33
C SER C 314 20.93 -28.87 -0.75
N GLN C 315 20.94 -27.72 -1.45
CA GLN C 315 21.51 -26.44 -0.94
C GLN C 315 20.63 -25.88 0.17
N TRP C 316 19.30 -26.01 0.11
CA TRP C 316 18.43 -25.55 1.21
C TRP C 316 18.67 -26.43 2.43
N GLU C 317 18.94 -27.72 2.24
CA GLU C 317 19.27 -28.67 3.34
C GLU C 317 20.57 -28.21 4.00
N LYS C 318 21.63 -27.91 3.22
CA LYS C 318 22.92 -27.40 3.75
C LYS C 318 22.62 -26.18 4.63
N VAL C 319 21.85 -25.21 4.13
CA VAL C 319 21.45 -24.01 4.91
C VAL C 319 20.76 -24.47 6.20
N ILE C 320 19.68 -25.27 6.15
CA ILE C 320 18.93 -25.69 7.38
C ILE C 320 19.93 -26.21 8.42
N ARG C 321 21.00 -26.89 7.99
CA ARG C 321 21.98 -27.55 8.90
C ARG C 321 23.09 -26.58 9.29
N GLY C 322 22.89 -25.27 9.14
CA GLY C 322 23.88 -24.22 9.51
C GLY C 322 25.16 -24.23 8.68
N GLU C 323 25.22 -24.92 7.52
CA GLU C 323 26.45 -25.05 6.67
C GLU C 323 26.50 -23.94 5.59
N GLU C 324 25.47 -23.09 5.52
CA GLU C 324 25.46 -21.81 4.74
C GLU C 324 24.32 -20.92 5.25
N TRP D 10 -47.04 -35.82 1.98
CA TRP D 10 -48.28 -36.17 1.25
C TRP D 10 -49.34 -35.09 1.50
N GLN D 11 -49.64 -34.83 2.79
CA GLN D 11 -50.44 -33.68 3.30
C GLN D 11 -49.49 -32.56 3.80
N GLY D 12 -48.17 -32.80 3.78
CA GLY D 12 -47.11 -31.85 4.18
C GLY D 12 -46.66 -30.92 3.05
N LEU D 13 -47.54 -30.67 2.08
CA LEU D 13 -47.35 -29.72 0.96
C LEU D 13 -48.05 -28.38 1.29
N MET D 14 -48.37 -28.14 2.57
CA MET D 14 -49.26 -27.05 3.05
C MET D 14 -48.41 -25.87 3.55
N GLN D 15 -47.68 -25.20 2.65
CA GLN D 15 -46.82 -24.02 2.95
C GLN D 15 -47.70 -22.80 3.29
N PHE D 16 -47.08 -21.72 3.78
CA PHE D 16 -47.73 -20.40 3.98
C PHE D 16 -47.23 -19.43 2.91
N THR D 17 -48.16 -18.70 2.29
CA THR D 17 -47.85 -17.57 1.37
C THR D 17 -48.23 -16.27 2.09
N LEU D 18 -47.46 -15.21 1.88
CA LEU D 18 -47.83 -13.84 2.30
C LEU D 18 -48.33 -13.08 1.08
N PRO D 19 -49.18 -12.05 1.24
CA PRO D 19 -49.44 -11.10 0.17
C PRO D 19 -48.13 -10.53 -0.40
N VAL D 20 -48.12 -10.25 -1.69
CA VAL D 20 -46.92 -9.82 -2.47
C VAL D 20 -46.10 -8.84 -1.62
N ARG D 21 -46.66 -7.69 -1.20
CA ARG D 21 -45.85 -6.64 -0.52
C ARG D 21 -45.09 -7.26 0.67
N LEU D 22 -45.75 -8.13 1.45
CA LEU D 22 -45.17 -8.75 2.69
C LEU D 22 -44.12 -9.78 2.30
N CYS D 23 -44.45 -10.61 1.31
CA CYS D 23 -43.59 -11.67 0.72
C CYS D 23 -42.24 -11.06 0.32
N LYS D 24 -42.29 -9.83 -0.22
CA LYS D 24 -41.17 -9.02 -0.75
C LYS D 24 -40.44 -8.27 0.37
N GLU D 25 -41.18 -7.58 1.26
CA GLU D 25 -40.59 -6.61 2.22
C GLU D 25 -40.09 -7.33 3.49
N ILE D 26 -40.56 -8.56 3.74
CA ILE D 26 -40.17 -9.35 4.95
C ILE D 26 -38.68 -9.68 4.89
N GLU D 27 -38.09 -9.69 3.68
CA GLU D 27 -36.65 -9.97 3.47
C GLU D 27 -35.82 -8.79 3.98
N LEU D 28 -36.35 -7.56 3.85
CA LEU D 28 -35.68 -6.31 4.31
C LEU D 28 -35.56 -6.33 5.86
N PHE D 29 -34.45 -5.83 6.39
CA PHE D 29 -34.19 -5.68 7.85
C PHE D 29 -35.23 -4.77 8.50
N HIS D 30 -35.69 -3.70 7.82
CA HIS D 30 -36.54 -2.63 8.43
C HIS D 30 -38.04 -2.97 8.37
N PHE D 31 -38.42 -4.06 7.68
CA PHE D 31 -39.83 -4.53 7.57
C PHE D 31 -40.56 -4.41 8.92
N ASP D 32 -41.79 -3.87 8.93
CA ASP D 32 -42.67 -3.85 10.12
C ASP D 32 -43.79 -4.87 9.90
N ILE D 33 -44.05 -5.74 10.89
CA ILE D 33 -44.98 -6.91 10.77
C ILE D 33 -46.45 -6.44 10.67
N GLY D 34 -46.72 -5.15 10.96
CA GLY D 34 -48.04 -4.51 10.74
C GLY D 34 -48.93 -4.57 11.98
N PRO D 35 -50.12 -3.92 11.93
CA PRO D 35 -51.03 -3.90 13.09
C PRO D 35 -52.06 -5.04 13.19
N PHE D 36 -52.00 -6.08 12.35
CA PHE D 36 -52.97 -7.21 12.31
C PHE D 36 -52.42 -8.41 13.12
N GLU D 37 -52.78 -8.49 14.41
CA GLU D 37 -52.34 -9.54 15.37
C GLU D 37 -52.50 -10.93 14.76
N ASN D 38 -53.62 -11.17 14.06
CA ASN D 38 -54.01 -12.51 13.54
C ASN D 38 -53.06 -12.97 12.43
N MET D 39 -52.25 -12.08 11.85
CA MET D 39 -51.30 -12.45 10.76
C MET D 39 -49.92 -12.78 11.34
N TRP D 40 -49.59 -12.30 12.54
CA TRP D 40 -48.22 -12.43 13.08
C TRP D 40 -47.84 -13.91 13.18
N PRO D 41 -48.74 -14.82 13.65
CA PRO D 41 -48.40 -16.24 13.71
C PRO D 41 -48.12 -16.83 12.31
N GLY D 42 -48.96 -16.52 11.32
CA GLY D 42 -48.73 -16.90 9.91
C GLY D 42 -47.39 -16.39 9.38
N ILE D 43 -46.98 -15.18 9.79
CA ILE D 43 -45.70 -14.53 9.37
C ILE D 43 -44.55 -15.30 10.00
N PHE D 44 -44.71 -15.70 11.27
CA PHE D 44 -43.64 -16.39 12.04
C PHE D 44 -43.38 -17.75 11.40
N VAL D 45 -44.44 -18.49 11.11
CA VAL D 45 -44.37 -19.84 10.46
C VAL D 45 -43.73 -19.66 9.08
N TYR D 46 -44.06 -18.59 8.34
CA TYR D 46 -43.47 -18.33 7.00
C TYR D 46 -41.95 -18.24 7.14
N MET D 47 -41.47 -17.44 8.10
CA MET D 47 -40.03 -17.20 8.34
C MET D 47 -39.35 -18.52 8.69
N VAL D 48 -39.97 -19.34 9.54
CA VAL D 48 -39.38 -20.64 10.02
C VAL D 48 -39.28 -21.60 8.85
N HIS D 49 -40.25 -21.56 7.91
CA HIS D 49 -40.25 -22.40 6.69
C HIS D 49 -39.05 -22.05 5.79
N ARG D 50 -38.97 -20.79 5.35
CA ARG D 50 -37.88 -20.31 4.45
C ARG D 50 -36.54 -20.26 5.20
N SER D 51 -36.55 -20.25 6.54
CA SER D 51 -35.34 -20.04 7.38
C SER D 51 -34.54 -21.34 7.46
N CYS D 52 -35.19 -22.48 7.78
CA CYS D 52 -34.50 -23.79 7.95
C CYS D 52 -35.22 -24.96 7.25
N GLY D 53 -36.34 -24.73 6.54
CA GLY D 53 -37.00 -25.72 5.66
C GLY D 53 -38.44 -25.97 6.04
N THR D 54 -39.25 -26.51 5.11
CA THR D 54 -40.72 -26.67 5.26
C THR D 54 -41.06 -27.85 6.18
N SER D 55 -40.07 -28.46 6.85
CA SER D 55 -40.17 -29.78 7.52
C SER D 55 -39.52 -29.82 8.91
N CYS D 56 -38.72 -28.82 9.31
CA CYS D 56 -37.98 -28.84 10.60
C CYS D 56 -38.94 -29.01 11.80
N PHE D 57 -40.22 -28.63 11.69
CA PHE D 57 -41.25 -28.82 12.76
C PHE D 57 -42.52 -29.41 12.14
N GLU D 58 -43.23 -30.26 12.91
CA GLU D 58 -44.62 -30.72 12.60
C GLU D 58 -45.54 -29.51 12.79
N LEU D 59 -46.31 -29.13 11.74
CA LEU D 59 -47.14 -27.90 11.67
C LEU D 59 -48.15 -27.81 12.83
N GLU D 60 -48.74 -28.94 13.25
CA GLU D 60 -49.75 -29.02 14.36
C GLU D 60 -49.10 -28.65 15.69
N LYS D 61 -47.88 -29.15 15.97
CA LYS D 61 -47.12 -28.85 17.21
C LYS D 61 -46.68 -27.38 17.20
N LEU D 62 -46.21 -26.91 16.04
CA LEU D 62 -45.67 -25.54 15.91
C LEU D 62 -46.79 -24.54 16.20
N CME D 63 -47.94 -24.67 15.51
CA CME D 63 -49.08 -23.72 15.64
CB CME D 63 -50.22 -23.99 14.65
SG CME D 63 -50.07 -23.19 13.02
SD CME D 63 -50.22 -21.16 13.30
CE CME D 63 -51.86 -20.92 14.05
CZ CME D 63 -52.85 -20.19 13.17
OH CME D 63 -53.70 -19.34 13.93
C CME D 63 -49.55 -23.68 17.11
O CME D 63 -49.74 -22.57 17.63
N ARG D 64 -49.70 -24.82 17.79
CA ARG D 64 -50.23 -24.79 19.17
C ARG D 64 -49.11 -24.36 20.13
N PHE D 65 -47.84 -24.62 19.80
CA PHE D 65 -46.69 -24.01 20.52
C PHE D 65 -46.83 -22.47 20.48
N ILE D 66 -47.01 -21.92 19.27
CA ILE D 66 -47.10 -20.44 19.03
C ILE D 66 -48.27 -19.87 19.84
N MET D 67 -49.45 -20.51 19.81
CA MET D 67 -50.67 -19.92 20.41
C MET D 67 -50.55 -19.95 21.95
N SER D 68 -49.81 -20.93 22.50
CA SER D 68 -49.38 -20.99 23.92
C SER D 68 -48.34 -19.89 24.24
N VAL D 69 -47.34 -19.69 23.37
CA VAL D 69 -46.40 -18.53 23.49
C VAL D 69 -47.22 -17.24 23.56
N LYS D 70 -48.00 -16.92 22.53
CA LYS D 70 -48.89 -15.71 22.48
C LYS D 70 -49.63 -15.54 23.82
N LYS D 71 -50.28 -16.60 24.30
CA LYS D 71 -51.16 -16.59 25.49
C LYS D 71 -50.35 -16.16 26.72
N ASN D 72 -49.04 -16.46 26.78
CA ASN D 72 -48.16 -16.21 27.96
C ASN D 72 -47.39 -14.88 27.83
N TYR D 73 -47.58 -14.13 26.74
CA TYR D 73 -47.22 -12.69 26.61
C TYR D 73 -48.40 -11.86 27.17
N ARG D 74 -48.10 -10.84 27.95
CA ARG D 74 -49.11 -9.98 28.63
C ARG D 74 -49.40 -8.74 27.78
N ARG D 75 -50.54 -8.09 28.04
CA ARG D 75 -50.99 -6.86 27.32
C ARG D 75 -50.28 -5.66 27.96
N VAL D 76 -48.97 -5.57 27.75
CA VAL D 76 -48.11 -4.45 28.22
C VAL D 76 -47.80 -3.54 27.03
N PRO D 77 -47.49 -2.25 27.26
CA PRO D 77 -47.31 -1.32 26.15
C PRO D 77 -46.22 -1.70 25.13
N TYR D 78 -45.19 -2.47 25.53
CA TYR D 78 -44.00 -2.70 24.67
C TYR D 78 -43.54 -4.16 24.69
N HIS D 79 -43.29 -4.75 25.88
CA HIS D 79 -42.70 -6.11 26.07
C HIS D 79 -43.77 -7.19 25.86
N ASN D 80 -44.37 -7.22 24.67
CA ASN D 80 -45.64 -7.91 24.34
C ASN D 80 -45.41 -8.82 23.13
N TRP D 81 -46.48 -9.46 22.66
CA TRP D 81 -46.47 -10.46 21.56
C TRP D 81 -45.84 -9.84 20.31
N LYS D 82 -46.21 -8.60 20.02
CA LYS D 82 -45.72 -7.85 18.83
C LYS D 82 -44.19 -7.72 18.87
N HIS D 83 -43.60 -7.47 20.05
CA HIS D 83 -42.14 -7.38 20.26
C HIS D 83 -41.46 -8.75 20.00
N ALA D 84 -42.01 -9.83 20.56
CA ALA D 84 -41.54 -11.22 20.34
C ALA D 84 -41.33 -11.45 18.84
N VAL D 85 -42.36 -11.19 18.02
CA VAL D 85 -42.41 -11.49 16.56
C VAL D 85 -41.52 -10.51 15.79
N THR D 86 -41.51 -9.23 16.16
CA THR D 86 -40.58 -8.20 15.62
C THR D 86 -39.14 -8.69 15.81
N VAL D 87 -38.79 -9.14 17.02
CA VAL D 87 -37.42 -9.60 17.37
C VAL D 87 -37.10 -10.89 16.58
N ALA D 88 -38.09 -11.75 16.40
CA ALA D 88 -37.95 -12.98 15.57
C ALA D 88 -37.71 -12.60 14.11
N HIS D 89 -38.41 -11.61 13.58
CA HIS D 89 -38.27 -11.18 12.16
C HIS D 89 -36.84 -10.68 11.87
N CYS D 90 -36.27 -9.86 12.76
CA CYS D 90 -34.89 -9.32 12.65
C CYS D 90 -33.89 -10.48 12.63
N MET D 91 -34.08 -11.45 13.53
CA MET D 91 -33.26 -12.69 13.57
C MET D 91 -33.43 -13.42 12.23
N TYR D 92 -34.65 -13.46 11.70
CA TYR D 92 -34.94 -14.07 10.37
C TYR D 92 -34.05 -13.40 9.29
N ALA D 93 -34.11 -12.07 9.16
CA ALA D 93 -33.32 -11.29 8.17
C ALA D 93 -31.84 -11.64 8.34
N ILE D 94 -31.31 -11.65 9.57
CA ILE D 94 -29.88 -11.96 9.84
C ILE D 94 -29.58 -13.37 9.31
N LEU D 95 -30.41 -14.35 9.66
CA LEU D 95 -30.14 -15.78 9.33
C LEU D 95 -30.20 -15.98 7.81
N GLN D 96 -31.13 -15.31 7.12
CA GLN D 96 -31.29 -15.43 5.65
C GLN D 96 -30.09 -14.79 4.94
N ASN D 97 -29.56 -13.69 5.47
CA ASN D 97 -28.49 -12.88 4.82
C ASN D 97 -27.11 -13.43 5.19
N ASN D 98 -27.02 -14.36 6.14
CA ASN D 98 -25.77 -15.03 6.57
C ASN D 98 -25.96 -16.55 6.55
N HIS D 99 -26.72 -17.10 5.58
CA HIS D 99 -27.32 -18.46 5.66
C HIS D 99 -26.24 -19.56 5.67
N THR D 100 -25.07 -19.30 5.10
CA THR D 100 -23.95 -20.30 4.99
C THR D 100 -23.18 -20.39 6.31
N LEU D 101 -23.41 -19.49 7.27
CA LEU D 101 -22.63 -19.38 8.54
C LEU D 101 -23.23 -20.22 9.68
N PHE D 102 -24.52 -20.60 9.64
CA PHE D 102 -25.25 -21.18 10.82
C PHE D 102 -25.80 -22.58 10.51
N THR D 103 -25.68 -23.47 11.51
CA THR D 103 -26.17 -24.89 11.48
C THR D 103 -27.71 -24.90 11.46
N ASP D 104 -28.30 -26.07 11.17
CA ASP D 104 -29.78 -26.28 11.11
C ASP D 104 -30.39 -26.09 12.50
N LEU D 105 -29.68 -26.52 13.55
CA LEU D 105 -30.06 -26.42 14.99
C LEU D 105 -30.07 -24.96 15.45
N GLU D 106 -29.04 -24.21 15.07
CA GLU D 106 -28.93 -22.76 15.39
C GLU D 106 -30.09 -22.03 14.70
N ARG D 107 -30.36 -22.36 13.45
CA ARG D 107 -31.48 -21.75 12.69
C ARG D 107 -32.78 -22.02 13.44
N LYS D 108 -33.06 -23.30 13.76
CA LYS D 108 -34.30 -23.73 14.47
C LYS D 108 -34.39 -23.05 15.85
N GLY D 109 -33.31 -23.14 16.65
CA GLY D 109 -33.20 -22.63 18.02
C GLY D 109 -33.42 -21.13 18.12
N LEU D 110 -32.78 -20.33 17.26
CA LEU D 110 -32.64 -18.85 17.44
C LEU D 110 -33.96 -18.12 17.13
N LEU D 111 -34.74 -18.58 16.16
CA LEU D 111 -36.10 -18.04 15.91
C LEU D 111 -36.99 -18.35 17.13
N ILE D 112 -37.01 -19.60 17.61
CA ILE D 112 -37.81 -19.98 18.82
C ILE D 112 -37.31 -19.12 19.99
N ALA D 113 -36.00 -19.02 20.18
CA ALA D 113 -35.41 -18.20 21.25
C ALA D 113 -35.97 -16.79 21.13
N CYS D 114 -35.96 -16.21 19.93
CA CYS D 114 -36.37 -14.78 19.74
C CYS D 114 -37.87 -14.62 20.09
N LEU D 115 -38.72 -15.53 19.61
CA LEU D 115 -40.17 -15.55 19.92
C LEU D 115 -40.41 -15.63 21.43
N CYS D 116 -39.59 -16.42 22.13
CA CYS D 116 -39.79 -16.80 23.55
C CYS D 116 -39.03 -15.85 24.50
N HIS D 117 -38.17 -14.97 24.01
CA HIS D 117 -37.13 -14.28 24.82
C HIS D 117 -37.73 -13.37 25.90
N ASP D 118 -38.99 -12.93 25.79
CA ASP D 118 -39.56 -12.00 26.79
C ASP D 118 -40.83 -12.56 27.44
N LEU D 119 -41.01 -13.89 27.41
CA LEU D 119 -42.25 -14.61 27.87
C LEU D 119 -42.64 -14.14 29.28
N ASP D 120 -43.90 -13.74 29.43
CA ASP D 120 -44.48 -13.45 30.77
C ASP D 120 -43.83 -12.19 31.37
N HIS D 121 -43.49 -11.21 30.53
CA HIS D 121 -42.94 -9.91 30.95
C HIS D 121 -44.06 -9.05 31.58
N ARG D 122 -43.76 -8.36 32.68
CA ARG D 122 -44.72 -7.53 33.45
C ARG D 122 -44.58 -6.04 33.09
N GLY D 123 -43.53 -5.70 32.35
CA GLY D 123 -43.18 -4.33 31.92
C GLY D 123 -42.16 -3.70 32.86
N PHE D 124 -41.53 -4.51 33.71
CA PHE D 124 -40.66 -4.04 34.81
C PHE D 124 -39.29 -4.68 34.62
N SER D 125 -38.24 -3.86 34.75
CA SER D 125 -36.82 -4.24 34.63
C SER D 125 -36.41 -5.08 35.85
N ASN D 126 -35.33 -5.86 35.69
CA ASN D 126 -34.62 -6.65 36.74
C ASN D 126 -34.37 -5.79 38.00
N SER D 127 -34.02 -4.51 37.84
CA SER D 127 -33.69 -3.57 38.95
C SER D 127 -34.93 -3.36 39.81
N TYR D 128 -36.11 -3.19 39.18
CA TYR D 128 -37.39 -2.93 39.88
C TYR D 128 -37.78 -4.16 40.71
N LEU D 129 -37.68 -5.37 40.13
CA LEU D 129 -38.01 -6.63 40.85
C LEU D 129 -37.13 -6.68 42.11
N GLN D 130 -35.85 -6.34 41.96
CA GLN D 130 -34.85 -6.45 43.06
C GLN D 130 -35.23 -5.45 44.15
N LYS D 131 -35.60 -4.21 43.78
CA LYS D 131 -35.97 -3.13 44.75
C LYS D 131 -37.35 -3.38 45.36
N PHE D 132 -38.26 -4.02 44.61
CA PHE D 132 -39.59 -4.46 45.10
C PHE D 132 -39.43 -5.67 46.03
N ASP D 133 -38.43 -6.50 45.76
CA ASP D 133 -38.17 -7.74 46.52
C ASP D 133 -39.14 -8.80 45.98
N HIS D 134 -39.31 -8.85 44.66
CA HIS D 134 -40.18 -9.83 43.96
C HIS D 134 -39.64 -11.24 44.21
N PRO D 135 -40.52 -12.25 44.44
CA PRO D 135 -40.11 -13.66 44.53
C PRO D 135 -39.14 -14.17 43.45
N LEU D 136 -39.27 -13.68 42.21
CA LEU D 136 -38.35 -14.00 41.07
C LEU D 136 -36.90 -13.55 41.39
N ALA D 137 -36.71 -12.48 42.18
CA ALA D 137 -35.38 -11.91 42.55
C ALA D 137 -34.69 -12.78 43.61
N ALA D 138 -35.44 -13.45 44.49
CA ALA D 138 -34.90 -14.44 45.46
C ALA D 138 -34.45 -15.70 44.69
N LEU D 139 -35.20 -16.09 43.66
CA LEU D 139 -35.06 -17.37 42.93
C LEU D 139 -33.94 -17.26 41.86
N TYR D 140 -33.91 -16.13 41.16
CA TYR D 140 -32.89 -15.76 40.13
C TYR D 140 -32.22 -14.44 40.52
N SER D 141 -31.02 -14.49 41.09
CA SER D 141 -30.28 -13.33 41.67
C SER D 141 -29.77 -12.41 40.56
N THR D 142 -29.46 -13.00 39.40
CA THR D 142 -28.86 -12.35 38.20
C THR D 142 -29.70 -12.66 36.97
N SER D 143 -29.88 -11.69 36.06
CA SER D 143 -30.67 -11.85 34.82
C SER D 143 -32.06 -12.39 35.18
N THR D 144 -32.70 -11.74 36.15
CA THR D 144 -33.92 -12.25 36.86
C THR D 144 -34.97 -12.64 35.80
N MET D 145 -35.48 -11.68 35.02
CA MET D 145 -36.58 -11.90 34.05
C MET D 145 -36.12 -12.88 32.97
N GLU D 146 -34.82 -12.86 32.62
CA GLU D 146 -34.26 -13.67 31.48
C GLU D 146 -34.26 -15.16 31.82
N GLN D 147 -33.93 -15.54 33.05
CA GLN D 147 -34.01 -16.95 33.53
C GLN D 147 -35.49 -17.36 33.59
N HIS D 148 -36.37 -16.42 34.00
CA HIS D 148 -37.84 -16.62 34.05
C HIS D 148 -38.39 -16.87 32.64
N HIS D 149 -37.95 -16.10 31.63
CA HIS D 149 -38.38 -16.27 30.21
C HIS D 149 -37.99 -17.66 29.71
N PHE D 150 -36.75 -18.08 29.93
CA PHE D 150 -36.26 -19.44 29.55
C PHE D 150 -37.03 -20.51 30.36
N SER D 151 -37.35 -20.22 31.62
CA SER D 151 -38.14 -21.11 32.51
C SER D 151 -39.53 -21.35 31.89
N GLN D 152 -40.21 -20.27 31.49
CA GLN D 152 -41.55 -20.29 30.82
C GLN D 152 -41.47 -21.01 29.47
N THR D 153 -40.34 -20.90 28.79
CA THR D 153 -40.09 -21.53 27.48
C THR D 153 -40.11 -23.05 27.65
N VAL D 154 -39.45 -23.56 28.68
CA VAL D 154 -39.32 -25.03 28.92
C VAL D 154 -40.71 -25.57 29.33
N SER D 155 -41.42 -24.86 30.21
CA SER D 155 -42.80 -25.21 30.65
C SER D 155 -43.71 -25.49 29.45
N ILE D 156 -43.63 -24.64 28.42
CA ILE D 156 -44.52 -24.72 27.22
C ILE D 156 -44.11 -25.94 26.37
N LEU D 157 -42.82 -26.14 26.12
CA LEU D 157 -42.31 -27.31 25.33
C LEU D 157 -42.76 -28.64 25.96
N GLN D 158 -43.13 -28.63 27.25
CA GLN D 158 -43.48 -29.86 28.03
C GLN D 158 -45.00 -29.91 28.29
N LEU D 159 -45.76 -28.94 27.77
CA LEU D 159 -47.22 -29.08 27.58
C LEU D 159 -47.46 -30.20 26.54
N GLU D 160 -48.57 -30.94 26.69
CA GLU D 160 -48.97 -32.05 25.78
C GLU D 160 -49.13 -31.50 24.35
N GLY D 161 -48.49 -32.15 23.37
CA GLY D 161 -48.59 -31.84 21.93
C GLY D 161 -47.78 -30.62 21.49
N HIS D 162 -46.97 -30.02 22.37
CA HIS D 162 -46.27 -28.71 22.18
C HIS D 162 -44.77 -28.89 21.91
N ASN D 163 -44.21 -30.11 22.05
CA ASN D 163 -42.74 -30.31 21.92
C ASN D 163 -42.35 -30.34 20.43
N ILE D 164 -41.88 -29.20 19.94
CA ILE D 164 -41.54 -28.97 18.51
C ILE D 164 -40.17 -29.60 18.18
N PHE D 165 -39.44 -30.11 19.19
CA PHE D 165 -38.10 -30.72 19.02
C PHE D 165 -38.14 -32.24 19.23
N SER D 166 -39.32 -32.86 19.13
CA SER D 166 -39.53 -34.30 19.43
C SER D 166 -38.90 -35.16 18.33
N THR D 167 -38.83 -34.67 17.08
CA THR D 167 -38.14 -35.38 15.96
C THR D 167 -36.65 -35.50 16.29
N LEU D 168 -36.03 -34.46 16.86
CA LEU D 168 -34.57 -34.41 17.14
C LEU D 168 -34.17 -35.60 18.02
N SER D 169 -32.99 -36.17 17.77
CA SER D 169 -32.29 -37.09 18.72
C SER D 169 -32.13 -36.38 20.07
N SER D 170 -31.59 -37.07 21.06
CA SER D 170 -31.46 -36.61 22.48
C SER D 170 -30.28 -35.63 22.59
N SER D 171 -29.23 -35.80 21.79
CA SER D 171 -28.03 -34.93 21.76
C SER D 171 -28.37 -33.64 21.01
N GLU D 172 -28.99 -33.76 19.84
CA GLU D 172 -29.54 -32.62 19.07
C GLU D 172 -30.47 -31.83 20.00
N TYR D 173 -31.28 -32.52 20.81
CA TYR D 173 -32.27 -31.87 21.70
C TYR D 173 -31.57 -31.07 22.79
N GLU D 174 -30.59 -31.63 23.49
CA GLU D 174 -29.98 -30.93 24.65
C GLU D 174 -29.08 -29.81 24.10
N GLN D 175 -28.72 -29.87 22.81
CA GLN D 175 -27.95 -28.83 22.09
C GLN D 175 -28.87 -27.65 21.74
N VAL D 176 -30.06 -27.89 21.20
CA VAL D 176 -30.97 -26.80 20.77
C VAL D 176 -31.48 -26.05 22.02
N LEU D 177 -31.71 -26.76 23.14
CA LEU D 177 -32.22 -26.14 24.39
C LEU D 177 -31.14 -25.25 25.00
N GLU D 178 -29.87 -25.66 24.84
CA GLU D 178 -28.67 -24.94 25.35
C GLU D 178 -28.42 -23.66 24.51
N ILE D 179 -28.58 -23.70 23.19
CA ILE D 179 -28.57 -22.51 22.29
C ILE D 179 -29.63 -21.50 22.77
N ILE D 180 -30.84 -22.00 23.06
CA ILE D 180 -32.05 -21.18 23.40
C ILE D 180 -31.81 -20.51 24.74
N ARG D 181 -31.35 -21.27 25.73
CA ARG D 181 -31.02 -20.76 27.08
C ARG D 181 -30.03 -19.61 26.94
N LYS D 182 -28.94 -19.80 26.21
CA LYS D 182 -27.80 -18.86 26.15
C LYS D 182 -28.23 -17.57 25.48
N ALA D 183 -29.08 -17.70 24.45
CA ALA D 183 -29.60 -16.61 23.60
C ALA D 183 -30.55 -15.73 24.42
N ILE D 184 -31.50 -16.35 25.14
CA ILE D 184 -32.48 -15.63 25.98
C ILE D 184 -31.70 -14.88 27.06
N ILE D 185 -30.82 -15.60 27.77
CA ILE D 185 -29.97 -15.00 28.85
C ILE D 185 -29.18 -13.81 28.30
N ALA D 186 -28.73 -13.86 27.04
CA ALA D 186 -27.89 -12.81 26.40
C ALA D 186 -28.70 -11.51 26.15
N THR D 187 -30.05 -11.56 26.16
CA THR D 187 -30.95 -10.38 26.07
C THR D 187 -30.96 -9.57 27.38
N ASP D 188 -30.32 -10.04 28.44
CA ASP D 188 -29.99 -9.19 29.63
C ASP D 188 -28.98 -8.14 29.18
N LEU D 189 -29.38 -6.86 29.06
CA LEU D 189 -28.50 -5.79 28.54
C LEU D 189 -27.25 -5.63 29.43
N ALA D 190 -27.36 -5.85 30.74
CA ALA D 190 -26.22 -5.75 31.68
C ALA D 190 -25.02 -6.58 31.18
N LEU D 191 -25.28 -7.74 30.55
CA LEU D 191 -24.27 -8.71 30.02
C LEU D 191 -23.77 -8.27 28.62
N TYR D 192 -24.51 -7.41 27.91
CA TYR D 192 -24.20 -7.10 26.50
C TYR D 192 -22.85 -6.38 26.46
N PHE D 193 -22.68 -5.37 27.31
CA PHE D 193 -21.45 -4.51 27.40
C PHE D 193 -20.19 -5.38 27.42
N GLY D 194 -20.04 -6.25 28.45
CA GLY D 194 -18.98 -7.27 28.59
C GLY D 194 -18.81 -8.13 27.34
N ASN D 195 -19.90 -8.59 26.73
CA ASN D 195 -19.92 -9.46 25.51
C ASN D 195 -19.42 -8.69 24.28
N ARG D 196 -19.87 -7.46 24.06
CA ARG D 196 -19.50 -6.64 22.87
C ARG D 196 -18.00 -6.31 22.91
N LYS D 197 -17.47 -5.81 24.04
CA LYS D 197 -16.04 -5.41 24.22
C LYS D 197 -15.11 -6.59 23.95
N GLN D 198 -15.36 -7.74 24.58
CA GLN D 198 -14.67 -9.04 24.34
C GLN D 198 -14.67 -9.40 22.84
N LEU D 199 -15.79 -9.22 22.14
CA LEU D 199 -15.92 -9.58 20.70
C LEU D 199 -15.10 -8.62 19.83
N GLU D 200 -15.26 -7.30 20.05
CA GLU D 200 -14.54 -6.20 19.34
C GLU D 200 -13.03 -6.49 19.40
N GLU D 201 -12.53 -6.86 20.58
CA GLU D 201 -11.11 -7.24 20.84
C GLU D 201 -10.70 -8.49 20.05
N MET D 202 -11.53 -9.53 19.98
CA MET D 202 -11.24 -10.78 19.22
C MET D 202 -11.25 -10.50 17.70
N TYR D 203 -12.18 -9.68 17.18
CA TYR D 203 -12.35 -9.48 15.72
C TYR D 203 -11.25 -8.58 15.16
N GLN D 204 -10.97 -7.45 15.83
CA GLN D 204 -9.99 -6.40 15.45
C GLN D 204 -8.55 -6.93 15.53
N THR D 205 -8.24 -7.80 16.51
CA THR D 205 -6.89 -8.44 16.70
C THR D 205 -6.88 -9.86 16.10
N GLY D 206 -7.85 -10.17 15.23
CA GLY D 206 -7.81 -11.32 14.29
C GLY D 206 -7.98 -12.69 14.92
N SER D 207 -8.20 -12.82 16.23
CA SER D 207 -8.31 -14.13 16.93
C SER D 207 -9.74 -14.71 16.89
N LEU D 208 -10.75 -13.96 16.42
CA LEU D 208 -12.15 -14.46 16.26
C LEU D 208 -12.14 -15.73 15.38
N ASN D 209 -12.79 -16.79 15.88
CA ASN D 209 -12.84 -18.13 15.21
C ASN D 209 -14.23 -18.71 15.47
N LEU D 210 -15.05 -18.85 14.41
CA LEU D 210 -16.47 -19.33 14.48
C LEU D 210 -16.56 -20.85 14.65
N ASN D 211 -15.43 -21.58 14.62
CA ASN D 211 -15.40 -23.05 14.89
C ASN D 211 -15.10 -23.29 16.38
N ASN D 212 -14.89 -22.22 17.16
CA ASN D 212 -14.78 -22.23 18.65
C ASN D 212 -16.19 -21.95 19.21
N GLN D 213 -16.80 -22.93 19.89
CA GLN D 213 -18.20 -22.86 20.40
C GLN D 213 -18.37 -21.63 21.34
N SER D 214 -17.40 -21.38 22.22
CA SER D 214 -17.38 -20.24 23.19
C SER D 214 -17.49 -18.90 22.46
N HIS D 215 -16.78 -18.78 21.33
CA HIS D 215 -16.83 -17.64 20.38
C HIS D 215 -18.22 -17.54 19.72
N ARG D 216 -18.81 -18.67 19.33
CA ARG D 216 -20.15 -18.72 18.70
C ARG D 216 -21.21 -18.18 19.68
N ASP D 217 -21.24 -18.68 20.91
CA ASP D 217 -22.13 -18.16 21.99
C ASP D 217 -22.08 -16.62 21.99
N ARG D 218 -20.88 -16.03 21.96
CA ARG D 218 -20.70 -14.56 22.01
C ARG D 218 -21.34 -13.89 20.77
N VAL D 219 -21.01 -14.34 19.56
CA VAL D 219 -21.61 -13.79 18.29
C VAL D 219 -23.14 -13.93 18.33
N ILE D 220 -23.67 -15.09 18.72
CA ILE D 220 -25.14 -15.29 18.89
C ILE D 220 -25.63 -14.31 19.97
N GLY D 221 -24.95 -14.27 21.12
CA GLY D 221 -25.20 -13.26 22.17
C GLY D 221 -25.48 -11.88 21.56
N LEU D 222 -24.58 -11.41 20.69
CA LEU D 222 -24.66 -10.03 20.13
C LEU D 222 -25.82 -9.95 19.12
N MET D 223 -26.04 -11.01 18.35
CA MET D 223 -27.22 -11.12 17.44
C MET D 223 -28.52 -10.91 18.26
N MET D 224 -28.63 -11.55 19.43
CA MET D 224 -29.82 -11.46 20.30
C MET D 224 -30.06 -9.99 20.68
N THR D 225 -29.03 -9.31 21.18
CA THR D 225 -29.09 -7.85 21.50
C THR D 225 -29.52 -7.05 20.28
N ALA D 226 -28.86 -7.24 19.13
CA ALA D 226 -29.13 -6.53 17.87
C ALA D 226 -30.63 -6.66 17.50
N CYS D 227 -31.14 -7.90 17.48
CA CYS D 227 -32.58 -8.24 17.27
C CYS D 227 -33.46 -7.61 18.37
N ASP D 228 -33.04 -7.72 19.62
CA ASP D 228 -33.85 -7.29 20.78
C ASP D 228 -34.01 -5.75 20.75
N LEU D 229 -33.03 -5.02 20.20
CA LEU D 229 -33.03 -3.53 20.17
C LEU D 229 -33.49 -3.03 18.81
N CYS D 230 -34.03 -3.89 17.93
CA CYS D 230 -34.16 -3.58 16.49
C CYS D 230 -35.24 -2.50 16.22
N SER D 231 -35.95 -2.00 17.24
CA SER D 231 -36.86 -0.82 17.09
C SER D 231 -36.08 0.39 16.54
N VAL D 232 -34.80 0.54 16.92
CA VAL D 232 -33.90 1.67 16.48
C VAL D 232 -33.37 1.44 15.05
N THR D 233 -33.70 0.31 14.41
CA THR D 233 -33.20 -0.02 13.04
C THR D 233 -34.36 0.04 12.03
N LYS D 234 -35.50 0.61 12.42
CA LYS D 234 -36.65 0.81 11.52
C LYS D 234 -36.56 2.20 10.88
N LEU D 235 -37.47 2.46 9.95
CA LEU D 235 -37.65 3.81 9.35
C LEU D 235 -38.21 4.71 10.46
N TRP D 236 -37.96 6.01 10.37
CA TRP D 236 -38.12 6.99 11.46
C TRP D 236 -39.55 6.97 12.03
N PRO D 237 -40.62 6.88 11.21
CA PRO D 237 -41.99 6.85 11.76
C PRO D 237 -42.30 5.65 12.68
N VAL D 238 -41.83 4.44 12.32
CA VAL D 238 -41.99 3.19 13.14
C VAL D 238 -41.24 3.40 14.46
N THR D 239 -39.98 3.84 14.37
CA THR D 239 -38.99 4.02 15.48
C THR D 239 -39.50 5.02 16.52
N LYS D 240 -40.03 6.16 16.05
CA LYS D 240 -40.55 7.25 16.92
C LYS D 240 -41.81 6.77 17.64
N LEU D 241 -42.70 6.07 16.94
CA LEU D 241 -43.96 5.53 17.52
C LEU D 241 -43.66 4.38 18.49
N THR D 242 -42.61 3.59 18.27
CA THR D 242 -42.20 2.48 19.19
C THR D 242 -41.63 3.05 20.48
N ALA D 243 -40.98 4.22 20.39
CA ALA D 243 -40.41 4.94 21.54
C ALA D 243 -41.51 5.31 22.56
N ASN D 244 -42.71 5.68 22.11
CA ASN D 244 -43.86 6.04 23.00
C ASN D 244 -44.20 4.83 23.89
N ASP D 245 -44.29 3.65 23.28
CA ASP D 245 -44.54 2.35 23.95
C ASP D 245 -43.43 2.12 24.99
N ILE D 246 -42.18 2.16 24.54
CA ILE D 246 -40.96 1.95 25.37
C ILE D 246 -41.04 2.85 26.61
N TYR D 247 -41.30 4.14 26.42
CA TYR D 247 -41.28 5.15 27.51
C TYR D 247 -42.52 4.96 28.41
N ALA D 248 -43.67 4.59 27.83
CA ALA D 248 -44.91 4.27 28.58
C ALA D 248 -44.56 3.29 29.70
N GLU D 249 -43.77 2.26 29.38
CA GLU D 249 -43.28 1.25 30.36
C GLU D 249 -42.30 1.88 31.33
N PHE D 250 -41.29 2.60 30.82
CA PHE D 250 -40.20 3.19 31.65
C PHE D 250 -40.82 4.07 32.72
N TRP D 251 -41.79 4.88 32.30
CA TRP D 251 -42.50 5.83 33.19
C TRP D 251 -43.37 5.07 34.21
N ALA D 252 -44.09 4.01 33.81
CA ALA D 252 -44.92 3.19 34.73
C ALA D 252 -44.01 2.59 35.82
N GLU D 253 -42.82 2.15 35.44
CA GLU D 253 -41.77 1.66 36.37
C GLU D 253 -41.22 2.82 37.22
N GLY D 254 -40.94 3.98 36.61
CA GLY D 254 -40.57 5.19 37.37
C GLY D 254 -41.60 5.48 38.46
N ASP D 255 -42.89 5.48 38.12
CA ASP D 255 -44.01 5.72 39.08
C ASP D 255 -43.95 4.73 40.25
N GLU D 256 -43.64 3.47 39.96
CA GLU D 256 -43.58 2.37 40.95
C GLU D 256 -42.34 2.52 41.83
N MET D 257 -41.27 3.15 41.33
CA MET D 257 -40.07 3.46 42.14
C MET D 257 -40.45 4.57 43.15
N LYS D 258 -41.19 5.59 42.70
CA LYS D 258 -41.65 6.72 43.56
C LYS D 258 -42.62 6.20 44.63
N LYS D 259 -43.37 5.13 44.34
CA LYS D 259 -44.28 4.47 45.31
C LYS D 259 -43.49 3.65 46.34
N LEU D 260 -42.26 3.25 46.00
CA LEU D 260 -41.31 2.54 46.92
C LEU D 260 -40.51 3.55 47.74
N GLY D 261 -40.62 4.84 47.42
CA GLY D 261 -39.90 5.95 48.09
C GLY D 261 -38.56 6.22 47.43
N ILE D 262 -38.36 5.74 46.20
CA ILE D 262 -37.05 5.84 45.47
C ILE D 262 -37.18 6.80 44.27
N GLN D 263 -36.27 7.77 44.19
CA GLN D 263 -36.14 8.65 42.99
C GLN D 263 -35.59 7.78 41.85
N PRO D 264 -36.38 7.50 40.79
CA PRO D 264 -35.91 6.67 39.69
C PRO D 264 -34.99 7.45 38.75
N ILE D 265 -34.15 6.75 37.98
CA ILE D 265 -33.21 7.35 36.99
C ILE D 265 -34.03 8.12 35.94
N PRO D 266 -33.51 9.25 35.40
CA PRO D 266 -34.33 10.20 34.65
C PRO D 266 -35.07 9.64 33.42
N MET D 267 -34.50 8.63 32.78
CA MET D 267 -35.07 7.82 31.66
C MET D 267 -36.49 7.32 32.05
N MET D 268 -36.69 6.99 33.32
CA MET D 268 -37.93 6.38 33.86
C MET D 268 -38.82 7.46 34.52
N ASP D 269 -38.38 8.71 34.61
CA ASP D 269 -39.14 9.81 35.26
C ASP D 269 -39.97 10.53 34.17
N ARG D 270 -41.28 10.65 34.39
CA ARG D 270 -42.24 11.22 33.40
C ARG D 270 -42.29 12.75 33.53
N ASP D 271 -41.86 13.32 34.66
CA ASP D 271 -41.65 14.78 34.84
C ASP D 271 -40.47 15.26 33.97
N LYS D 272 -39.44 14.42 33.78
CA LYS D 272 -38.25 14.73 32.94
C LYS D 272 -38.50 14.33 31.47
N LYS D 273 -39.77 14.20 31.09
CA LYS D 273 -40.28 13.95 29.71
C LYS D 273 -39.62 14.87 28.67
N ASP D 274 -39.35 16.13 29.06
CA ASP D 274 -38.75 17.19 28.21
C ASP D 274 -37.45 16.67 27.57
N GLU D 275 -36.53 16.10 28.38
CA GLU D 275 -35.12 15.75 28.00
C GLU D 275 -35.04 14.41 27.26
N VAL D 276 -36.12 13.97 26.59
CA VAL D 276 -36.24 12.61 25.96
C VAL D 276 -35.34 12.54 24.72
N PRO D 277 -35.42 13.50 23.78
CA PRO D 277 -34.55 13.46 22.61
C PRO D 277 -33.06 13.32 22.97
N GLN D 278 -32.60 14.02 24.05
CA GLN D 278 -31.21 13.96 24.57
C GLN D 278 -30.93 12.56 25.15
N GLY D 279 -31.88 11.97 25.87
CA GLY D 279 -31.77 10.61 26.42
C GLY D 279 -31.55 9.55 25.35
N GLN D 280 -32.33 9.62 24.26
CA GLN D 280 -32.23 8.75 23.07
C GLN D 280 -30.85 8.93 22.42
N LEU D 281 -30.46 10.17 22.11
CA LEU D 281 -29.10 10.53 21.63
C LEU D 281 -28.08 9.69 22.41
N GLY D 282 -28.15 9.76 23.74
CA GLY D 282 -27.23 9.11 24.70
C GLY D 282 -27.22 7.59 24.52
N PHE D 283 -28.43 7.01 24.43
CA PHE D 283 -28.65 5.56 24.25
C PHE D 283 -28.05 5.08 22.90
N TYR D 284 -28.27 5.82 21.82
CA TYR D 284 -27.73 5.48 20.47
C TYR D 284 -26.19 5.43 20.52
N ASN D 285 -25.56 6.53 20.99
CA ASN D 285 -24.08 6.68 21.07
C ASN D 285 -23.48 5.60 22.00
N ALA D 286 -24.00 5.49 23.23
CA ALA D 286 -23.49 4.59 24.31
C ALA D 286 -23.84 3.12 24.06
N VAL D 287 -24.97 2.79 23.40
CA VAL D 287 -25.51 1.38 23.38
C VAL D 287 -25.79 0.90 21.96
N ALA D 288 -26.76 1.50 21.27
CA ALA D 288 -27.23 1.05 19.93
C ALA D 288 -26.08 1.05 18.91
N ILE D 289 -25.39 2.19 18.69
CA ILE D 289 -24.37 2.34 17.61
C ILE D 289 -23.24 1.33 17.85
N PRO D 290 -22.60 1.24 19.05
CA PRO D 290 -21.60 0.21 19.28
C PRO D 290 -22.09 -1.22 18.93
N CYS D 291 -23.32 -1.56 19.32
CA CYS D 291 -23.97 -2.88 19.06
C CYS D 291 -23.94 -3.22 17.56
N TYR D 292 -24.49 -2.37 16.71
CA TYR D 292 -24.64 -2.61 15.25
C TYR D 292 -23.27 -2.46 14.56
N THR D 293 -22.37 -1.63 15.13
CA THR D 293 -20.98 -1.42 14.60
C THR D 293 -20.24 -2.76 14.71
N THR D 294 -20.13 -3.31 15.92
CA THR D 294 -19.51 -4.66 16.12
C THR D 294 -20.19 -5.72 15.24
N LEU D 295 -21.53 -5.76 15.23
CA LEU D 295 -22.28 -6.83 14.51
C LEU D 295 -21.94 -6.83 13.01
N THR D 296 -21.83 -5.65 12.38
CA THR D 296 -21.48 -5.50 10.94
C THR D 296 -20.01 -5.87 10.70
N GLN D 297 -19.13 -5.60 11.66
CA GLN D 297 -17.72 -6.09 11.64
C GLN D 297 -17.74 -7.62 11.44
N ILE D 298 -18.54 -8.36 12.24
CA ILE D 298 -18.54 -9.84 12.27
C ILE D 298 -19.41 -10.41 11.13
N LEU D 299 -20.59 -9.85 10.88
CA LEU D 299 -21.54 -10.33 9.84
C LEU D 299 -21.87 -9.16 8.91
N PRO D 300 -20.99 -8.86 7.93
CA PRO D 300 -21.16 -7.71 7.05
C PRO D 300 -22.52 -7.49 6.37
N PRO D 301 -23.29 -8.54 5.98
CA PRO D 301 -24.60 -8.33 5.38
C PRO D 301 -25.65 -7.73 6.35
N THR D 302 -25.32 -7.62 7.65
CA THR D 302 -26.11 -6.93 8.71
C THR D 302 -25.88 -5.40 8.71
N GLU D 303 -25.11 -4.86 7.75
CA GLU D 303 -24.82 -3.41 7.61
C GLU D 303 -26.12 -2.59 7.60
N PRO D 304 -27.19 -2.98 6.85
CA PRO D 304 -28.41 -2.18 6.81
C PRO D 304 -29.09 -1.92 8.18
N LEU D 305 -28.78 -2.68 9.22
CA LEU D 305 -29.20 -2.34 10.61
C LEU D 305 -28.45 -1.07 11.04
N LEU D 306 -27.13 -1.04 10.81
CA LEU D 306 -26.25 0.09 11.23
C LEU D 306 -26.68 1.38 10.49
N LYS D 307 -26.81 1.32 9.17
CA LYS D 307 -27.29 2.46 8.33
C LYS D 307 -28.57 3.03 8.99
N ALA D 308 -29.61 2.20 9.12
CA ALA D 308 -30.93 2.54 9.69
C ALA D 308 -30.75 3.13 11.10
N CYS D 309 -29.92 2.50 11.94
CA CYS D 309 -29.56 3.05 13.28
C CYS D 309 -29.06 4.50 13.14
N ARG D 310 -28.06 4.75 12.28
CA ARG D 310 -27.44 6.08 12.04
C ARG D 310 -28.50 7.09 11.57
N ASP D 311 -29.37 6.71 10.63
CA ASP D 311 -30.43 7.63 10.11
C ASP D 311 -31.34 8.08 11.27
N ASN D 312 -31.67 7.16 12.19
CA ASN D 312 -32.59 7.42 13.35
C ASN D 312 -31.84 8.24 14.42
N LEU D 313 -30.51 8.09 14.53
CA LEU D 313 -29.66 8.93 15.44
C LEU D 313 -29.74 10.40 14.97
N SER D 314 -29.59 10.66 13.67
CA SER D 314 -29.63 12.01 13.05
C SER D 314 -31.09 12.50 12.89
N GLN D 315 -32.08 11.64 13.11
CA GLN D 315 -33.51 12.05 13.24
C GLN D 315 -33.79 12.58 14.66
N TRP D 316 -33.18 11.96 15.69
CA TRP D 316 -33.23 12.42 17.11
C TRP D 316 -32.46 13.73 17.28
N GLU D 317 -31.30 13.90 16.62
CA GLU D 317 -30.51 15.16 16.58
C GLU D 317 -31.35 16.32 16.04
N LYS D 318 -32.11 16.09 14.96
CA LYS D 318 -33.03 17.10 14.34
C LYS D 318 -34.07 17.57 15.35
N VAL D 319 -34.70 16.63 16.08
CA VAL D 319 -35.77 16.92 17.09
C VAL D 319 -35.19 17.84 18.17
N ILE D 320 -33.94 17.58 18.59
CA ILE D 320 -33.23 18.26 19.72
C ILE D 320 -33.17 19.77 19.45
N ARG D 321 -33.27 20.22 18.19
CA ARG D 321 -33.45 21.65 17.80
C ARG D 321 -34.82 21.85 17.13
N GLY D 322 -35.04 21.31 15.91
CA GLY D 322 -36.31 21.42 15.17
C GLY D 322 -36.32 20.58 13.91
ZN ZN E . 31.71 9.29 -12.49
CL CL F . 34.58 34.94 -11.21
MG MG G . 32.31 6.51 -15.10
C6 IKE H . 36.71 2.45 -5.30
C8 IKE H . 37.42 -2.63 -0.93
C13 IKE H . 34.94 5.60 -6.12
C15 IKE H . 38.52 0.39 -4.08
C17 IKE H . 38.99 -0.80 -3.56
C22 IKE H . 36.61 3.23 -8.26
C24 IKE H . 37.70 -4.86 0.16
C26 IKE H . 35.35 -4.52 1.54
C28 IKE H . 36.09 -5.67 1.71
C1 IKE H . 37.17 -0.81 -2.07
C2 IKE H . 36.05 3.67 -5.84
C3 IKE H . 35.36 4.65 -5.15
N4 IKE H . 36.70 0.33 -2.56
N5 IKE H . 36.67 -1.56 -1.09
N7 IKE H . 38.30 -1.41 -2.56
C9 IKE H . 37.32 0.97 -3.54
N10 IKE H . 36.02 4.03 -7.18
N11 IKE H . 35.33 5.22 -7.32
C12 IKE H . 38.43 -2.59 -1.83
N14 IKE H . 36.71 2.15 -3.97
C16 IKE H . 35.14 4.74 -3.67
O18 IKE H . 37.33 1.71 -6.09
C19 IKE H . 37.01 -3.68 0.03
O20 IKE H . 35.24 3.74 -2.92
N21 IKE H . 34.84 5.99 -3.21
C23 IKE H . 35.79 -3.54 0.68
C25 IKE H . 34.58 6.28 -1.79
C27 IKE H . 37.28 -5.84 1.03
ZN ZN I . 0.03 15.71 6.51
MG MG J . 2.28 18.86 6.36
C6 IKE K . 5.98 13.10 15.48
C8 IKE K . 11.19 10.53 18.92
C13 IKE K . 3.44 12.55 12.90
C15 IKE K . 7.67 13.17 17.87
C17 IKE K . 8.71 13.15 18.75
C22 IKE K . 5.21 15.56 13.97
C24 IKE K . 13.36 10.35 20.15
C26 IKE K . 13.91 7.93 18.83
C28 IKE K . 14.83 8.42 19.76
C1 IKE K . 9.40 11.06 17.81
C2 IKE K . 4.97 13.09 14.41
C3 IKE K . 4.25 12.00 13.91
N4 IKE K . 8.35 11.10 16.97
N5 IKE K . 10.37 10.13 17.93
N7 IKE K . 9.60 12.09 18.72
C9 IKE K . 7.50 12.08 16.96
N10 IKE K . 4.64 14.23 13.71
N11 IKE K . 3.67 13.85 12.75
C12 IKE K . 10.75 11.75 19.41
N14 IKE K . 6.48 11.97 16.02
C16 IKE K . 4.33 10.58 14.38
O18 IKE K . 6.43 14.20 15.82
C19 IKE K . 12.42 9.80 19.26
O20 IKE K . 5.32 10.16 14.96
N21 IKE K . 3.31 9.71 14.14
C23 IKE K . 12.74 8.64 18.57
C25 IKE K . 3.40 8.30 14.60
C27 IKE K . 14.54 9.63 20.42
ZN ZN L . 4.40 -16.06 -12.87
MG MG M . 0.84 -15.54 -11.77
C6 IKE N . 6.04 -20.80 -2.91
C8 IKE N . 7.41 -20.98 3.66
C13 IKE N . 7.13 -19.53 -6.19
C15 IKE N . 5.79 -22.18 -0.35
C17 IKE N . 5.55 -22.44 0.96
C22 IKE N . 3.79 -20.35 -5.00
C24 IKE N . 7.15 -21.22 6.14
C26 IKE N . 8.97 -19.15 6.60
C28 IKE N . 8.36 -19.79 7.67
C1 IKE N . 7.37 -20.93 1.49
C2 IKE N . 6.23 -20.34 -4.30
C3 IKE N . 7.43 -19.97 -4.89
N4 IKE N . 7.57 -20.68 0.18
N5 IKE N . 7.98 -20.44 2.55
N7 IKE N . 6.36 -21.82 1.90
C9 IKE N . 6.84 -21.29 -0.74
N10 IKE N . 5.23 -20.11 -5.19
N11 IKE N . 5.82 -19.60 -6.35
C12 IKE N . 6.38 -21.83 3.29
N14 IKE N . 7.10 -20.93 -2.06
C16 IKE N . 8.78 -20.04 -4.29
O18 IKE N . 4.87 -21.01 -2.53
C19 IKE N . 7.79 -20.63 5.06
O20 IKE N . 8.95 -20.03 -3.07
N21 IKE N . 9.83 -20.14 -5.11
C23 IKE N . 8.67 -19.56 5.31
C25 IKE N . 11.19 -20.20 -4.55
C27 IKE N . 7.47 -20.81 7.42
ZN ZN O . -37.02 -8.06 24.32
MG MG P . -36.10 -8.91 28.09
C6 IKE Q . -32.90 2.24 26.77
C8 IKE Q . -33.03 8.67 28.74
C13 IKE Q . -34.47 -0.38 24.61
C15 IKE Q . -31.43 4.57 27.76
C17 IKE Q . -31.06 5.66 28.49
C22 IKE Q . -32.61 -0.68 27.78
C24 IKE Q . -32.78 10.91 29.86
C26 IKE Q . -35.55 11.37 29.53
C28 IKE Q . -34.74 12.29 30.16
C1 IKE Q . -33.10 6.71 27.81
C2 IKE Q . -33.46 1.03 26.08
C3 IKE Q . -34.17 0.98 24.87
N4 IKE Q . -33.46 5.61 27.11
N5 IKE Q . -33.76 7.83 27.97
N7 IKE Q . -31.90 6.77 28.53
C9 IKE Q . -32.67 4.57 27.05
N10 IKE Q . -33.30 -0.26 26.53
N11 IKE Q . -33.95 -1.10 25.58
C12 IKE Q . -31.87 8.02 29.13
N14 IKE Q . -33.20 3.50 26.33
C16 IKE Q . -34.61 2.11 24.02
O18 IKE Q . -32.12 2.11 27.72
C19 IKE Q . -33.57 9.99 29.17
O20 IKE Q . -34.72 3.24 24.52
N21 IKE Q . -34.96 1.89 22.72
C23 IKE Q . -34.96 10.21 29.06
C25 IKE Q . -35.42 3.05 21.93
C27 IKE Q . -33.37 12.07 30.31
#